data_4Y0M
#
_entry.id   4Y0M
#
_cell.length_a   151.355
_cell.length_b   151.355
_cell.length_c   218.844
_cell.angle_alpha   90.00
_cell.angle_beta   90.00
_cell.angle_gamma   120.00
#
_symmetry.space_group_name_H-M   'P 31 1 2'
#
loop_
_entity.id
_entity.type
_entity.pdbx_description
1 polymer OxyR
2 water water
#
_entity_poly.entity_id   1
_entity_poly.type   'polypeptide(L)'
_entity_poly.pdbx_seq_one_letter_code
;GA(MSE)AQLAAPLKVGAIYTIGPYLFPHLIPQLHRVAPQ(MSE)PLYIEENFTHILRDKLRTGELDAIIIALPFQEADV
LTKPLFDEPFYVL(MSE)PADHPWTAKASIDSELLNDKSLLLLGEGHCFRDQVLEACPTVRKGDENKHTTVESSSLETIR
H(MSE)VASGLGVSVLPFSAVDSHHYAPGVIEVRPFSAPVPFRTVAIAWRASFPRPRAIEVLADSIRLCSVARPQTQEQP
QIA
;
_entity_poly.pdbx_strand_id   A,B,C,D,E,F,G,H,I,J,K,L
#
# COMPACT_ATOMS: atom_id res chain seq x y z
N ALA A 4 81.99 30.52 -33.48
CA ALA A 4 82.23 29.46 -32.51
C ALA A 4 81.87 29.94 -31.10
N GLN A 5 81.10 29.15 -30.37
CA GLN A 5 80.61 27.87 -30.88
C GLN A 5 79.10 27.92 -31.07
N LEU A 6 78.58 29.13 -31.16
CA LEU A 6 77.15 29.32 -31.32
C LEU A 6 76.86 30.04 -32.62
N ALA A 7 77.66 29.71 -33.63
CA ALA A 7 77.79 30.52 -34.81
C ALA A 7 77.59 29.73 -36.08
N ALA A 8 77.34 28.44 -35.92
CA ALA A 8 77.24 27.53 -37.03
C ALA A 8 75.96 26.71 -36.95
N PRO A 9 75.50 26.21 -38.10
CA PRO A 9 74.30 25.37 -38.11
C PRO A 9 74.46 24.16 -37.19
N LEU A 10 73.38 23.81 -36.50
CA LEU A 10 73.36 22.64 -35.65
C LEU A 10 72.44 21.58 -36.26
N LYS A 11 72.91 20.34 -36.36
CA LYS A 11 72.15 19.32 -37.04
C LYS A 11 71.32 18.48 -36.07
N VAL A 12 70.02 18.76 -36.04
CA VAL A 12 69.13 18.13 -35.08
C VAL A 12 68.18 17.13 -35.74
N GLY A 13 68.10 15.94 -35.16
CA GLY A 13 67.11 14.96 -35.56
C GLY A 13 66.03 14.82 -34.50
N ALA A 14 64.88 14.30 -34.87
CA ALA A 14 63.83 14.04 -33.92
C ALA A 14 62.92 12.94 -34.44
N ILE A 15 62.25 12.22 -33.54
CA ILE A 15 61.36 11.19 -34.04
C ILE A 15 60.11 11.81 -34.66
N TYR A 16 59.41 11.02 -35.45
CA TYR A 16 58.26 11.49 -36.23
C TYR A 16 57.16 12.03 -35.32
N THR A 17 57.03 11.45 -34.13
CA THR A 17 55.93 11.83 -33.26
C THR A 17 56.30 12.93 -32.26
N ILE A 18 57.45 13.57 -32.47
CA ILE A 18 57.89 14.66 -31.60
C ILE A 18 58.18 15.95 -32.35
N GLY A 19 59.02 15.85 -33.38
CA GLY A 19 59.42 17.00 -34.16
C GLY A 19 58.34 18.01 -34.54
N PRO A 20 57.23 17.54 -35.16
CA PRO A 20 56.18 18.47 -35.60
C PRO A 20 55.58 19.26 -34.46
N TYR A 21 55.68 18.73 -33.24
CA TYR A 21 54.98 19.33 -32.11
C TYR A 21 55.93 20.08 -31.20
N LEU A 22 57.22 19.96 -31.48
CA LEU A 22 58.26 20.57 -30.67
C LEU A 22 58.94 21.72 -31.36
N PHE A 23 59.26 21.54 -32.65
CA PHE A 23 60.02 22.55 -33.35
C PHE A 23 59.36 23.92 -33.40
N PRO A 24 58.02 23.97 -33.60
CA PRO A 24 57.42 25.30 -33.62
C PRO A 24 57.63 26.08 -32.33
N HIS A 25 57.62 25.40 -31.18
CA HIS A 25 57.87 26.04 -29.90
C HIS A 25 59.37 26.27 -29.73
N LEU A 26 60.17 25.30 -30.19
CA LEU A 26 61.60 25.31 -29.98
C LEU A 26 62.31 26.44 -30.71
N ILE A 27 61.99 26.64 -31.98
CA ILE A 27 62.74 27.57 -32.83
C ILE A 27 62.80 29.01 -32.32
N PRO A 28 61.67 29.55 -31.81
CA PRO A 28 61.79 30.94 -31.36
C PRO A 28 62.50 31.05 -30.03
N GLN A 29 62.29 30.05 -29.19
CA GLN A 29 62.93 30.00 -27.87
C GLN A 29 64.43 29.86 -28.04
N LEU A 30 64.84 29.02 -28.98
CA LEU A 30 66.23 28.91 -29.35
C LEU A 30 66.70 30.25 -29.90
N HIS A 31 65.93 30.85 -30.79
CA HIS A 31 66.31 32.15 -31.37
C HIS A 31 66.61 33.22 -30.31
N ARG A 32 65.82 33.24 -29.23
CA ARG A 32 65.95 34.24 -28.18
C ARG A 32 67.31 34.22 -27.49
N VAL A 33 67.84 33.01 -27.30
CA VAL A 33 69.16 32.78 -26.69
C VAL A 33 70.23 32.71 -27.76
N ALA A 34 69.81 32.31 -28.96
CA ALA A 34 70.74 31.81 -29.95
C ALA A 34 70.43 32.27 -31.34
N PRO A 35 70.68 33.56 -31.60
CA PRO A 35 70.24 34.17 -32.83
C PRO A 35 70.99 33.71 -34.07
N GLN A 36 72.21 33.22 -33.90
CA GLN A 36 73.03 32.96 -35.07
C GLN A 36 73.13 31.47 -35.41
N PRO A 38 71.23 28.35 -36.92
CA PRO A 38 70.10 27.70 -37.57
C PRO A 38 70.16 26.19 -37.39
N LEU A 39 69.02 25.55 -37.58
CA LEU A 39 68.93 24.12 -37.39
C LEU A 39 68.77 23.38 -38.70
N TYR A 40 69.67 22.45 -38.98
CA TYR A 40 69.44 21.51 -40.05
C TYR A 40 68.63 20.37 -39.46
N ILE A 41 67.38 20.22 -39.85
CA ILE A 41 66.50 19.29 -39.16
C ILE A 41 66.19 18.04 -39.96
N GLU A 42 66.20 16.90 -39.28
CA GLU A 42 65.71 15.67 -39.88
C GLU A 42 64.74 14.93 -38.96
N GLU A 43 63.68 14.38 -39.53
CA GLU A 43 62.75 13.59 -38.74
C GLU A 43 62.78 12.17 -39.22
N ASN A 44 62.88 11.21 -38.31
CA ASN A 44 62.99 9.80 -38.72
C ASN A 44 62.72 8.86 -37.57
N PHE A 45 62.75 7.56 -37.86
CA PHE A 45 62.67 6.54 -36.82
C PHE A 45 63.87 6.60 -35.87
N THR A 46 63.72 6.00 -34.70
CA THR A 46 64.75 6.03 -33.67
C THR A 46 66.08 5.44 -34.14
N HIS A 47 66.06 4.19 -34.62
CA HIS A 47 67.31 3.52 -35.01
C HIS A 47 68.08 4.28 -36.09
N ILE A 48 67.36 4.92 -37.01
CA ILE A 48 68.01 5.68 -38.07
C ILE A 48 68.68 6.94 -37.53
N LEU A 49 68.00 7.64 -36.64
CA LEU A 49 68.56 8.83 -36.00
C LEU A 49 69.76 8.45 -35.16
N ARG A 50 69.72 7.25 -34.59
CA ARG A 50 70.83 6.72 -33.81
C ARG A 50 72.04 6.49 -34.70
N ASP A 51 71.83 5.82 -35.83
CA ASP A 51 72.90 5.57 -36.79
C ASP A 51 73.52 6.87 -37.26
N LYS A 52 72.67 7.85 -37.56
CA LYS A 52 73.18 9.13 -38.06
C LYS A 52 73.91 9.89 -36.97
N LEU A 53 73.47 9.75 -35.74
CA LEU A 53 74.14 10.39 -34.61
C LEU A 53 75.52 9.77 -34.44
N ARG A 54 75.61 8.46 -34.64
CA ARG A 54 76.86 7.75 -34.57
C ARG A 54 77.82 8.19 -35.67
N THR A 55 77.33 8.24 -36.91
CA THR A 55 78.20 8.53 -38.04
C THR A 55 78.54 10.01 -38.14
N GLY A 56 77.84 10.83 -37.34
CA GLY A 56 78.09 12.27 -37.33
C GLY A 56 77.25 13.08 -38.29
N GLU A 57 76.31 12.42 -38.97
CA GLU A 57 75.42 13.13 -39.89
C GLU A 57 74.48 14.07 -39.12
N LEU A 58 74.08 13.62 -37.94
CA LEU A 58 73.33 14.45 -37.02
C LEU A 58 74.13 14.70 -35.75
N ASP A 59 74.02 15.91 -35.21
CA ASP A 59 74.76 16.29 -34.01
C ASP A 59 74.00 16.03 -32.71
N ALA A 60 72.67 16.14 -32.75
CA ALA A 60 71.85 15.85 -31.56
C ALA A 60 70.47 15.35 -31.96
N ILE A 61 70.01 14.29 -31.31
CA ILE A 61 68.69 13.76 -31.62
C ILE A 61 67.71 13.82 -30.46
N ILE A 62 66.43 13.92 -30.80
CA ILE A 62 65.34 13.95 -29.83
C ILE A 62 64.51 12.68 -29.94
N ILE A 63 64.63 11.84 -28.91
CA ILE A 63 63.94 10.55 -28.87
C ILE A 63 63.13 10.37 -27.59
N ALA A 64 62.49 9.21 -27.50
CA ALA A 64 61.83 8.77 -26.27
C ALA A 64 62.60 7.61 -25.62
N LEU A 65 62.69 7.61 -24.29
CA LEU A 65 63.28 6.52 -23.53
C LEU A 65 62.50 5.21 -23.72
N PRO A 66 63.19 4.07 -23.66
CA PRO A 66 64.61 3.91 -23.33
C PRO A 66 65.54 4.13 -24.52
N PHE A 67 66.76 4.55 -24.24
CA PHE A 67 67.76 4.82 -25.26
C PHE A 67 69.16 4.88 -24.65
N GLN A 68 70.02 3.94 -25.05
CA GLN A 68 71.41 3.87 -24.59
C GLN A 68 72.37 3.58 -25.75
N GLU A 69 73.34 4.47 -25.95
CA GLU A 69 74.26 4.34 -27.08
C GLU A 69 75.69 4.61 -26.70
N ALA A 70 76.59 3.76 -27.18
CA ALA A 70 78.01 3.91 -26.91
C ALA A 70 78.50 5.31 -27.27
N ASP A 71 79.26 5.89 -26.35
CA ASP A 71 79.88 7.21 -26.52
C ASP A 71 78.85 8.33 -26.71
N VAL A 72 77.59 8.01 -26.46
CA VAL A 72 76.55 9.02 -26.53
C VAL A 72 75.93 9.28 -25.16
N LEU A 73 75.93 10.54 -24.76
CA LEU A 73 75.27 10.97 -23.53
C LEU A 73 73.78 11.17 -23.76
N THR A 74 72.98 10.82 -22.76
CA THR A 74 71.52 10.94 -22.86
C THR A 74 70.87 11.57 -21.62
N LYS A 75 70.35 12.79 -21.78
CA LYS A 75 69.68 13.48 -20.68
C LYS A 75 68.16 13.51 -20.89
N PRO A 76 67.41 12.97 -19.92
CA PRO A 76 65.95 13.09 -19.98
C PRO A 76 65.54 14.56 -19.90
N LEU A 77 64.62 14.97 -20.77
CA LEU A 77 64.25 16.38 -20.83
C LEU A 77 62.94 16.60 -20.10
N PHE A 78 61.94 15.78 -20.40
CA PHE A 78 60.68 15.90 -19.66
C PHE A 78 59.80 14.69 -19.85
N ASP A 79 58.61 14.74 -19.27
CA ASP A 79 57.65 13.65 -19.41
C ASP A 79 56.41 14.17 -20.13
N GLU A 80 55.74 13.28 -20.85
CA GLU A 80 54.64 13.69 -21.70
C GLU A 80 53.54 12.66 -21.66
N PRO A 81 52.40 13.03 -21.04
CA PRO A 81 51.26 12.12 -20.91
C PRO A 81 50.52 11.97 -22.22
N PHE A 82 49.78 10.87 -22.36
CA PHE A 82 49.01 10.60 -23.56
C PHE A 82 47.55 11.02 -23.38
N TYR A 83 46.91 11.36 -24.48
CA TYR A 83 45.49 11.71 -24.51
C TYR A 83 44.75 10.90 -25.58
N VAL A 84 43.43 10.87 -25.47
CA VAL A 84 42.59 10.14 -26.42
C VAL A 84 41.89 11.13 -27.36
N LEU A 85 41.99 10.86 -28.66
CA LEU A 85 41.45 11.71 -29.71
C LEU A 85 40.22 11.08 -30.33
N PRO A 87 36.12 11.84 -32.59
CA PRO A 87 35.17 12.72 -33.26
C PRO A 87 34.28 13.45 -32.24
N ALA A 88 33.81 14.64 -32.58
CA ALA A 88 33.01 15.41 -31.62
C ALA A 88 31.67 14.73 -31.30
N ASP A 89 31.17 13.89 -32.20
CA ASP A 89 29.88 13.22 -31.96
C ASP A 89 30.01 11.81 -31.33
N HIS A 90 31.22 11.41 -30.98
CA HIS A 90 31.48 10.11 -30.39
C HIS A 90 30.93 10.00 -28.96
N PRO A 91 30.26 8.89 -28.63
CA PRO A 91 29.72 8.65 -27.27
C PRO A 91 30.67 8.99 -26.12
N TRP A 92 31.94 8.60 -26.22
CA TRP A 92 32.95 8.87 -25.19
C TRP A 92 33.07 10.34 -24.82
N THR A 93 32.49 11.22 -25.63
CA THR A 93 32.60 12.65 -25.38
C THR A 93 31.84 12.99 -24.10
N ALA A 94 30.91 12.13 -23.72
CA ALA A 94 30.15 12.29 -22.48
C ALA A 94 30.97 11.89 -21.23
N LYS A 95 32.11 11.23 -21.43
CA LYS A 95 32.98 10.85 -20.33
C LYS A 95 33.92 12.00 -19.98
N ALA A 96 34.43 12.02 -18.76
CA ALA A 96 35.42 13.02 -18.36
C ALA A 96 36.83 12.52 -18.67
N SER A 97 37.03 11.22 -18.56
CA SER A 97 38.30 10.60 -18.93
C SER A 97 38.04 9.22 -19.53
N ILE A 98 39.04 8.64 -20.17
CA ILE A 98 38.85 7.35 -20.81
C ILE A 98 39.72 6.33 -20.10
N ASP A 99 39.12 5.24 -19.66
CA ASP A 99 39.88 4.16 -19.09
C ASP A 99 40.57 3.41 -20.23
N SER A 100 41.83 3.06 -20.03
CA SER A 100 42.63 2.46 -21.10
C SER A 100 42.03 1.16 -21.65
N GLU A 101 41.36 0.39 -20.80
CA GLU A 101 40.81 -0.89 -21.21
C GLU A 101 39.74 -0.77 -22.28
N LEU A 102 39.21 0.43 -22.45
CA LEU A 102 38.16 0.66 -23.42
C LEU A 102 38.76 0.69 -24.81
N LEU A 103 40.08 0.83 -24.86
CA LEU A 103 40.75 1.16 -26.10
C LEU A 103 40.98 0.00 -27.04
N ASN A 104 40.82 -1.25 -26.61
CA ASN A 104 41.06 -2.27 -27.62
C ASN A 104 39.71 -2.57 -28.27
N ASP A 105 39.68 -2.23 -29.55
CA ASP A 105 38.48 -2.11 -30.36
C ASP A 105 38.99 -1.79 -31.75
N LYS A 106 38.32 -2.29 -32.78
CA LYS A 106 38.76 -2.04 -34.14
C LYS A 106 38.86 -0.56 -34.43
N SER A 107 38.11 0.25 -33.69
CA SER A 107 38.00 1.67 -33.94
C SER A 107 39.28 2.42 -33.54
N LEU A 108 40.19 1.74 -32.86
CA LEU A 108 41.44 2.38 -32.49
C LEU A 108 42.46 2.37 -33.62
N LEU A 109 43.00 3.55 -33.93
CA LEU A 109 43.89 3.73 -35.06
C LEU A 109 45.32 3.94 -34.58
N LEU A 110 46.22 3.09 -35.07
CA LEU A 110 47.61 3.09 -34.65
C LEU A 110 48.59 3.35 -35.79
N LEU A 111 49.73 3.92 -35.44
CA LEU A 111 50.86 3.99 -36.36
C LEU A 111 51.36 2.58 -36.70
N GLY A 112 52.13 2.48 -37.79
CA GLY A 112 52.69 1.21 -38.20
C GLY A 112 53.92 0.87 -37.38
N GLU A 113 54.53 -0.28 -37.67
CA GLU A 113 55.74 -0.72 -36.95
C GLU A 113 56.87 0.25 -37.22
N GLY A 114 57.80 0.33 -36.29
CA GLY A 114 58.93 1.24 -36.40
C GLY A 114 58.77 2.44 -35.48
N HIS A 115 57.54 2.90 -35.32
CA HIS A 115 57.24 4.00 -34.41
C HIS A 115 57.24 3.53 -32.96
N CYS A 116 58.08 4.12 -32.13
CA CYS A 116 58.13 3.73 -30.72
C CYS A 116 56.81 4.06 -30.01
N PHE A 117 56.19 5.16 -30.42
CA PHE A 117 54.91 5.59 -29.87
C PHE A 117 53.89 4.47 -30.01
N ARG A 118 53.92 3.76 -31.12
CA ARG A 118 53.02 2.62 -31.32
C ARG A 118 53.12 1.63 -30.17
N ASP A 119 54.35 1.24 -29.85
CA ASP A 119 54.58 0.24 -28.82
C ASP A 119 54.15 0.80 -27.47
N GLN A 120 54.45 2.08 -27.23
CA GLN A 120 54.01 2.71 -25.99
C GLN A 120 52.48 2.67 -25.84
N VAL A 121 51.76 3.04 -26.89
CA VAL A 121 50.30 2.98 -26.88
C VAL A 121 49.81 1.56 -26.64
N LEU A 122 50.38 0.60 -27.36
CA LEU A 122 50.01 -0.80 -27.19
C LEU A 122 50.22 -1.27 -25.75
N GLU A 123 51.31 -0.81 -25.15
CA GLU A 123 51.65 -1.19 -23.78
C GLU A 123 50.70 -0.52 -22.78
N ALA A 124 50.23 0.68 -23.12
CA ALA A 124 49.23 1.36 -22.30
C ALA A 124 47.87 0.67 -22.37
N CYS A 125 47.69 -0.24 -23.32
CA CYS A 125 46.41 -0.91 -23.47
C CYS A 125 46.42 -2.35 -22.91
N PRO A 126 45.23 -2.92 -22.69
CA PRO A 126 45.19 -4.31 -22.24
C PRO A 126 45.59 -5.27 -23.35
N ASN A 134 44.09 -7.37 -28.53
CA ASN A 134 44.67 -7.55 -29.86
C ASN A 134 43.78 -6.98 -30.97
N LYS A 135 42.67 -6.34 -30.58
CA LYS A 135 41.70 -5.80 -31.54
C LYS A 135 42.03 -4.35 -31.92
N HIS A 136 42.73 -4.14 -33.03
CA HIS A 136 43.13 -2.78 -33.40
C HIS A 136 43.09 -2.56 -34.91
N THR A 137 43.30 -1.32 -35.32
CA THR A 137 43.43 -1.02 -36.74
C THR A 137 44.74 -0.31 -36.98
N THR A 138 45.67 -1.00 -37.63
CA THR A 138 46.95 -0.39 -37.95
C THR A 138 46.94 0.15 -39.36
N VAL A 139 47.28 1.42 -39.51
CA VAL A 139 47.39 1.99 -40.84
C VAL A 139 48.83 2.46 -41.05
N GLU A 140 49.50 1.87 -42.03
CA GLU A 140 50.92 2.10 -42.21
C GLU A 140 51.16 3.37 -43.03
N SER A 141 52.43 3.75 -43.13
CA SER A 141 52.84 4.95 -43.84
C SER A 141 52.03 6.13 -43.37
N SER A 142 51.76 6.15 -42.07
CA SER A 142 50.91 7.15 -41.48
C SER A 142 51.70 8.04 -40.56
N SER A 143 51.25 9.29 -40.46
CA SER A 143 51.73 10.22 -39.44
C SER A 143 50.62 10.38 -38.40
N LEU A 144 50.86 11.16 -37.35
CA LEU A 144 49.80 11.40 -36.38
C LEU A 144 48.74 12.31 -37.00
N GLU A 145 49.18 13.27 -37.81
CA GLU A 145 48.26 14.20 -38.45
C GLU A 145 47.26 13.48 -39.36
N THR A 146 47.75 12.52 -40.13
CA THR A 146 46.86 11.73 -40.98
C THR A 146 45.81 10.98 -40.17
N ILE A 147 46.25 10.49 -39.01
CA ILE A 147 45.35 9.82 -38.11
C ILE A 147 44.30 10.79 -37.56
N ARG A 148 44.73 12.01 -37.19
CA ARG A 148 43.81 13.03 -36.70
C ARG A 148 42.75 13.34 -37.76
N HIS A 149 43.19 13.48 -39.02
CA HIS A 149 42.26 13.67 -40.12
C HIS A 149 41.28 12.51 -40.20
N VAL A 151 40.28 10.34 -37.88
CA VAL A 151 39.30 10.35 -36.78
C VAL A 151 38.35 11.55 -36.93
N ALA A 152 38.83 12.65 -37.50
CA ALA A 152 37.99 13.84 -37.72
C ALA A 152 36.89 13.54 -38.72
N SER A 153 37.19 12.66 -39.68
CA SER A 153 36.20 12.29 -40.69
C SER A 153 35.19 11.34 -40.09
N GLY A 154 35.46 10.87 -38.89
CA GLY A 154 34.57 9.97 -38.20
C GLY A 154 34.90 8.49 -38.33
N LEU A 155 36.15 8.18 -38.67
CA LEU A 155 36.53 6.80 -38.98
C LEU A 155 36.75 5.97 -37.73
N GLY A 156 37.39 6.56 -36.73
CA GLY A 156 37.62 5.86 -35.49
C GLY A 156 38.11 6.79 -34.41
N VAL A 157 39.05 6.28 -33.63
CA VAL A 157 39.51 6.93 -32.43
C VAL A 157 41.00 6.69 -32.33
N SER A 158 41.76 7.60 -31.73
CA SER A 158 43.19 7.35 -31.62
C SER A 158 43.81 7.89 -30.35
N VAL A 159 45.13 7.83 -30.28
CA VAL A 159 45.86 8.27 -29.09
C VAL A 159 46.99 9.19 -29.52
N LEU A 160 47.18 10.25 -28.76
CA LEU A 160 48.18 11.24 -29.10
C LEU A 160 49.02 11.59 -27.91
N PRO A 161 50.26 12.03 -28.14
CA PRO A 161 50.99 12.68 -27.06
C PRO A 161 50.43 14.07 -26.78
N PHE A 162 50.69 14.58 -25.59
CA PHE A 162 50.15 15.85 -25.14
C PHE A 162 50.43 16.99 -26.10
N SER A 163 51.70 17.14 -26.47
CA SER A 163 52.13 18.26 -27.30
C SER A 163 51.42 18.34 -28.65
N ALA A 164 50.73 17.27 -29.05
CA ALA A 164 50.11 17.21 -30.36
C ALA A 164 48.64 17.55 -30.34
N VAL A 165 48.03 17.46 -29.16
CA VAL A 165 46.58 17.55 -29.05
C VAL A 165 45.96 18.85 -29.57
N ASP A 166 46.69 19.97 -29.50
CA ASP A 166 46.13 21.24 -29.94
C ASP A 166 46.83 21.81 -31.17
N SER A 167 47.88 21.14 -31.63
CA SER A 167 48.58 21.56 -32.85
C SER A 167 47.87 21.07 -34.09
N HIS A 168 46.71 21.64 -34.37
CA HIS A 168 45.95 21.33 -35.56
C HIS A 168 45.24 22.59 -36.01
N HIS A 169 44.62 22.55 -37.19
CA HIS A 169 43.90 23.72 -37.70
C HIS A 169 42.41 23.43 -37.90
N TYR A 170 41.81 22.75 -36.94
CA TYR A 170 40.39 22.39 -37.03
C TYR A 170 39.54 23.33 -36.21
N ALA A 171 38.45 23.80 -36.79
CA ALA A 171 37.52 24.65 -36.06
C ALA A 171 36.94 23.83 -34.91
N PRO A 172 36.47 24.50 -33.85
CA PRO A 172 35.87 23.80 -32.71
C PRO A 172 34.65 22.96 -33.11
N GLY A 173 34.49 21.80 -32.51
CA GLY A 173 33.34 20.96 -32.79
C GLY A 173 33.62 19.84 -33.78
N VAL A 174 34.90 19.63 -34.08
CA VAL A 174 35.26 18.57 -35.02
C VAL A 174 35.92 17.39 -34.31
N ILE A 175 36.96 17.70 -33.55
CA ILE A 175 37.61 16.67 -32.75
C ILE A 175 37.63 17.08 -31.28
N GLU A 176 37.51 16.09 -30.40
CA GLU A 176 37.56 16.29 -28.96
C GLU A 176 38.66 15.42 -28.38
N VAL A 177 39.26 15.90 -27.31
CA VAL A 177 40.34 15.20 -26.66
C VAL A 177 39.96 14.95 -25.20
N ARG A 178 40.13 13.71 -24.74
CA ARG A 178 39.87 13.42 -23.33
C ARG A 178 41.10 12.76 -22.71
N PRO A 179 41.41 13.12 -21.47
CA PRO A 179 42.55 12.48 -20.82
C PRO A 179 42.31 11.01 -20.55
N PHE A 180 43.38 10.29 -20.28
CA PHE A 180 43.28 8.93 -19.80
C PHE A 180 42.80 8.95 -18.35
N SER A 181 42.01 7.96 -17.95
CA SER A 181 41.75 7.76 -16.53
C SER A 181 43.04 7.31 -15.85
N ALA A 182 43.18 7.65 -14.56
CA ALA A 182 44.35 7.23 -13.78
C ALA A 182 44.52 5.71 -13.76
N PRO A 183 45.78 5.22 -13.82
CA PRO A 183 46.99 6.04 -13.93
C PRO A 183 47.29 6.44 -15.39
N VAL A 184 47.61 7.70 -15.61
CA VAL A 184 47.83 8.22 -16.95
C VAL A 184 49.16 7.75 -17.54
N PRO A 185 49.11 7.03 -18.67
CA PRO A 185 50.33 6.57 -19.36
C PRO A 185 51.09 7.74 -19.96
N PHE A 186 52.41 7.64 -20.05
CA PHE A 186 53.21 8.75 -20.56
C PHE A 186 54.48 8.24 -21.20
N ARG A 187 55.29 9.16 -21.71
CA ARG A 187 56.58 8.80 -22.26
C ARG A 187 57.60 9.82 -21.79
N THR A 188 58.89 9.49 -21.88
CA THR A 188 59.92 10.42 -21.45
C THR A 188 60.72 10.89 -22.64
N VAL A 189 60.66 12.20 -22.88
CA VAL A 189 61.41 12.82 -23.96
C VAL A 189 62.81 13.17 -23.52
N ALA A 190 63.78 12.76 -24.34
CA ALA A 190 65.20 12.96 -24.05
C ALA A 190 66.01 13.35 -25.29
N ILE A 191 67.06 14.14 -25.05
CA ILE A 191 68.03 14.50 -26.07
C ILE A 191 69.27 13.62 -25.94
N ALA A 192 69.86 13.27 -27.08
CA ALA A 192 71.12 12.52 -27.11
C ALA A 192 72.12 13.24 -28.00
N TRP A 193 73.39 13.21 -27.57
CA TRP A 193 74.50 13.78 -28.32
C TRP A 193 75.77 13.02 -27.94
N ARG A 194 76.75 13.00 -28.84
CA ARG A 194 77.99 12.24 -28.61
C ARG A 194 78.95 13.02 -27.71
N ALA A 195 79.66 12.29 -26.84
CA ALA A 195 80.52 12.89 -25.83
C ALA A 195 81.67 13.70 -26.41
N SER A 196 82.15 13.31 -27.57
CA SER A 196 83.29 13.99 -28.16
C SER A 196 82.88 15.23 -28.97
N PHE A 197 81.63 15.66 -28.81
CA PHE A 197 81.11 16.74 -29.64
C PHE A 197 81.73 18.09 -29.26
N PRO A 198 82.46 18.67 -30.21
CA PRO A 198 83.27 19.89 -30.01
C PRO A 198 82.46 21.15 -29.65
N ARG A 199 81.13 21.09 -29.65
CA ARG A 199 80.33 22.26 -29.29
C ARG A 199 79.30 21.96 -28.18
N PRO A 200 79.77 21.75 -26.94
CA PRO A 200 78.87 21.39 -25.85
C PRO A 200 77.87 22.50 -25.49
N ARG A 201 78.27 23.76 -25.66
CA ARG A 201 77.39 24.89 -25.34
C ARG A 201 76.18 24.93 -26.28
N ALA A 202 76.37 24.56 -27.54
CA ALA A 202 75.25 24.44 -28.47
C ALA A 202 74.24 23.41 -27.96
N ILE A 203 74.75 22.31 -27.42
CA ILE A 203 73.90 21.28 -26.87
C ILE A 203 73.13 21.79 -25.66
N GLU A 204 73.82 22.52 -24.78
CA GLU A 204 73.18 23.02 -23.57
C GLU A 204 72.11 24.06 -23.90
N VAL A 205 72.41 24.91 -24.88
CA VAL A 205 71.45 25.88 -25.38
C VAL A 205 70.22 25.18 -25.92
N LEU A 206 70.44 24.16 -26.74
CA LEU A 206 69.37 23.37 -27.29
C LEU A 206 68.47 22.78 -26.19
N ALA A 207 69.08 22.08 -25.24
CA ALA A 207 68.35 21.48 -24.13
C ALA A 207 67.57 22.51 -23.29
N ASP A 208 68.26 23.57 -22.87
CA ASP A 208 67.63 24.63 -22.08
C ASP A 208 66.44 25.21 -22.83
N SER A 209 66.59 25.35 -24.14
CA SER A 209 65.52 25.88 -24.95
C SER A 209 64.37 24.89 -25.02
N ILE A 210 64.70 23.60 -25.01
CA ILE A 210 63.65 22.59 -25.09
C ILE A 210 62.82 22.59 -23.82
N ARG A 211 63.49 22.64 -22.66
CA ARG A 211 62.81 22.61 -21.37
C ARG A 211 61.91 23.83 -21.17
N LEU A 212 62.30 24.97 -21.72
CA LEU A 212 61.47 26.17 -21.65
C LEU A 212 60.37 26.15 -22.71
N CYS A 213 59.63 25.04 -22.80
CA CYS A 213 58.51 24.91 -23.75
C CYS A 213 57.28 24.30 -23.11
N GLN B 5 25.01 5.23 -51.80
CA GLN B 5 26.41 4.87 -51.97
C GLN B 5 27.26 5.90 -51.25
N LEU B 6 26.64 6.60 -50.32
CA LEU B 6 27.35 7.60 -49.53
C LEU B 6 27.29 7.36 -48.02
N ALA B 7 27.19 6.09 -47.62
CA ALA B 7 27.13 5.69 -46.21
C ALA B 7 28.30 4.79 -45.82
N ALA B 8 29.18 4.52 -46.78
CA ALA B 8 30.34 3.67 -46.54
C ALA B 8 31.62 4.51 -46.53
N PRO B 9 32.67 4.00 -45.85
CA PRO B 9 33.95 4.71 -45.82
C PRO B 9 34.64 4.71 -47.18
N LEU B 10 35.24 5.85 -47.51
CA LEU B 10 35.93 6.03 -48.79
C LEU B 10 37.43 6.06 -48.56
N LYS B 11 38.18 5.33 -49.39
CA LYS B 11 39.63 5.26 -49.24
C LYS B 11 40.34 6.26 -50.15
N VAL B 12 40.98 7.25 -49.54
CA VAL B 12 41.56 8.37 -50.29
C VAL B 12 43.06 8.50 -50.06
N GLY B 13 43.80 8.66 -51.16
CA GLY B 13 45.22 8.94 -51.08
C GLY B 13 45.49 10.37 -51.52
N ALA B 14 46.58 10.96 -51.04
CA ALA B 14 47.02 12.25 -51.56
C ALA B 14 48.54 12.36 -51.44
N ILE B 15 49.18 13.14 -52.33
CA ILE B 15 50.64 13.30 -52.27
C ILE B 15 51.06 14.12 -51.06
N TYR B 16 52.31 13.93 -50.63
CA TYR B 16 52.82 14.55 -49.41
C TYR B 16 52.62 16.05 -49.35
N THR B 17 52.73 16.71 -50.51
CA THR B 17 52.70 18.15 -50.55
C THR B 17 51.28 18.69 -50.67
N ILE B 18 50.29 17.81 -50.69
CA ILE B 18 48.91 18.28 -50.82
C ILE B 18 48.11 18.03 -49.54
N GLY B 19 48.07 16.77 -49.11
CA GLY B 19 47.28 16.32 -47.97
C GLY B 19 47.26 17.17 -46.72
N PRO B 20 48.45 17.49 -46.17
CA PRO B 20 48.50 18.24 -44.91
C PRO B 20 47.82 19.60 -44.98
N TYR B 21 47.63 20.12 -46.18
CA TYR B 21 47.08 21.46 -46.35
C TYR B 21 45.69 21.42 -46.93
N LEU B 22 45.26 20.22 -47.25
CA LEU B 22 43.94 20.04 -47.84
C LEU B 22 42.95 19.50 -46.84
N PHE B 23 43.31 18.40 -46.19
CA PHE B 23 42.41 17.73 -45.24
C PHE B 23 41.79 18.58 -44.12
N PRO B 24 42.55 19.51 -43.52
CA PRO B 24 41.90 20.37 -42.52
C PRO B 24 40.65 21.12 -43.02
N HIS B 25 40.57 21.41 -44.32
CA HIS B 25 39.37 22.03 -44.88
C HIS B 25 38.47 20.98 -45.51
N LEU B 26 39.08 19.91 -46.01
CA LEU B 26 38.32 18.92 -46.74
C LEU B 26 37.37 18.16 -45.82
N ILE B 27 37.87 17.72 -44.67
CA ILE B 27 37.08 16.93 -43.74
C ILE B 27 35.79 17.61 -43.24
N PRO B 28 35.84 18.87 -42.78
CA PRO B 28 34.58 19.52 -42.38
C PRO B 28 33.56 19.69 -43.51
N GLN B 29 34.01 20.22 -44.64
CA GLN B 29 33.14 20.37 -45.79
C GLN B 29 32.54 19.01 -46.15
N LEU B 30 33.34 17.97 -46.05
CA LEU B 30 32.89 16.65 -46.41
C LEU B 30 31.85 16.13 -45.43
N HIS B 31 32.02 16.33 -44.13
CA HIS B 31 31.00 15.84 -43.19
C HIS B 31 29.72 16.63 -43.43
N ARG B 32 29.88 17.90 -43.79
CA ARG B 32 28.78 18.84 -43.90
C ARG B 32 27.89 18.53 -45.11
N VAL B 33 28.47 17.98 -46.18
CA VAL B 33 27.64 17.56 -47.31
C VAL B 33 27.51 16.05 -47.45
N ALA B 34 27.93 15.33 -46.42
CA ALA B 34 28.19 13.90 -46.51
C ALA B 34 28.67 13.31 -45.21
N PRO B 35 27.76 13.24 -44.22
CA PRO B 35 28.16 13.00 -42.83
C PRO B 35 28.33 11.55 -42.48
N GLN B 36 28.03 10.65 -43.41
CA GLN B 36 28.18 9.24 -43.16
C GLN B 36 29.24 8.60 -44.04
N PRO B 38 33.19 8.47 -43.77
CA PRO B 38 34.51 8.75 -43.21
C PRO B 38 35.59 8.42 -44.22
N LEU B 39 36.72 9.06 -44.07
CA LEU B 39 37.83 8.84 -44.97
C LEU B 39 38.90 7.97 -44.33
N TYR B 40 39.29 6.92 -45.04
CA TYR B 40 40.53 6.22 -44.73
C TYR B 40 41.60 6.93 -45.53
N ILE B 41 42.61 7.47 -44.86
CA ILE B 41 43.51 8.37 -45.57
C ILE B 41 44.94 7.85 -45.68
N GLU B 42 45.54 8.01 -46.84
CA GLU B 42 46.95 7.70 -46.97
C GLU B 42 47.71 8.81 -47.72
N GLU B 43 48.89 9.14 -47.23
CA GLU B 43 49.77 10.08 -47.92
C GLU B 43 51.01 9.34 -48.43
N ASN B 44 51.30 9.47 -49.72
CA ASN B 44 52.50 8.85 -50.30
C ASN B 44 52.91 9.49 -51.62
N PHE B 45 53.95 8.96 -52.26
CA PHE B 45 54.40 9.48 -53.55
C PHE B 45 53.36 9.17 -54.62
N THR B 46 53.42 9.92 -55.72
CA THR B 46 52.47 9.74 -56.82
C THR B 46 52.40 8.29 -57.31
N HIS B 47 53.52 7.68 -57.68
CA HIS B 47 53.49 6.35 -58.27
C HIS B 47 52.93 5.27 -57.32
N ILE B 48 53.18 5.44 -56.03
CA ILE B 48 52.66 4.52 -55.03
C ILE B 48 51.16 4.66 -54.90
N LEU B 49 50.66 5.89 -54.96
CA LEU B 49 49.22 6.12 -54.96
C LEU B 49 48.59 5.56 -56.23
N ARG B 50 49.30 5.71 -57.34
CA ARG B 50 48.85 5.16 -58.60
C ARG B 50 48.68 3.65 -58.48
N ASP B 51 49.72 2.98 -57.99
CA ASP B 51 49.68 1.53 -57.86
C ASP B 51 48.57 1.10 -56.91
N LYS B 52 48.40 1.85 -55.82
CA LYS B 52 47.37 1.52 -54.84
C LYS B 52 45.97 1.73 -55.42
N LEU B 53 45.84 2.70 -56.31
CA LEU B 53 44.59 2.97 -56.98
C LEU B 53 44.26 1.84 -57.94
N ARG B 54 45.29 1.38 -58.66
CA ARG B 54 45.11 0.29 -59.61
C ARG B 54 44.77 -1.04 -58.93
N THR B 55 45.43 -1.33 -57.80
CA THR B 55 45.21 -2.56 -57.04
C THR B 55 43.85 -2.58 -56.39
N GLY B 56 43.35 -1.40 -56.06
CA GLY B 56 42.03 -1.24 -55.48
C GLY B 56 42.04 -1.01 -53.99
N GLU B 57 43.22 -0.80 -53.41
CA GLU B 57 43.28 -0.50 -51.98
C GLU B 57 43.11 0.98 -51.70
N LEU B 58 43.05 1.76 -52.77
CA LEU B 58 42.60 3.14 -52.70
C LEU B 58 41.48 3.34 -53.73
N ASP B 59 40.53 4.19 -53.39
CA ASP B 59 39.38 4.45 -54.24
C ASP B 59 39.57 5.70 -55.10
N ALA B 60 40.35 6.64 -54.59
CA ALA B 60 40.61 7.89 -55.29
C ALA B 60 41.90 8.49 -54.77
N ILE B 61 42.65 9.16 -55.63
CA ILE B 61 43.87 9.82 -55.20
C ILE B 61 43.89 11.26 -55.65
N ILE B 62 44.57 12.09 -54.88
CA ILE B 62 44.64 13.52 -55.13
C ILE B 62 46.08 13.86 -55.45
N ILE B 63 46.31 14.28 -56.69
CA ILE B 63 47.65 14.45 -57.23
C ILE B 63 47.84 15.78 -57.93
N ALA B 64 49.02 15.96 -58.50
CA ALA B 64 49.30 17.09 -59.36
C ALA B 64 49.65 16.61 -60.77
N LEU B 65 49.25 17.38 -61.78
CA LEU B 65 49.54 17.05 -63.17
C LEU B 65 51.03 17.21 -63.46
N PRO B 66 51.57 16.48 -64.45
CA PRO B 66 50.87 15.56 -65.35
C PRO B 66 50.54 14.21 -64.70
N PHE B 67 49.45 13.61 -65.15
CA PHE B 67 49.05 12.31 -64.64
C PHE B 67 48.04 11.68 -65.58
N GLN B 68 48.37 10.51 -66.10
CA GLN B 68 47.50 9.80 -67.02
C GLN B 68 47.81 8.31 -67.04
N GLU B 69 46.86 7.50 -66.61
CA GLU B 69 47.02 6.06 -66.69
C GLU B 69 45.80 5.37 -67.28
N ALA B 70 46.06 4.28 -67.99
CA ALA B 70 45.01 3.52 -68.66
C ALA B 70 43.97 3.04 -67.67
N ASP B 71 42.71 3.08 -68.10
CA ASP B 71 41.58 2.65 -67.28
C ASP B 71 41.49 3.47 -65.99
N VAL B 72 42.11 4.65 -66.00
CA VAL B 72 41.98 5.59 -64.90
C VAL B 72 41.54 6.97 -65.40
N LEU B 73 40.43 7.45 -64.85
CA LEU B 73 39.92 8.78 -65.15
C LEU B 73 40.59 9.84 -64.28
N THR B 74 40.99 10.95 -64.90
CA THR B 74 41.64 12.04 -64.20
C THR B 74 40.95 13.36 -64.44
N LYS B 75 40.55 14.03 -63.37
CA LYS B 75 39.81 15.26 -63.50
C LYS B 75 40.53 16.41 -62.82
N PRO B 76 41.09 17.30 -63.63
CA PRO B 76 41.74 18.52 -63.12
C PRO B 76 40.78 19.31 -62.26
N LEU B 77 41.26 19.76 -61.11
CA LEU B 77 40.41 20.41 -60.16
C LEU B 77 40.70 21.89 -60.08
N PHE B 78 41.96 22.27 -59.83
CA PHE B 78 42.26 23.69 -59.75
C PHE B 78 43.74 24.00 -59.89
N ASP B 79 44.04 25.27 -60.13
CA ASP B 79 45.43 25.73 -60.18
C ASP B 79 45.83 26.37 -58.85
N GLU B 80 46.95 25.91 -58.29
CA GLU B 80 47.50 26.44 -57.05
C GLU B 80 48.88 27.08 -57.30
N PRO B 81 49.02 28.39 -57.08
CA PRO B 81 50.28 29.09 -57.32
C PRO B 81 51.37 28.72 -56.32
N PHE B 82 52.64 28.99 -56.63
CA PHE B 82 53.71 28.79 -55.65
C PHE B 82 54.07 30.11 -55.00
N TYR B 83 54.69 30.03 -53.82
CA TYR B 83 55.13 31.19 -53.04
C TYR B 83 56.52 30.92 -52.48
N VAL B 84 57.25 31.99 -52.15
CA VAL B 84 58.58 31.87 -51.59
C VAL B 84 58.54 32.09 -50.07
N LEU B 85 59.10 31.15 -49.35
CA LEU B 85 59.17 31.15 -47.89
C LEU B 85 60.56 31.57 -47.43
N PRO B 87 63.01 33.47 -43.86
CA PRO B 87 63.07 33.99 -42.49
C PRO B 87 62.57 35.43 -42.42
N ALA B 88 62.03 35.84 -41.28
CA ALA B 88 61.47 37.17 -41.12
C ALA B 88 62.52 38.28 -41.09
N ASP B 89 63.80 37.91 -41.05
CA ASP B 89 64.87 38.90 -41.03
C ASP B 89 65.54 39.03 -42.40
N HIS B 90 65.28 38.04 -43.26
CA HIS B 90 65.88 37.95 -44.60
C HIS B 90 65.67 39.22 -45.40
N PRO B 91 66.72 39.69 -46.10
CA PRO B 91 66.66 40.92 -46.89
C PRO B 91 65.53 40.95 -47.93
N TRP B 92 65.18 39.78 -48.47
CA TRP B 92 64.05 39.68 -49.40
C TRP B 92 62.73 40.15 -48.80
N THR B 93 62.69 40.33 -47.49
CA THR B 93 61.52 40.90 -46.83
C THR B 93 61.20 42.28 -47.41
N ALA B 94 62.25 42.99 -47.81
CA ALA B 94 62.09 44.31 -48.42
C ALA B 94 61.33 44.26 -49.74
N LYS B 95 61.40 43.11 -50.41
CA LYS B 95 60.80 42.94 -51.72
C LYS B 95 59.29 42.73 -51.62
N ALA B 96 58.55 43.11 -52.67
CA ALA B 96 57.11 42.85 -52.73
C ALA B 96 56.89 41.49 -53.36
N SER B 97 57.63 41.22 -54.43
CA SER B 97 57.67 39.89 -55.03
C SER B 97 59.10 39.51 -55.36
N ILE B 98 59.32 38.23 -55.63
CA ILE B 98 60.67 37.71 -55.84
C ILE B 98 60.80 37.09 -57.23
N ASP B 99 61.79 37.55 -58.00
CA ASP B 99 62.09 36.98 -59.31
C ASP B 99 62.53 35.54 -59.17
N SER B 100 62.03 34.66 -60.03
CA SER B 100 62.35 33.24 -59.96
C SER B 100 63.84 32.95 -60.11
N GLU B 101 64.58 33.84 -60.76
CA GLU B 101 66.00 33.59 -61.01
C GLU B 101 66.82 33.69 -59.72
N LEU B 102 66.28 34.35 -58.69
CA LEU B 102 66.96 34.52 -57.41
C LEU B 102 67.06 33.21 -56.64
N LEU B 103 66.20 32.27 -57.01
CA LEU B 103 66.26 30.93 -56.46
C LEU B 103 67.38 30.13 -57.13
N ASN B 104 68.49 30.82 -57.37
CA ASN B 104 69.71 30.21 -57.86
C ASN B 104 70.73 30.39 -56.75
N ASP B 105 70.65 29.51 -55.76
CA ASP B 105 71.30 29.73 -54.48
C ASP B 105 71.33 28.42 -53.68
N LYS B 106 72.36 28.24 -52.85
CA LYS B 106 72.45 27.05 -52.01
C LYS B 106 71.49 27.19 -50.85
N SER B 107 71.11 28.44 -50.55
CA SER B 107 70.10 28.73 -49.54
C SER B 107 68.80 28.01 -49.85
N LEU B 108 68.55 27.77 -51.13
CA LEU B 108 67.33 27.13 -51.58
C LEU B 108 67.23 25.71 -51.07
N LEU B 109 66.11 25.39 -50.45
CA LEU B 109 65.91 24.08 -49.86
C LEU B 109 64.85 23.33 -50.61
N LEU B 110 65.14 22.08 -50.94
CA LEU B 110 64.26 21.28 -51.77
C LEU B 110 63.85 19.98 -51.10
N LEU B 111 62.82 19.35 -51.65
CA LEU B 111 62.43 18.02 -51.21
C LEU B 111 63.29 16.96 -51.86
N GLY B 112 63.12 15.71 -51.42
CA GLY B 112 63.79 14.58 -52.05
C GLY B 112 63.33 14.37 -53.49
N GLU B 113 63.91 13.38 -54.16
CA GLU B 113 63.69 13.18 -55.59
C GLU B 113 62.29 12.68 -55.89
N GLY B 114 61.77 11.82 -55.02
CA GLY B 114 60.47 11.22 -55.24
C GLY B 114 59.28 12.18 -55.32
N HIS B 115 59.47 13.43 -54.91
CA HIS B 115 58.37 14.40 -54.87
C HIS B 115 58.20 15.16 -56.19
N CYS B 116 56.97 15.22 -56.70
CA CYS B 116 56.72 15.94 -57.95
C CYS B 116 56.91 17.45 -57.76
N PHE B 117 56.76 17.90 -56.53
CA PHE B 117 56.87 19.33 -56.25
C PHE B 117 58.32 19.81 -56.39
N ARG B 118 59.26 18.90 -56.15
CA ARG B 118 60.67 19.22 -56.38
C ARG B 118 60.89 19.56 -57.83
N ASP B 119 60.49 18.65 -58.70
CA ASP B 119 60.56 18.88 -60.14
C ASP B 119 59.89 20.18 -60.52
N GLN B 120 58.68 20.43 -60.01
CA GLN B 120 57.96 21.65 -60.39
C GLN B 120 58.72 22.91 -60.01
N VAL B 121 59.29 22.91 -58.81
CA VAL B 121 60.13 24.01 -58.37
C VAL B 121 61.36 24.15 -59.28
N LEU B 122 61.98 23.03 -59.61
CA LEU B 122 63.15 23.03 -60.48
C LEU B 122 62.85 23.56 -61.88
N GLU B 123 61.62 23.35 -62.33
CA GLU B 123 61.15 23.87 -63.62
C GLU B 123 60.87 25.35 -63.53
N ALA B 124 60.51 25.83 -62.33
CA ALA B 124 60.27 27.25 -62.14
C ALA B 124 61.57 28.03 -61.85
N CYS B 125 62.71 27.36 -61.99
CA CYS B 125 64.00 27.93 -61.62
C CYS B 125 65.07 27.69 -62.70
N PRO B 126 66.16 28.49 -62.70
CA PRO B 126 67.29 28.29 -63.62
C PRO B 126 67.87 26.88 -63.55
N THR B 137 70.04 23.36 -52.33
CA THR B 137 70.44 22.09 -51.74
C THR B 137 69.23 21.23 -51.34
N THR B 138 69.42 19.91 -51.35
CA THR B 138 68.34 18.97 -51.09
C THR B 138 68.45 18.30 -49.73
N VAL B 139 67.44 18.49 -48.89
CA VAL B 139 67.38 17.76 -47.64
C VAL B 139 66.55 16.50 -47.84
N GLU B 140 67.21 15.35 -47.72
CA GLU B 140 66.61 14.10 -48.13
C GLU B 140 65.56 13.60 -47.14
N SER B 141 64.55 12.92 -47.69
CA SER B 141 63.46 12.35 -46.90
C SER B 141 62.75 13.40 -46.08
N SER B 142 62.91 14.65 -46.48
CA SER B 142 62.27 15.76 -45.80
C SER B 142 60.83 15.92 -46.29
N SER B 143 60.06 16.72 -45.56
CA SER B 143 58.72 17.14 -45.96
C SER B 143 58.69 18.68 -45.92
N LEU B 144 57.56 19.28 -46.24
CA LEU B 144 57.53 20.73 -46.32
C LEU B 144 57.58 21.37 -44.93
N GLU B 145 56.97 20.72 -43.94
CA GLU B 145 56.96 21.26 -42.58
C GLU B 145 58.35 21.33 -41.96
N THR B 146 59.17 20.32 -42.22
CA THR B 146 60.53 20.32 -41.77
C THR B 146 61.31 21.45 -42.45
N ILE B 147 61.00 21.65 -43.72
CA ILE B 147 61.63 22.74 -44.46
C ILE B 147 61.23 24.07 -43.85
N ARG B 148 59.97 24.18 -43.46
CA ARG B 148 59.48 25.38 -42.86
C ARG B 148 60.27 25.63 -41.58
N HIS B 149 60.40 24.60 -40.75
CA HIS B 149 61.15 24.72 -39.51
C HIS B 149 62.57 25.20 -39.75
N VAL B 151 63.79 26.81 -42.31
CA VAL B 151 63.72 28.21 -42.74
C VAL B 151 63.49 29.12 -41.53
N ALA B 152 62.58 28.72 -40.67
CA ALA B 152 62.24 29.47 -39.48
C ALA B 152 63.46 29.65 -38.59
N SER B 153 64.37 28.68 -38.58
CA SER B 153 65.59 28.79 -37.78
C SER B 153 66.62 29.71 -38.43
N GLY B 154 66.45 30.01 -39.71
CA GLY B 154 67.34 30.90 -40.43
C GLY B 154 68.31 30.19 -41.37
N LEU B 155 68.03 28.91 -41.63
CA LEU B 155 68.93 28.09 -42.41
C LEU B 155 68.95 28.45 -43.90
N GLY B 156 67.81 28.90 -44.42
CA GLY B 156 67.74 29.26 -45.82
C GLY B 156 66.38 29.73 -46.29
N VAL B 157 66.05 29.40 -47.52
CA VAL B 157 64.87 29.91 -48.19
C VAL B 157 64.23 28.75 -48.96
N SER B 158 62.91 28.75 -49.11
CA SER B 158 62.27 27.66 -49.86
C SER B 158 61.01 28.07 -50.64
N VAL B 159 60.32 27.08 -51.20
CA VAL B 159 59.13 27.32 -52.00
C VAL B 159 57.97 26.44 -51.55
N LEU B 160 56.80 27.06 -51.37
CA LEU B 160 55.60 26.36 -50.89
C LEU B 160 54.43 26.50 -51.84
N PRO B 161 53.56 25.49 -51.91
CA PRO B 161 52.26 25.74 -52.53
C PRO B 161 51.45 26.72 -51.67
N PHE B 162 50.46 27.38 -52.25
CA PHE B 162 49.76 28.44 -51.53
C PHE B 162 48.99 27.91 -50.31
N SER B 163 48.43 26.71 -50.44
CA SER B 163 47.65 26.10 -49.35
C SER B 163 48.48 25.83 -48.09
N ALA B 164 49.79 25.93 -48.20
CA ALA B 164 50.65 25.65 -47.07
C ALA B 164 51.18 26.90 -46.38
N VAL B 165 51.02 28.08 -46.98
CA VAL B 165 51.71 29.25 -46.45
C VAL B 165 51.15 29.74 -45.10
N ASP B 166 49.93 29.36 -44.77
CA ASP B 166 49.33 29.75 -43.49
C ASP B 166 49.18 28.56 -42.54
N SER B 167 49.49 27.36 -43.01
CA SER B 167 49.27 26.15 -42.23
C SER B 167 50.44 25.86 -41.29
N HIS B 168 50.64 26.73 -40.32
CA HIS B 168 51.72 26.56 -39.35
C HIS B 168 51.30 27.09 -37.98
N HIS B 169 52.17 26.92 -37.01
CA HIS B 169 51.84 27.32 -35.65
C HIS B 169 52.84 28.31 -35.09
N TYR B 170 53.60 28.93 -35.98
CA TYR B 170 54.51 29.97 -35.56
C TYR B 170 53.75 31.27 -35.38
N ALA B 171 54.06 31.98 -34.31
CA ALA B 171 53.58 33.34 -34.12
C ALA B 171 54.17 34.25 -35.20
N PRO B 172 53.43 35.30 -35.57
CA PRO B 172 53.95 36.22 -36.60
C PRO B 172 55.28 36.84 -36.18
N GLY B 173 56.17 37.04 -37.15
CA GLY B 173 57.48 37.59 -36.86
C GLY B 173 58.57 36.55 -36.94
N VAL B 174 58.21 35.34 -37.35
CA VAL B 174 59.19 34.28 -37.44
C VAL B 174 59.46 33.94 -38.90
N ILE B 175 58.40 33.71 -39.66
CA ILE B 175 58.57 33.50 -41.09
C ILE B 175 57.76 34.49 -41.89
N GLU B 176 58.16 34.66 -43.15
CA GLU B 176 57.49 35.55 -44.07
C GLU B 176 57.38 34.84 -45.41
N VAL B 177 56.37 35.23 -46.18
CA VAL B 177 56.13 34.67 -47.48
C VAL B 177 55.95 35.81 -48.48
N ARG B 178 56.47 35.63 -49.69
CA ARG B 178 56.27 36.58 -50.78
C ARG B 178 55.93 35.82 -52.06
N PRO B 179 55.08 36.41 -52.91
CA PRO B 179 54.74 35.79 -54.21
C PRO B 179 55.90 35.85 -55.19
N PHE B 180 55.91 34.92 -56.13
CA PHE B 180 56.77 35.01 -57.29
C PHE B 180 56.39 36.24 -58.11
N SER B 181 57.39 36.84 -58.78
CA SER B 181 57.10 37.85 -59.80
C SER B 181 56.37 37.20 -60.96
N ALA B 182 55.47 37.95 -61.61
CA ALA B 182 54.73 37.43 -62.77
C ALA B 182 55.68 37.14 -63.93
N PRO B 183 55.44 36.04 -64.67
CA PRO B 183 54.36 35.05 -64.50
C PRO B 183 54.62 34.07 -63.34
N VAL B 184 53.58 33.90 -62.51
CA VAL B 184 53.68 33.07 -61.34
C VAL B 184 53.58 31.58 -61.69
N PRO B 185 54.52 30.78 -61.18
CA PRO B 185 54.46 29.32 -61.32
C PRO B 185 53.34 28.71 -60.49
N PHE B 186 52.80 27.59 -60.96
CA PHE B 186 51.69 26.95 -60.28
C PHE B 186 51.67 25.47 -60.58
N ARG B 187 50.90 24.73 -59.80
CA ARG B 187 50.64 23.34 -60.13
C ARG B 187 49.15 23.17 -60.36
N THR B 188 48.80 22.06 -60.97
CA THR B 188 47.41 21.75 -61.16
C THR B 188 47.07 20.51 -60.36
N VAL B 189 46.21 20.73 -59.38
CA VAL B 189 45.69 19.67 -58.54
C VAL B 189 44.51 19.01 -59.23
N ALA B 190 44.54 17.68 -59.23
CA ALA B 190 43.51 16.86 -59.85
C ALA B 190 43.20 15.65 -59.00
N ILE B 191 42.13 14.95 -59.37
CA ILE B 191 41.73 13.76 -58.67
C ILE B 191 41.66 12.63 -59.69
N ALA B 192 42.04 11.44 -59.27
CA ALA B 192 42.06 10.28 -60.15
C ALA B 192 41.35 9.11 -59.50
N TRP B 193 40.67 8.32 -60.31
CA TRP B 193 39.93 7.17 -59.81
C TRP B 193 39.70 6.20 -60.96
N ARG B 194 39.46 4.93 -60.63
CA ARG B 194 39.21 3.92 -61.65
C ARG B 194 37.94 4.22 -62.45
N ALA B 195 38.00 3.95 -63.74
CA ALA B 195 36.90 4.24 -64.66
C ALA B 195 35.60 3.55 -64.26
N SER B 196 35.70 2.26 -63.93
CA SER B 196 34.52 1.49 -63.58
C SER B 196 34.28 1.45 -62.07
N PHE B 197 34.67 2.53 -61.38
CA PHE B 197 34.48 2.61 -59.94
C PHE B 197 33.00 2.67 -59.61
N PRO B 198 32.54 1.73 -58.77
CA PRO B 198 31.12 1.59 -58.41
C PRO B 198 30.53 2.74 -57.59
N ARG B 199 31.29 3.77 -57.27
CA ARG B 199 30.73 4.89 -56.50
C ARG B 199 31.08 6.27 -57.05
N PRO B 200 30.48 6.63 -58.20
CA PRO B 200 30.83 7.89 -58.87
C PRO B 200 30.34 9.13 -58.13
N ARG B 201 29.19 9.01 -57.47
CA ARG B 201 28.60 10.10 -56.71
C ARG B 201 29.55 10.57 -55.59
N ALA B 202 30.16 9.61 -54.91
CA ALA B 202 31.13 9.93 -53.87
C ALA B 202 32.31 10.66 -54.47
N ILE B 203 32.69 10.27 -55.68
CA ILE B 203 33.77 10.93 -56.38
C ILE B 203 33.40 12.38 -56.65
N GLU B 204 32.17 12.61 -57.10
CA GLU B 204 31.74 13.96 -57.42
C GLU B 204 31.69 14.87 -56.19
N VAL B 205 31.09 14.38 -55.10
CA VAL B 205 31.13 15.07 -53.82
C VAL B 205 32.57 15.43 -53.42
N LEU B 206 33.44 14.42 -53.44
CA LEU B 206 34.81 14.60 -53.03
C LEU B 206 35.47 15.69 -53.86
N ALA B 207 35.36 15.60 -55.18
CA ALA B 207 35.92 16.62 -56.09
C ALA B 207 35.43 18.03 -55.77
N ASP B 208 34.11 18.20 -55.66
CA ASP B 208 33.57 19.52 -55.35
C ASP B 208 34.07 20.05 -54.01
N SER B 209 34.15 19.17 -53.04
CA SER B 209 34.66 19.55 -51.73
C SER B 209 36.12 20.00 -51.86
N ILE B 210 36.89 19.29 -52.67
CA ILE B 210 38.29 19.64 -52.89
C ILE B 210 38.39 21.01 -53.54
N ARG B 211 37.49 21.27 -54.48
CA ARG B 211 37.46 22.55 -55.20
C ARG B 211 37.21 23.66 -54.19
N LEU B 212 36.25 23.42 -53.30
CA LEU B 212 35.96 24.37 -52.22
C LEU B 212 37.18 24.64 -51.37
N CYS B 213 37.98 23.62 -51.12
CA CYS B 213 39.16 23.81 -50.27
C CYS B 213 40.13 24.82 -50.88
N SER B 214 40.15 24.89 -52.20
CA SER B 214 41.04 25.78 -52.93
C SER B 214 40.67 27.24 -52.68
N VAL B 215 39.49 27.46 -52.13
CA VAL B 215 39.03 28.81 -51.83
C VAL B 215 39.52 29.28 -50.49
N ALA B 216 40.44 30.24 -50.49
CA ALA B 216 40.96 30.75 -49.23
C ALA B 216 39.92 31.64 -48.55
N ARG B 217 39.57 31.27 -47.33
CA ARG B 217 38.65 32.06 -46.53
C ARG B 217 39.29 33.37 -46.08
N PRO B 218 38.71 34.51 -46.51
CA PRO B 218 39.19 35.86 -46.14
C PRO B 218 39.24 36.08 -44.64
N GLN B 219 40.17 36.93 -44.19
CA GLN B 219 40.32 37.27 -42.78
C GLN B 219 39.05 37.83 -42.13
N ALA C 4 14.39 20.41 -49.03
CA ALA C 4 13.22 20.72 -48.20
C ALA C 4 12.74 22.15 -48.42
N GLN C 5 13.49 23.11 -47.89
CA GLN C 5 13.18 24.54 -48.07
C GLN C 5 13.89 25.07 -49.31
N LEU C 6 14.09 24.17 -50.27
CA LEU C 6 14.81 24.49 -51.48
C LEU C 6 13.91 24.28 -52.72
N ALA C 7 12.61 24.48 -52.54
CA ALA C 7 11.61 24.31 -53.59
C ALA C 7 10.82 25.60 -53.82
N ALA C 8 11.48 26.73 -53.59
CA ALA C 8 10.88 28.04 -53.83
C ALA C 8 11.91 28.99 -54.43
N PRO C 9 11.44 29.93 -55.26
CA PRO C 9 12.33 30.94 -55.83
C PRO C 9 13.06 31.73 -54.75
N LEU C 10 14.33 31.97 -54.99
CA LEU C 10 15.12 32.75 -54.06
C LEU C 10 15.36 34.12 -54.67
N LYS C 11 15.07 35.17 -53.92
CA LYS C 11 15.27 36.50 -54.43
C LYS C 11 16.68 36.98 -54.06
N VAL C 12 17.52 37.11 -55.08
CA VAL C 12 18.93 37.46 -54.90
C VAL C 12 19.34 38.79 -55.55
N GLY C 13 20.10 39.58 -54.82
CA GLY C 13 20.65 40.81 -55.33
C GLY C 13 22.16 40.76 -55.48
N ALA C 14 22.71 41.49 -56.43
CA ALA C 14 24.16 41.53 -56.58
C ALA C 14 24.57 42.89 -57.10
N ILE C 15 25.73 43.37 -56.69
CA ILE C 15 26.20 44.68 -57.17
C ILE C 15 26.56 44.56 -58.64
N TYR C 16 26.46 45.68 -59.37
CA TYR C 16 26.68 45.70 -60.80
C TYR C 16 28.00 45.09 -61.23
N THR C 17 29.02 45.16 -60.37
CA THR C 17 30.34 44.70 -60.79
C THR C 17 30.59 43.23 -60.44
N ILE C 18 29.60 42.55 -59.87
CA ILE C 18 29.74 41.13 -59.57
C ILE C 18 28.81 40.27 -60.43
N GLY C 19 27.52 40.61 -60.42
CA GLY C 19 26.50 39.87 -61.15
C GLY C 19 26.86 39.25 -62.50
N PRO C 20 27.18 40.08 -63.49
CA PRO C 20 27.47 39.65 -64.86
C PRO C 20 28.52 38.58 -64.95
N TYR C 21 29.46 38.59 -64.03
CA TYR C 21 30.60 37.69 -64.10
C TYR C 21 30.45 36.53 -63.12
N LEU C 22 29.41 36.62 -62.29
CA LEU C 22 29.13 35.58 -61.30
C LEU C 22 28.04 34.60 -61.74
N PHE C 23 26.91 35.12 -62.20
CA PHE C 23 25.75 34.29 -62.55
C PHE C 23 25.96 33.23 -63.63
N PRO C 24 26.75 33.52 -64.68
CA PRO C 24 27.04 32.47 -65.65
C PRO C 24 27.62 31.19 -65.04
N HIS C 25 28.46 31.32 -64.01
CA HIS C 25 29.05 30.16 -63.33
C HIS C 25 28.16 29.67 -62.20
N LEU C 26 27.40 30.60 -61.62
CA LEU C 26 26.57 30.28 -60.46
C LEU C 26 25.35 29.45 -60.83
N ILE C 27 24.65 29.83 -61.91
CA ILE C 27 23.37 29.22 -62.23
C ILE C 27 23.41 27.72 -62.47
N PRO C 28 24.29 27.24 -63.38
CA PRO C 28 24.33 25.79 -63.55
C PRO C 28 24.75 25.05 -62.29
N GLN C 29 25.61 25.68 -61.48
CA GLN C 29 26.08 25.06 -60.25
C GLN C 29 24.94 24.87 -59.28
N LEU C 30 24.15 25.93 -59.15
CA LEU C 30 22.96 25.91 -58.33
C LEU C 30 21.96 24.88 -58.84
N HIS C 31 21.86 24.73 -60.15
CA HIS C 31 20.95 23.72 -60.68
C HIS C 31 21.47 22.32 -60.42
N ARG C 32 22.79 22.20 -60.37
CA ARG C 32 23.46 20.94 -60.11
C ARG C 32 23.20 20.49 -58.68
N VAL C 33 23.31 21.41 -57.73
CA VAL C 33 23.14 21.05 -56.32
C VAL C 33 21.73 21.27 -55.80
N ALA C 34 20.85 21.77 -56.66
CA ALA C 34 19.53 22.28 -56.24
C ALA C 34 18.63 22.76 -57.39
N PRO C 35 18.03 21.81 -58.12
CA PRO C 35 17.29 22.10 -59.36
C PRO C 35 16.00 22.85 -59.20
N GLN C 36 15.40 22.77 -58.02
CA GLN C 36 14.11 23.38 -57.81
C GLN C 36 14.20 24.71 -57.12
N PRO C 38 14.92 28.28 -58.41
CA PRO C 38 15.26 29.29 -59.41
C PRO C 38 15.50 30.64 -58.76
N LEU C 39 16.16 31.53 -59.50
CA LEU C 39 16.54 32.81 -58.94
C LEU C 39 15.75 33.96 -59.51
N TYR C 40 15.09 34.68 -58.62
CA TYR C 40 14.70 36.04 -58.90
C TYR C 40 15.96 36.88 -58.79
N ILE C 41 16.28 37.69 -59.79
CA ILE C 41 17.56 38.39 -59.73
C ILE C 41 17.45 39.89 -59.88
N GLU C 42 18.27 40.61 -59.12
CA GLU C 42 18.36 42.05 -59.27
C GLU C 42 19.81 42.54 -59.09
N GLU C 43 20.21 43.44 -59.97
CA GLU C 43 21.52 44.07 -59.88
C GLU C 43 21.35 45.55 -59.52
N ASN C 44 22.03 46.00 -58.47
CA ASN C 44 21.93 47.40 -58.10
C ASN C 44 23.09 47.87 -57.22
N PHE C 45 23.05 49.13 -56.81
CA PHE C 45 24.06 49.66 -55.91
C PHE C 45 23.88 49.06 -54.52
N THR C 46 24.97 49.04 -53.76
CA THR C 46 25.02 48.44 -52.44
C THR C 46 23.93 48.94 -51.52
N HIS C 47 23.73 50.25 -51.44
CA HIS C 47 22.76 50.78 -50.48
C HIS C 47 21.33 50.34 -50.81
N ILE C 48 20.97 50.36 -52.09
CA ILE C 48 19.65 49.91 -52.55
C ILE C 48 19.44 48.43 -52.25
N LEU C 49 20.47 47.63 -52.53
CA LEU C 49 20.43 46.21 -52.20
C LEU C 49 20.19 46.02 -50.70
N ARG C 50 20.88 46.82 -49.90
CA ARG C 50 20.70 46.78 -48.44
C ARG C 50 19.25 47.07 -48.05
N ASP C 51 18.70 48.16 -48.56
CA ASP C 51 17.30 48.52 -48.29
C ASP C 51 16.34 47.41 -48.65
N LYS C 52 16.51 46.87 -49.84
CA LYS C 52 15.63 45.80 -50.31
C LYS C 52 15.76 44.55 -49.43
N LEU C 53 16.96 44.33 -48.90
CA LEU C 53 17.20 43.22 -47.98
C LEU C 53 16.49 43.45 -46.66
N ARG C 54 16.52 44.69 -46.18
CA ARG C 54 15.85 45.04 -44.92
C ARG C 54 14.33 44.89 -45.04
N THR C 55 13.77 45.37 -46.14
CA THR C 55 12.31 45.33 -46.28
C THR C 55 11.81 43.93 -46.58
N GLY C 56 12.73 43.02 -46.92
CA GLY C 56 12.35 41.67 -47.32
C GLY C 56 12.16 41.50 -48.83
N GLU C 57 12.38 42.57 -49.59
CA GLU C 57 12.17 42.52 -51.04
C GLU C 57 13.18 41.59 -51.72
N LEU C 58 14.34 41.42 -51.08
CA LEU C 58 15.32 40.42 -51.49
C LEU C 58 15.61 39.50 -50.30
N ASP C 59 16.00 38.26 -50.59
CA ASP C 59 16.33 37.29 -49.54
C ASP C 59 17.83 37.26 -49.20
N ALA C 60 18.67 37.51 -50.18
CA ALA C 60 20.12 37.48 -50.00
C ALA C 60 20.81 38.40 -51.00
N ILE C 61 21.86 39.09 -50.58
CA ILE C 61 22.60 39.94 -51.51
C ILE C 61 24.09 39.58 -51.55
N ILE C 62 24.68 39.71 -52.72
CA ILE C 62 26.09 39.47 -52.96
C ILE C 62 26.81 40.80 -53.14
N ILE C 63 27.73 41.11 -52.23
CA ILE C 63 28.33 42.43 -52.20
C ILE C 63 29.83 42.34 -51.97
N ALA C 64 30.48 43.49 -51.93
CA ALA C 64 31.89 43.53 -51.59
C ALA C 64 32.07 44.21 -50.24
N LEU C 65 33.05 43.74 -49.46
CA LEU C 65 33.37 44.36 -48.18
C LEU C 65 34.00 45.72 -48.47
N PRO C 66 33.86 46.69 -47.54
CA PRO C 66 33.24 46.53 -46.23
C PRO C 66 31.73 46.64 -46.28
N PHE C 67 31.06 45.76 -45.56
CA PHE C 67 29.62 45.79 -45.46
C PHE C 67 29.20 45.28 -44.09
N GLN C 68 28.77 46.19 -43.23
CA GLN C 68 28.30 45.84 -41.91
C GLN C 68 26.98 46.56 -41.70
N GLU C 69 25.94 45.78 -41.42
CA GLU C 69 24.61 46.34 -41.23
C GLU C 69 23.87 45.66 -40.08
N ALA C 70 23.24 46.45 -39.22
CA ALA C 70 22.47 45.92 -38.09
C ALA C 70 21.39 44.94 -38.54
N ASP C 71 21.31 43.82 -37.82
CA ASP C 71 20.32 42.78 -38.02
C ASP C 71 20.53 42.07 -39.34
N VAL C 72 21.69 42.29 -39.93
CA VAL C 72 22.08 41.59 -41.12
C VAL C 72 23.33 40.77 -40.83
N LEU C 73 23.27 39.49 -41.16
CA LEU C 73 24.46 38.64 -41.09
C LEU C 73 25.32 38.81 -42.35
N THR C 74 26.63 38.89 -42.19
CA THR C 74 27.53 39.02 -43.34
C THR C 74 28.60 37.95 -43.32
N LYS C 75 28.78 37.28 -44.45
CA LYS C 75 29.72 36.18 -44.54
C LYS C 75 30.65 36.34 -45.72
N PRO C 76 31.91 36.70 -45.43
CA PRO C 76 32.96 36.83 -46.44
C PRO C 76 33.20 35.53 -47.14
N LEU C 77 33.09 35.54 -48.46
CA LEU C 77 33.18 34.30 -49.22
C LEU C 77 34.56 34.14 -49.82
N PHE C 78 35.04 35.14 -50.56
CA PHE C 78 36.37 35.01 -51.15
C PHE C 78 37.03 36.34 -51.47
N ASP C 79 38.33 36.29 -51.72
CA ASP C 79 39.06 37.47 -52.17
C ASP C 79 39.28 37.40 -53.68
N GLU C 80 39.09 38.54 -54.35
CA GLU C 80 39.17 38.61 -55.79
C GLU C 80 40.14 39.72 -56.20
N PRO C 81 41.25 39.31 -56.82
CA PRO C 81 42.30 40.24 -57.26
C PRO C 81 41.90 41.07 -58.49
N PHE C 82 42.42 42.29 -58.61
CA PHE C 82 42.15 43.14 -59.76
C PHE C 82 43.21 42.94 -60.83
N TYR C 83 42.85 43.27 -62.06
CA TYR C 83 43.74 43.14 -63.21
C TYR C 83 43.64 44.42 -64.05
N VAL C 84 44.65 44.64 -64.89
CA VAL C 84 44.70 45.81 -65.76
C VAL C 84 44.29 45.43 -67.17
N LEU C 85 43.36 46.19 -67.71
CA LEU C 85 42.84 46.01 -69.07
C LEU C 85 43.36 47.08 -70.00
N PRO C 87 44.37 48.09 -74.48
CA PRO C 87 44.27 47.77 -75.92
C PRO C 87 45.42 46.87 -76.33
N ALA C 88 45.17 45.96 -77.27
CA ALA C 88 46.17 44.96 -77.64
C ALA C 88 47.49 45.54 -78.14
N ASP C 89 47.50 46.81 -78.53
CA ASP C 89 48.72 47.41 -79.08
C ASP C 89 49.39 48.39 -78.10
N HIS C 90 48.90 48.41 -76.86
CA HIS C 90 49.50 49.24 -75.82
C HIS C 90 50.89 48.72 -75.42
N PRO C 91 51.86 49.62 -75.19
CA PRO C 91 53.23 49.21 -74.85
C PRO C 91 53.32 48.36 -73.58
N TRP C 92 52.37 48.53 -72.66
CA TRP C 92 52.31 47.69 -71.47
C TRP C 92 52.21 46.20 -71.81
N THR C 93 51.70 45.88 -73.00
CA THR C 93 51.63 44.48 -73.41
C THR C 93 53.01 43.81 -73.39
N ALA C 94 54.07 44.61 -73.46
CA ALA C 94 55.42 44.05 -73.37
C ALA C 94 55.68 43.58 -71.94
N LYS C 95 55.08 44.26 -70.99
CA LYS C 95 55.25 43.92 -69.58
C LYS C 95 54.56 42.61 -69.23
N ALA C 96 55.02 42.00 -68.14
CA ALA C 96 54.41 40.79 -67.62
C ALA C 96 53.43 41.13 -66.49
N SER C 97 53.65 42.28 -65.88
CA SER C 97 52.86 42.77 -64.76
C SER C 97 52.92 44.29 -64.74
N ILE C 98 51.86 44.92 -64.26
CA ILE C 98 51.74 46.37 -64.32
C ILE C 98 51.89 47.00 -62.95
N ASP C 99 52.91 47.82 -62.78
CA ASP C 99 53.11 48.58 -61.54
C ASP C 99 51.94 49.50 -61.26
N SER C 100 51.45 49.46 -60.03
CA SER C 100 50.34 50.32 -59.63
C SER C 100 50.59 51.82 -59.86
N GLU C 101 51.84 52.25 -59.71
N GLU C 101 51.85 52.26 -59.73
CA GLU C 101 52.19 53.67 -59.85
CA GLU C 101 52.17 53.67 -59.85
C GLU C 101 52.05 54.17 -61.30
C GLU C 101 52.02 54.16 -61.29
N LEU C 102 52.01 53.24 -62.24
CA LEU C 102 51.89 53.59 -63.65
C LEU C 102 50.47 54.05 -64.00
N LEU C 103 49.50 53.72 -63.15
CA LEU C 103 48.12 54.09 -63.41
C LEU C 103 47.81 55.51 -62.94
N ASN C 104 48.57 56.48 -63.47
CA ASN C 104 48.37 57.88 -63.11
C ASN C 104 48.17 58.78 -64.32
N ASP C 105 47.15 58.47 -65.12
CA ASP C 105 46.80 59.30 -66.27
C ASP C 105 45.31 59.54 -66.28
N LYS C 106 44.86 60.43 -67.15
CA LYS C 106 43.44 60.51 -67.44
C LYS C 106 43.10 59.43 -68.46
N SER C 107 44.13 58.65 -68.83
CA SER C 107 43.94 57.53 -69.75
C SER C 107 43.27 56.34 -69.05
N LEU C 108 43.13 56.46 -67.73
CA LEU C 108 42.45 55.45 -66.93
C LEU C 108 40.96 55.74 -66.87
N LEU C 109 40.17 54.75 -67.27
CA LEU C 109 38.72 54.90 -67.33
C LEU C 109 38.08 54.31 -66.09
N LEU C 110 37.33 55.13 -65.37
CA LEU C 110 36.72 54.69 -64.13
C LEU C 110 35.20 54.74 -64.19
N LEU C 111 34.56 53.93 -63.35
CA LEU C 111 33.10 54.00 -63.19
C LEU C 111 32.71 55.26 -62.46
N GLY C 112 31.42 55.59 -62.47
CA GLY C 112 30.92 56.75 -61.76
C GLY C 112 30.78 56.50 -60.27
N GLU C 113 30.29 57.50 -59.54
CA GLU C 113 30.09 57.37 -58.10
C GLU C 113 28.96 56.39 -57.82
N GLY C 114 28.95 55.82 -56.62
CA GLY C 114 27.93 54.86 -56.25
C GLY C 114 28.45 53.45 -56.39
N HIS C 115 29.47 53.29 -57.23
CA HIS C 115 30.12 51.99 -57.40
C HIS C 115 31.29 51.83 -56.44
N CYS C 116 31.24 50.81 -55.59
CA CYS C 116 32.31 50.57 -54.62
C CYS C 116 33.65 50.25 -55.29
N PHE C 117 33.56 49.51 -56.40
CA PHE C 117 34.74 49.14 -57.18
C PHE C 117 35.51 50.38 -57.63
N ARG C 118 34.81 51.51 -57.78
CA ARG C 118 35.46 52.77 -58.11
C ARG C 118 36.39 53.18 -56.98
N ASP C 119 35.85 53.25 -55.77
CA ASP C 119 36.65 53.60 -54.60
C ASP C 119 37.81 52.62 -54.40
N GLN C 120 37.58 51.35 -54.72
CA GLN C 120 38.65 50.36 -54.59
C GLN C 120 39.78 50.59 -55.60
N VAL C 121 39.42 50.90 -56.84
CA VAL C 121 40.42 51.15 -57.85
C VAL C 121 41.17 52.44 -57.51
N LEU C 122 40.45 53.42 -56.97
CA LEU C 122 41.05 54.68 -56.55
C LEU C 122 42.07 54.39 -55.44
N GLU C 123 41.71 53.54 -54.49
CA GLU C 123 42.61 53.19 -53.41
C GLU C 123 43.83 52.45 -53.93
N ALA C 124 43.63 51.63 -54.97
CA ALA C 124 44.76 50.91 -55.56
C ALA C 124 45.70 51.82 -56.35
N CYS C 125 45.24 53.03 -56.64
CA CYS C 125 46.02 53.98 -57.46
C CYS C 125 46.43 55.20 -56.65
N PRO C 126 47.50 55.89 -57.11
CA PRO C 126 47.95 57.14 -56.46
C PRO C 126 46.84 58.19 -56.35
N HIS C 136 39.83 59.84 -62.14
CA HIS C 136 40.64 60.48 -63.17
C HIS C 136 39.78 60.80 -64.39
N THR C 137 39.41 59.75 -65.14
CA THR C 137 38.41 59.92 -66.19
C THR C 137 37.16 59.12 -65.83
N THR C 138 36.18 59.81 -65.26
CA THR C 138 34.98 59.17 -64.77
C THR C 138 33.84 59.22 -65.77
N VAL C 139 33.32 58.04 -66.12
CA VAL C 139 32.19 57.94 -67.03
C VAL C 139 30.89 57.71 -66.24
N GLU C 140 29.93 58.62 -66.40
CA GLU C 140 28.65 58.49 -65.71
C GLU C 140 27.77 57.46 -66.40
N SER C 141 26.88 56.82 -65.63
CA SER C 141 26.01 55.75 -66.12
C SER C 141 26.83 54.70 -66.87
N SER C 142 27.98 54.38 -66.31
CA SER C 142 28.91 53.49 -66.96
C SER C 142 28.79 52.10 -66.34
N SER C 143 29.27 51.09 -67.06
CA SER C 143 29.39 49.72 -66.58
C SER C 143 30.75 49.21 -66.99
N LEU C 144 31.17 48.07 -66.44
CA LEU C 144 32.47 47.52 -66.76
C LEU C 144 32.51 47.05 -68.20
N GLU C 145 31.38 46.57 -68.70
CA GLU C 145 31.32 46.14 -70.10
C GLU C 145 31.47 47.33 -71.04
N THR C 146 30.83 48.42 -70.70
CA THR C 146 30.96 49.64 -71.47
C THR C 146 32.39 50.15 -71.46
N ILE C 147 33.03 50.03 -70.30
CA ILE C 147 34.42 50.43 -70.17
C ILE C 147 35.29 49.54 -71.02
N ARG C 148 34.95 48.26 -71.10
CA ARG C 148 35.72 47.34 -71.90
C ARG C 148 35.60 47.78 -73.36
N HIS C 149 34.39 48.09 -73.81
CA HIS C 149 34.21 48.51 -75.19
C HIS C 149 35.04 49.74 -75.48
N VAL C 151 37.74 50.76 -74.01
CA VAL C 151 39.15 50.38 -74.09
C VAL C 151 39.47 49.69 -75.41
N ALA C 152 38.58 48.81 -75.84
CA ALA C 152 38.74 48.05 -77.07
C ALA C 152 38.81 48.97 -78.27
N SER C 153 38.07 50.08 -78.23
CA SER C 153 38.06 51.01 -79.35
C SER C 153 39.28 51.91 -79.32
N GLY C 154 39.99 51.91 -78.19
CA GLY C 154 41.26 52.62 -78.06
C GLY C 154 41.21 53.90 -77.25
N LEU C 155 40.23 54.03 -76.35
CA LEU C 155 40.07 55.28 -75.60
C LEU C 155 41.03 55.38 -74.43
N GLY C 156 41.40 54.23 -73.86
CA GLY C 156 42.26 54.22 -72.70
C GLY C 156 42.50 52.84 -72.13
N VAL C 157 42.73 52.80 -70.82
CA VAL C 157 43.00 51.57 -70.09
C VAL C 157 42.11 51.54 -68.85
N SER C 158 41.93 50.37 -68.24
CA SER C 158 41.10 50.34 -67.05
C SER C 158 41.43 49.17 -66.13
N VAL C 159 40.60 48.97 -65.12
CA VAL C 159 40.86 47.92 -64.15
C VAL C 159 39.64 47.03 -63.98
N LEU C 160 39.82 45.72 -64.14
CA LEU C 160 38.72 44.76 -64.04
C LEU C 160 38.94 43.79 -62.90
N PRO C 161 37.85 43.30 -62.28
CA PRO C 161 37.97 42.16 -61.36
C PRO C 161 38.34 40.91 -62.13
N PHE C 162 39.00 39.95 -61.48
CA PHE C 162 39.50 38.77 -62.18
C PHE C 162 38.39 38.02 -62.88
N SER C 163 37.21 37.96 -62.27
CA SER C 163 36.12 37.21 -62.88
C SER C 163 35.58 37.86 -64.17
N ALA C 164 35.99 39.09 -64.47
CA ALA C 164 35.54 39.75 -65.70
C ALA C 164 36.50 39.59 -66.89
N VAL C 165 37.74 39.19 -66.64
CA VAL C 165 38.78 39.37 -67.66
C VAL C 165 38.54 38.58 -68.95
N ASP C 166 37.85 37.46 -68.86
CA ASP C 166 37.56 36.66 -70.05
C ASP C 166 36.10 36.75 -70.43
N SER C 167 35.35 37.59 -69.72
CA SER C 167 33.92 37.65 -69.95
C SER C 167 33.59 38.69 -71.03
N HIS C 168 33.86 38.33 -72.27
CA HIS C 168 33.58 39.16 -73.44
C HIS C 168 33.60 38.31 -74.70
N HIS C 169 33.34 38.92 -75.85
CA HIS C 169 33.25 38.16 -77.08
C HIS C 169 34.26 38.63 -78.12
N TYR C 170 35.26 39.38 -77.68
CA TYR C 170 36.25 39.87 -78.62
C TYR C 170 37.22 38.77 -79.02
N ALA C 171 37.58 38.76 -80.29
CA ALA C 171 38.60 37.84 -80.80
C ALA C 171 39.95 38.28 -80.29
N PRO C 172 40.88 37.32 -80.17
CA PRO C 172 42.26 37.63 -79.75
C PRO C 172 42.87 38.74 -80.60
N GLY C 173 43.50 39.71 -79.96
CA GLY C 173 44.16 40.78 -80.70
C GLY C 173 43.49 42.13 -80.52
N VAL C 174 42.47 42.17 -79.67
CA VAL C 174 41.74 43.41 -79.42
C VAL C 174 42.05 44.00 -78.05
N ILE C 175 41.91 43.19 -77.01
CA ILE C 175 42.22 43.65 -75.67
C ILE C 175 43.14 42.64 -75.00
N GLU C 176 43.99 43.15 -74.11
CA GLU C 176 44.87 42.31 -73.31
C GLU C 176 44.67 42.63 -71.85
N VAL C 177 44.94 41.63 -71.03
CA VAL C 177 44.89 41.78 -69.60
C VAL C 177 46.26 41.47 -69.04
N ARG C 178 46.69 42.27 -68.08
CA ARG C 178 47.93 41.97 -67.37
C ARG C 178 47.66 42.11 -65.89
N PRO C 179 48.27 41.22 -65.08
CA PRO C 179 48.15 41.32 -63.63
C PRO C 179 48.80 42.59 -63.11
N PHE C 180 48.38 43.04 -61.94
CA PHE C 180 49.11 44.06 -61.21
C PHE C 180 50.41 43.44 -60.71
N SER C 181 51.37 44.28 -60.35
CA SER C 181 52.55 43.82 -59.64
C SER C 181 52.25 43.85 -58.15
N ALA C 182 52.95 43.01 -57.40
CA ALA C 182 52.80 42.94 -55.95
C ALA C 182 53.00 44.31 -55.30
N PRO C 183 52.17 44.63 -54.30
CA PRO C 183 51.09 43.76 -53.82
C PRO C 183 49.82 43.93 -54.66
N VAL C 184 49.23 42.82 -55.07
CA VAL C 184 48.03 42.80 -55.90
C VAL C 184 46.82 43.27 -55.10
N PRO C 185 46.21 44.40 -55.52
CA PRO C 185 45.01 44.91 -54.86
C PRO C 185 43.83 43.96 -55.08
N PHE C 186 42.88 43.92 -54.15
CA PHE C 186 41.79 42.95 -54.22
C PHE C 186 40.54 43.42 -53.48
N ARG C 187 39.40 42.80 -53.78
CA ARG C 187 38.18 43.07 -53.03
C ARG C 187 37.75 41.80 -52.34
N THR C 188 36.89 41.94 -51.33
CA THR C 188 36.38 40.76 -50.67
C THR C 188 34.90 40.60 -50.92
N VAL C 189 34.59 39.59 -51.73
CA VAL C 189 33.22 39.21 -52.04
C VAL C 189 32.56 38.44 -50.90
N ALA C 190 31.43 38.97 -50.44
CA ALA C 190 30.66 38.38 -49.35
C ALA C 190 29.18 38.27 -49.70
N ILE C 191 28.46 37.51 -48.89
CA ILE C 191 27.00 37.41 -48.99
C ILE C 191 26.36 37.88 -47.69
N ALA C 192 25.26 38.62 -47.80
CA ALA C 192 24.53 39.07 -46.64
C ALA C 192 23.06 38.63 -46.69
N TRP C 193 22.47 38.39 -45.53
CA TRP C 193 21.06 38.01 -45.47
C TRP C 193 20.44 38.45 -44.14
N ARG C 194 19.13 38.24 -44.00
CA ARG C 194 18.42 38.72 -42.81
C ARG C 194 18.72 37.82 -41.62
N ALA C 195 18.73 38.43 -40.44
CA ALA C 195 19.15 37.76 -39.23
C ALA C 195 18.37 36.47 -38.96
N SER C 196 17.06 36.53 -39.14
CA SER C 196 16.22 35.37 -38.83
C SER C 196 15.49 34.86 -40.06
N PHE C 197 16.18 34.87 -41.19
CA PHE C 197 15.63 34.33 -42.43
C PHE C 197 15.28 32.85 -42.29
N PRO C 198 14.01 32.49 -42.58
CA PRO C 198 13.45 31.13 -42.48
C PRO C 198 14.15 30.03 -43.28
N ARG C 199 15.03 30.36 -44.21
CA ARG C 199 15.61 29.30 -45.05
C ARG C 199 17.13 29.32 -45.09
N PRO C 200 17.78 29.02 -43.95
CA PRO C 200 19.24 29.08 -43.88
C PRO C 200 19.94 28.11 -44.83
N ARG C 201 19.29 26.98 -45.13
CA ARG C 201 19.86 25.97 -46.02
C ARG C 201 20.09 26.55 -47.42
N ALA C 202 19.14 27.36 -47.88
CA ALA C 202 19.26 28.07 -49.15
C ALA C 202 20.45 29.01 -49.14
N ILE C 203 20.64 29.68 -48.02
CA ILE C 203 21.76 30.57 -47.86
C ILE C 203 23.07 29.79 -47.96
N GLU C 204 23.11 28.61 -47.34
CA GLU C 204 24.36 27.84 -47.32
C GLU C 204 24.70 27.31 -48.70
N VAL C 205 23.68 26.78 -49.37
CA VAL C 205 23.81 26.31 -50.75
C VAL C 205 24.30 27.42 -51.68
N LEU C 206 23.61 28.56 -51.62
CA LEU C 206 23.99 29.72 -52.40
C LEU C 206 25.44 30.13 -52.13
N ALA C 207 25.81 30.23 -50.86
CA ALA C 207 27.15 30.65 -50.46
C ALA C 207 28.22 29.70 -50.96
N ASP C 208 27.94 28.40 -50.88
CA ASP C 208 28.90 27.43 -51.36
C ASP C 208 29.05 27.52 -52.87
N SER C 209 27.94 27.77 -53.56
CA SER C 209 28.01 27.85 -55.02
C SER C 209 28.81 29.10 -55.45
N ILE C 210 28.53 30.22 -54.78
CA ILE C 210 29.26 31.46 -55.01
C ILE C 210 30.76 31.24 -54.80
N ARG C 211 31.10 30.63 -53.67
CA ARG C 211 32.49 30.27 -53.39
C ARG C 211 33.09 29.41 -54.51
N LEU C 212 32.34 28.40 -54.95
CA LEU C 212 32.81 27.51 -56.00
C LEU C 212 33.08 28.27 -57.31
N CYS C 213 32.36 29.38 -57.54
CA CYS C 213 32.59 30.18 -58.75
C CYS C 213 33.98 30.83 -58.83
N SER C 214 34.55 31.21 -57.69
CA SER C 214 35.85 31.86 -57.67
C SER C 214 37.00 30.87 -57.87
N VAL C 215 36.67 29.61 -58.13
CA VAL C 215 37.69 28.58 -58.23
C VAL C 215 38.53 28.74 -59.49
N ALA C 216 39.84 28.76 -59.29
CA ALA C 216 40.80 28.83 -60.37
C ALA C 216 40.72 27.59 -61.27
N ARG C 217 39.75 27.57 -62.18
CA ARG C 217 39.60 26.44 -63.10
C ARG C 217 40.81 26.30 -64.03
N PRO C 218 41.29 25.06 -64.24
CA PRO C 218 42.37 24.81 -65.20
C PRO C 218 41.85 24.86 -66.64
N ALA D 4 40.35 66.63 -91.24
CA ALA D 4 40.45 65.34 -90.56
C ALA D 4 39.35 65.19 -89.50
N GLN D 5 38.24 64.57 -89.89
CA GLN D 5 37.08 64.44 -89.01
C GLN D 5 37.10 63.12 -88.27
N LEU D 6 38.18 62.38 -88.45
CA LEU D 6 38.25 61.04 -87.93
C LEU D 6 39.40 60.83 -86.95
N ALA D 7 40.07 61.91 -86.57
CA ALA D 7 41.25 61.83 -85.73
C ALA D 7 40.94 62.10 -84.26
N ALA D 8 39.67 62.13 -83.90
CA ALA D 8 39.25 62.45 -82.54
C ALA D 8 38.26 61.42 -82.05
N PRO D 9 38.18 61.21 -80.74
CA PRO D 9 37.17 60.31 -80.19
C PRO D 9 35.77 60.77 -80.56
N LEU D 10 34.85 59.82 -80.61
CA LEU D 10 33.47 60.08 -80.93
C LEU D 10 32.58 59.69 -79.75
N LYS D 11 31.75 60.61 -79.29
CA LYS D 11 30.85 60.29 -78.19
C LYS D 11 29.58 59.63 -78.73
N VAL D 12 29.35 58.37 -78.35
CA VAL D 12 28.21 57.62 -78.84
C VAL D 12 27.37 57.05 -77.70
N GLY D 13 26.06 57.21 -77.83
CA GLY D 13 25.13 56.64 -76.89
C GLY D 13 24.37 55.52 -77.55
N ALA D 14 23.76 54.66 -76.75
CA ALA D 14 22.96 53.57 -77.29
C ALA D 14 22.00 53.13 -76.22
N ILE D 15 20.83 52.66 -76.64
CA ILE D 15 19.87 52.24 -75.61
C ILE D 15 20.38 50.99 -74.88
N TYR D 16 19.73 50.61 -73.80
CA TYR D 16 20.26 49.55 -72.95
C TYR D 16 20.18 48.21 -73.67
N THR D 17 19.22 48.07 -74.57
CA THR D 17 18.96 46.79 -75.21
C THR D 17 19.63 46.69 -76.58
N ILE D 18 20.50 47.66 -76.89
CA ILE D 18 21.26 47.59 -78.14
C ILE D 18 22.75 47.54 -77.90
N GLY D 19 23.26 48.51 -77.15
CA GLY D 19 24.69 48.64 -76.91
C GLY D 19 25.49 47.37 -76.64
N PRO D 20 25.08 46.62 -75.59
CA PRO D 20 25.87 45.44 -75.23
C PRO D 20 25.97 44.42 -76.37
N TYR D 21 25.03 44.48 -77.32
CA TYR D 21 24.99 43.46 -78.36
C TYR D 21 25.44 44.02 -79.70
N LEU D 22 25.77 45.30 -79.71
CA LEU D 22 26.22 45.93 -80.92
C LEU D 22 27.70 46.20 -80.87
N PHE D 23 28.15 46.83 -79.78
CA PHE D 23 29.53 47.27 -79.71
C PHE D 23 30.60 46.21 -79.94
N PRO D 24 30.42 44.98 -79.42
CA PRO D 24 31.45 43.97 -79.70
C PRO D 24 31.66 43.74 -81.19
N HIS D 25 30.60 43.89 -81.99
CA HIS D 25 30.73 43.75 -83.43
C HIS D 25 31.17 45.05 -84.07
N LEU D 26 30.76 46.17 -83.48
CA LEU D 26 31.00 47.49 -84.07
C LEU D 26 32.45 47.91 -83.98
N ILE D 27 33.03 47.77 -82.79
CA ILE D 27 34.39 48.25 -82.53
C ILE D 27 35.45 47.74 -83.53
N PRO D 28 35.42 46.45 -83.91
CA PRO D 28 36.40 45.99 -84.92
C PRO D 28 36.24 46.66 -86.28
N GLN D 29 35.02 46.71 -86.80
CA GLN D 29 34.73 47.40 -88.06
C GLN D 29 35.25 48.83 -88.05
N LEU D 30 35.01 49.50 -86.94
CA LEU D 30 35.47 50.86 -86.79
C LEU D 30 36.97 50.90 -86.86
N HIS D 31 37.63 49.98 -86.15
CA HIS D 31 39.08 50.00 -86.16
C HIS D 31 39.61 49.82 -87.59
N ARG D 32 38.91 49.01 -88.38
CA ARG D 32 39.34 48.74 -89.74
C ARG D 32 39.18 49.95 -90.67
N VAL D 33 38.04 50.62 -90.59
CA VAL D 33 37.72 51.70 -91.50
C VAL D 33 38.08 53.06 -90.86
N ALA D 34 38.62 53.01 -89.66
CA ALA D 34 38.70 54.21 -88.82
C ALA D 34 39.53 54.03 -87.55
N PRO D 35 40.85 53.86 -87.73
CA PRO D 35 41.68 53.42 -86.63
C PRO D 35 41.83 54.44 -85.51
N GLN D 36 41.85 55.72 -85.86
CA GLN D 36 42.18 56.75 -84.90
C GLN D 36 40.95 57.35 -84.26
N PRO D 38 38.58 56.52 -81.34
CA PRO D 38 38.04 55.72 -80.25
C PRO D 38 36.64 56.17 -79.98
N LEU D 39 35.91 55.43 -79.15
CA LEU D 39 34.55 55.76 -78.78
C LEU D 39 34.41 56.03 -77.31
N TYR D 40 33.74 57.12 -76.98
CA TYR D 40 33.29 57.37 -75.63
C TYR D 40 31.85 56.89 -75.59
N ILE D 41 31.57 55.83 -74.85
CA ILE D 41 30.27 55.18 -74.94
C ILE D 41 29.41 55.44 -73.72
N GLU D 42 28.10 55.62 -73.94
CA GLU D 42 27.13 55.63 -72.87
C GLU D 42 25.89 54.82 -73.25
N GLU D 43 25.40 54.02 -72.30
CA GLU D 43 24.17 53.28 -72.50
C GLU D 43 23.13 53.89 -71.60
N ASN D 44 21.93 54.15 -72.12
CA ASN D 44 20.85 54.67 -71.27
C ASN D 44 19.46 54.57 -71.89
N PHE D 45 18.46 55.17 -71.24
CA PHE D 45 17.10 55.22 -71.79
C PHE D 45 17.05 56.17 -72.97
N THR D 46 16.09 55.97 -73.87
CA THR D 46 15.94 56.84 -75.02
C THR D 46 15.87 58.35 -74.68
N HIS D 47 15.01 58.73 -73.75
CA HIS D 47 14.80 60.16 -73.51
C HIS D 47 16.05 60.85 -72.96
N ILE D 48 16.84 60.11 -72.19
CA ILE D 48 18.09 60.63 -71.66
C ILE D 48 19.13 60.79 -72.79
N LEU D 49 19.20 59.79 -73.66
CA LEU D 49 20.13 59.87 -74.78
C LEU D 49 19.75 61.03 -75.68
N ARG D 50 18.45 61.21 -75.87
CA ARG D 50 17.94 62.34 -76.61
C ARG D 50 18.37 63.67 -75.98
N ASP D 51 18.24 63.77 -74.65
CA ASP D 51 18.66 64.99 -73.96
C ASP D 51 20.13 65.28 -74.19
N LYS D 52 20.94 64.25 -73.99
CA LYS D 52 22.38 64.37 -74.12
C LYS D 52 22.79 64.69 -75.55
N LEU D 53 22.00 64.24 -76.50
CA LEU D 53 22.29 64.52 -77.90
C LEU D 53 21.98 65.98 -78.15
N ARG D 54 20.86 66.46 -77.59
CA ARG D 54 20.51 67.86 -77.72
C ARG D 54 21.57 68.79 -77.10
N THR D 55 22.10 68.44 -75.93
CA THR D 55 23.06 69.32 -75.24
C THR D 55 24.45 69.25 -75.84
N GLY D 56 24.71 68.17 -76.55
CA GLY D 56 26.03 67.94 -77.11
C GLY D 56 26.95 67.05 -76.27
N GLU D 57 26.41 66.41 -75.23
CA GLU D 57 27.19 65.47 -74.42
C GLU D 57 27.46 64.20 -75.18
N LEU D 58 26.55 63.89 -76.10
CA LEU D 58 26.76 62.80 -77.05
C LEU D 58 26.73 63.36 -78.48
N ASP D 59 27.41 62.69 -79.40
CA ASP D 59 27.50 63.11 -80.78
C ASP D 59 26.50 62.35 -81.64
N ALA D 60 26.17 61.14 -81.21
CA ALA D 60 25.31 60.26 -81.98
C ALA D 60 24.66 59.29 -81.03
N ILE D 61 23.39 58.99 -81.24
CA ILE D 61 22.77 57.99 -80.40
C ILE D 61 22.18 56.89 -81.27
N ILE D 62 22.25 55.65 -80.78
CA ILE D 62 21.67 54.50 -81.44
C ILE D 62 20.43 54.08 -80.66
N ILE D 63 19.29 54.22 -81.32
CA ILE D 63 17.99 54.02 -80.71
C ILE D 63 17.10 53.16 -81.60
N ALA D 64 15.88 52.90 -81.15
CA ALA D 64 14.90 52.19 -81.99
C ALA D 64 13.72 53.09 -82.36
N LEU D 65 13.18 52.92 -83.57
CA LEU D 65 12.03 53.70 -84.01
C LEU D 65 10.82 53.36 -83.17
N PRO D 66 9.86 54.30 -83.04
CA PRO D 66 9.88 55.64 -83.64
C PRO D 66 10.72 56.60 -82.84
N PHE D 67 11.30 57.58 -83.53
CA PHE D 67 12.13 58.58 -82.89
C PHE D 67 12.26 59.81 -83.78
N GLN D 68 11.73 60.94 -83.34
CA GLN D 68 11.88 62.16 -84.11
C GLN D 68 12.10 63.35 -83.19
N GLU D 69 13.10 64.17 -83.52
CA GLU D 69 13.38 65.37 -82.73
C GLU D 69 13.67 66.57 -83.62
N ALA D 70 13.35 67.76 -83.13
CA ALA D 70 13.74 68.96 -83.85
C ALA D 70 15.25 69.11 -83.78
N ASP D 71 15.82 69.66 -84.84
CA ASP D 71 17.25 69.90 -84.99
C ASP D 71 18.06 68.61 -85.04
N VAL D 72 17.36 67.48 -85.05
CA VAL D 72 18.01 66.19 -85.11
C VAL D 72 17.65 65.41 -86.38
N LEU D 73 18.66 64.91 -87.07
CA LEU D 73 18.43 63.98 -88.16
C LEU D 73 18.37 62.52 -87.69
N THR D 74 17.42 61.75 -88.22
CA THR D 74 17.29 60.33 -87.92
C THR D 74 17.36 59.45 -89.19
N LYS D 75 18.17 58.40 -89.14
CA LYS D 75 18.31 57.49 -90.28
C LYS D 75 18.18 56.04 -89.86
N PRO D 76 17.15 55.34 -90.37
CA PRO D 76 17.00 53.92 -90.08
C PRO D 76 18.23 53.17 -90.55
N LEU D 77 18.70 52.19 -89.79
CA LEU D 77 19.91 51.47 -90.15
C LEU D 77 19.59 50.01 -90.48
N PHE D 78 18.77 49.37 -89.66
CA PHE D 78 18.38 47.99 -89.99
C PHE D 78 17.20 47.48 -89.20
N ASP D 79 16.60 46.41 -89.68
CA ASP D 79 15.53 45.76 -88.93
C ASP D 79 16.12 44.61 -88.14
N GLU D 80 15.60 44.40 -86.93
CA GLU D 80 16.07 43.34 -86.03
C GLU D 80 14.88 42.57 -85.49
N PRO D 81 14.75 41.31 -85.89
CA PRO D 81 13.64 40.48 -85.42
C PRO D 81 13.81 40.07 -83.97
N PHE D 82 12.72 39.68 -83.31
CA PHE D 82 12.78 39.20 -81.94
C PHE D 82 12.81 37.69 -81.93
N TYR D 83 13.27 37.12 -80.82
CA TYR D 83 13.31 35.68 -80.59
C TYR D 83 12.82 35.38 -79.18
N VAL D 84 12.53 34.11 -78.91
CA VAL D 84 12.04 33.71 -77.60
C VAL D 84 13.12 32.93 -76.87
N LEU D 85 13.38 33.35 -75.65
CA LEU D 85 14.39 32.77 -74.79
C LEU D 85 13.74 31.85 -73.77
N PRO D 87 14.50 28.20 -70.81
CA PRO D 87 15.37 27.18 -70.20
C PRO D 87 15.54 26.00 -71.15
N ALA D 88 16.67 25.32 -71.10
CA ALA D 88 16.94 24.26 -72.06
C ALA D 88 16.06 23.03 -71.86
N ASP D 89 15.32 23.00 -70.74
CA ASP D 89 14.44 21.89 -70.40
C ASP D 89 12.96 22.27 -70.53
N HIS D 90 12.70 23.45 -71.07
CA HIS D 90 11.33 23.94 -71.22
C HIS D 90 10.56 23.11 -72.24
N PRO D 91 9.25 22.92 -72.02
CA PRO D 91 8.42 22.21 -73.00
C PRO D 91 8.52 22.83 -74.39
N TRP D 92 8.59 24.15 -74.46
CA TRP D 92 8.61 24.84 -75.76
C TRP D 92 9.81 24.46 -76.61
N THR D 93 10.79 23.78 -76.02
CA THR D 93 11.94 23.36 -76.80
C THR D 93 11.53 22.35 -77.86
N ALA D 94 10.43 21.66 -77.64
CA ALA D 94 9.96 20.70 -78.63
C ALA D 94 9.44 21.39 -79.89
N LYS D 95 9.07 22.66 -79.76
CA LYS D 95 8.58 23.45 -80.90
C LYS D 95 9.70 23.96 -81.80
N ALA D 96 9.37 24.21 -83.07
CA ALA D 96 10.31 24.81 -84.02
C ALA D 96 10.17 26.32 -84.00
N SER D 97 8.96 26.77 -83.68
CA SER D 97 8.70 28.18 -83.57
C SER D 97 7.62 28.38 -82.52
N ILE D 98 7.50 29.61 -82.04
CA ILE D 98 6.57 29.93 -80.98
C ILE D 98 5.55 30.96 -81.49
N ASP D 99 4.28 30.59 -81.45
CA ASP D 99 3.21 31.51 -81.80
C ASP D 99 3.17 32.61 -80.75
N SER D 100 3.08 33.85 -81.19
CA SER D 100 3.09 34.97 -80.25
C SER D 100 1.96 34.85 -79.21
N GLU D 101 0.83 34.28 -79.61
CA GLU D 101 -0.31 34.13 -78.69
C GLU D 101 -0.02 33.24 -77.49
N LEU D 102 1.03 32.43 -77.58
CA LEU D 102 1.43 31.57 -76.47
C LEU D 102 2.12 32.35 -75.35
N LEU D 103 2.59 33.56 -75.66
CA LEU D 103 3.27 34.37 -74.64
C LEU D 103 2.28 35.07 -73.70
N ASN D 104 1.14 34.44 -73.46
CA ASN D 104 0.10 34.99 -72.61
C ASN D 104 0.29 34.58 -71.16
N ASP D 105 1.34 33.80 -70.92
CA ASP D 105 1.53 33.15 -69.62
C ASP D 105 2.11 34.07 -68.55
N LYS D 106 1.93 33.65 -67.30
CA LYS D 106 2.54 34.25 -66.11
C LYS D 106 4.07 34.32 -66.21
N SER D 107 4.64 33.32 -66.86
CA SER D 107 6.08 33.09 -66.86
C SER D 107 6.85 33.96 -67.85
N LEU D 108 6.24 35.04 -68.32
CA LEU D 108 6.92 35.96 -69.23
C LEU D 108 7.58 37.10 -68.46
N LEU D 109 8.89 37.19 -68.59
CA LEU D 109 9.69 38.14 -67.85
C LEU D 109 9.99 39.37 -68.70
N LEU D 110 9.53 40.53 -68.22
CA LEU D 110 9.65 41.76 -68.98
C LEU D 110 10.44 42.84 -68.26
N LEU D 111 11.03 43.75 -69.06
CA LEU D 111 11.69 44.92 -68.52
C LEU D 111 10.67 45.90 -67.94
N GLY D 112 11.14 46.77 -67.05
CA GLY D 112 10.26 47.72 -66.39
C GLY D 112 9.97 48.87 -67.32
N GLU D 113 9.09 49.76 -66.89
CA GLU D 113 8.70 50.88 -67.72
C GLU D 113 9.88 51.80 -67.95
N GLY D 114 10.03 52.29 -69.17
CA GLY D 114 11.21 53.08 -69.50
C GLY D 114 11.97 52.54 -70.69
N HIS D 115 11.97 51.22 -70.86
CA HIS D 115 12.59 50.61 -72.03
C HIS D 115 11.60 50.50 -73.18
N CYS D 116 11.95 51.03 -74.34
CA CYS D 116 11.09 50.87 -75.51
C CYS D 116 10.87 49.39 -75.86
N PHE D 117 11.88 48.55 -75.58
CA PHE D 117 11.79 47.13 -75.89
C PHE D 117 10.63 46.46 -75.16
N ARG D 118 10.28 46.98 -73.98
CA ARG D 118 9.12 46.47 -73.23
C ARG D 118 7.82 46.67 -74.03
N ASP D 119 7.63 47.90 -74.49
CA ASP D 119 6.44 48.24 -75.24
C ASP D 119 6.39 47.45 -76.53
N GLN D 120 7.54 47.33 -77.19
CA GLN D 120 7.59 46.56 -78.43
C GLN D 120 7.23 45.09 -78.21
N VAL D 121 7.71 44.50 -77.12
CA VAL D 121 7.36 43.12 -76.82
C VAL D 121 5.87 42.98 -76.49
N LEU D 122 5.30 43.94 -75.77
CA LEU D 122 3.87 43.88 -75.45
C LEU D 122 3.03 44.07 -76.71
N GLU D 123 3.54 44.86 -77.64
CA GLU D 123 2.82 45.12 -78.89
C GLU D 123 2.70 43.84 -79.72
N ALA D 124 3.62 42.91 -79.52
CA ALA D 124 3.62 41.67 -80.29
C ALA D 124 2.87 40.57 -79.55
N CYS D 125 2.31 40.93 -78.39
CA CYS D 125 1.48 40.03 -77.59
C CYS D 125 0.03 40.51 -77.46
N PRO D 126 -0.89 39.57 -77.21
CA PRO D 126 -2.30 39.92 -77.00
C PRO D 126 -2.54 40.57 -75.64
N LYS D 135 -1.38 37.73 -65.71
CA LYS D 135 -0.68 38.80 -66.41
C LYS D 135 0.73 38.39 -66.85
N HIS D 136 1.62 39.37 -66.92
CA HIS D 136 3.04 39.13 -67.19
C HIS D 136 3.87 39.51 -65.98
N THR D 137 5.06 38.92 -65.84
CA THR D 137 5.93 39.21 -64.71
C THR D 137 6.95 40.29 -65.03
N THR D 138 6.67 41.49 -64.57
CA THR D 138 7.58 42.60 -64.76
C THR D 138 8.55 42.60 -63.62
N VAL D 139 9.82 42.45 -63.93
CA VAL D 139 10.84 42.55 -62.89
C VAL D 139 11.47 43.95 -62.87
N GLU D 140 11.18 44.68 -61.80
CA GLU D 140 11.60 46.09 -61.71
C GLU D 140 12.80 46.34 -60.79
N SER D 141 13.88 46.81 -61.40
CA SER D 141 13.95 46.97 -62.85
C SER D 141 15.25 46.36 -63.39
N SER D 142 15.08 45.34 -64.20
CA SER D 142 16.18 44.54 -64.71
C SER D 142 16.86 45.04 -65.99
N SER D 143 17.80 44.22 -66.47
CA SER D 143 18.37 44.32 -67.81
C SER D 143 18.14 43.01 -68.55
N LEU D 144 18.49 42.97 -69.83
CA LEU D 144 18.27 41.75 -70.58
C LEU D 144 19.16 40.64 -70.07
N GLU D 145 20.42 40.96 -69.78
CA GLU D 145 21.33 39.96 -69.27
C GLU D 145 20.78 39.30 -68.00
N THR D 146 20.26 40.10 -67.07
CA THR D 146 19.79 39.50 -65.83
C THR D 146 18.49 38.72 -66.05
N ILE D 147 17.74 39.10 -67.08
CA ILE D 147 16.60 38.29 -67.50
C ILE D 147 17.08 36.96 -68.06
N ARG D 148 18.13 36.97 -68.85
CA ARG D 148 18.66 35.72 -69.35
C ARG D 148 19.16 34.83 -68.18
N HIS D 149 19.68 35.45 -67.11
CA HIS D 149 20.10 34.66 -65.94
C HIS D 149 18.89 34.04 -65.27
N VAL D 151 15.97 33.35 -66.52
CA VAL D 151 15.48 32.29 -67.41
C VAL D 151 16.40 31.08 -67.34
N ALA D 152 17.70 31.33 -67.25
CA ALA D 152 18.68 30.25 -67.18
C ALA D 152 18.48 29.43 -65.91
N SER D 153 18.01 30.08 -64.86
CA SER D 153 17.76 29.41 -63.59
C SER D 153 16.44 28.62 -63.64
N GLY D 154 15.56 29.05 -64.54
CA GLY D 154 14.30 28.35 -64.73
C GLY D 154 13.12 29.10 -64.17
N LEU D 155 13.28 30.42 -63.99
CA LEU D 155 12.23 31.23 -63.40
C LEU D 155 11.09 31.48 -64.39
N GLY D 156 11.41 31.40 -65.68
CA GLY D 156 10.42 31.67 -66.69
C GLY D 156 10.94 31.70 -68.11
N VAL D 157 10.41 32.62 -68.90
CA VAL D 157 10.65 32.67 -70.33
C VAL D 157 10.70 34.13 -70.76
N SER D 158 11.45 34.47 -71.82
CA SER D 158 11.42 35.87 -72.22
C SER D 158 11.64 36.10 -73.72
N VAL D 159 11.94 37.35 -74.07
CA VAL D 159 12.09 37.73 -75.47
C VAL D 159 13.35 38.54 -75.67
N LEU D 160 14.10 38.24 -76.72
CA LEU D 160 15.38 38.90 -76.95
C LEU D 160 15.47 39.44 -78.35
N PRO D 161 16.25 40.49 -78.54
CA PRO D 161 16.62 40.94 -79.88
C PRO D 161 17.62 39.95 -80.46
N PHE D 162 17.61 39.81 -81.78
CA PHE D 162 18.48 38.87 -82.49
C PHE D 162 19.94 38.99 -82.09
N SER D 163 20.41 40.22 -81.88
CA SER D 163 21.81 40.43 -81.61
C SER D 163 22.20 39.97 -80.20
N ALA D 164 21.21 39.59 -79.41
CA ALA D 164 21.46 39.21 -78.02
C ALA D 164 21.39 37.72 -77.79
N VAL D 165 21.00 36.94 -78.81
CA VAL D 165 20.72 35.53 -78.57
C VAL D 165 22.00 34.74 -78.34
N ASP D 166 23.08 35.21 -78.93
CA ASP D 166 24.36 34.54 -78.76
C ASP D 166 25.34 35.38 -77.93
N SER D 167 24.85 36.43 -77.30
CA SER D 167 25.73 37.27 -76.50
C SER D 167 25.64 36.89 -75.03
N HIS D 168 26.15 35.71 -74.71
CA HIS D 168 26.14 35.23 -73.34
C HIS D 168 27.32 34.29 -73.13
N HIS D 169 27.55 33.90 -71.88
CA HIS D 169 28.69 33.06 -71.58
C HIS D 169 28.29 31.74 -70.93
N TYR D 170 27.04 31.31 -71.12
CA TYR D 170 26.60 30.03 -70.59
C TYR D 170 27.07 28.89 -71.48
N ALA D 171 27.41 27.77 -70.86
CA ALA D 171 27.71 26.55 -71.60
C ALA D 171 26.46 26.06 -72.29
N PRO D 172 26.62 25.31 -73.39
CA PRO D 172 25.47 24.74 -74.11
C PRO D 172 24.59 23.89 -73.19
N GLY D 173 23.34 23.69 -73.59
CA GLY D 173 22.42 22.88 -72.81
C GLY D 173 21.84 23.61 -71.61
N VAL D 174 21.89 24.93 -71.60
CA VAL D 174 21.41 25.70 -70.45
C VAL D 174 20.24 26.61 -70.81
N ILE D 175 20.38 27.36 -71.90
CA ILE D 175 19.31 28.17 -72.44
C ILE D 175 19.18 27.90 -73.92
N GLU D 176 17.96 28.10 -74.43
CA GLU D 176 17.65 27.84 -75.82
C GLU D 176 16.82 28.99 -76.34
N VAL D 177 16.96 29.22 -77.63
CA VAL D 177 16.22 30.26 -78.25
C VAL D 177 15.42 29.66 -79.40
N ARG D 178 14.20 30.17 -79.62
CA ARG D 178 13.36 29.75 -80.75
C ARG D 178 12.78 30.98 -81.42
N PRO D 179 12.67 30.94 -82.75
CA PRO D 179 12.05 32.05 -83.48
C PRO D 179 10.55 32.17 -83.22
N PHE D 180 10.02 33.36 -83.47
CA PHE D 180 8.59 33.53 -83.55
C PHE D 180 8.05 32.92 -84.86
N SER D 181 6.83 32.40 -84.81
CA SER D 181 6.09 32.06 -86.02
C SER D 181 5.73 33.35 -86.75
N ALA D 182 5.71 33.31 -88.08
CA ALA D 182 5.43 34.50 -88.85
C ALA D 182 4.02 34.98 -88.57
N PRO D 183 3.80 36.31 -88.64
CA PRO D 183 4.80 37.35 -88.92
C PRO D 183 5.70 37.68 -87.73
N VAL D 184 7.01 37.54 -87.92
CA VAL D 184 8.00 37.79 -86.88
C VAL D 184 8.10 39.27 -86.45
N PRO D 185 7.89 39.55 -85.15
CA PRO D 185 7.98 40.93 -84.68
C PRO D 185 9.42 41.43 -84.76
N PHE D 186 9.61 42.72 -85.01
CA PHE D 186 10.94 43.27 -85.11
C PHE D 186 10.96 44.73 -84.67
N ARG D 187 12.14 45.31 -84.66
CA ARG D 187 12.27 46.72 -84.32
C ARG D 187 13.18 47.32 -85.37
N THR D 188 13.10 48.62 -85.56
CA THR D 188 13.99 49.23 -86.51
C THR D 188 15.03 50.06 -85.77
N VAL D 189 16.29 49.66 -85.93
CA VAL D 189 17.41 50.32 -85.30
C VAL D 189 17.95 51.45 -86.16
N ALA D 190 18.12 52.60 -85.52
CA ALA D 190 18.48 53.81 -86.20
C ALA D 190 19.50 54.65 -85.43
N ILE D 191 20.21 55.48 -86.18
CA ILE D 191 21.14 56.43 -85.59
C ILE D 191 20.52 57.84 -85.68
N ALA D 192 20.74 58.66 -84.64
CA ALA D 192 20.28 60.05 -84.60
C ALA D 192 21.44 60.99 -84.26
N TRP D 193 21.46 62.15 -84.91
CA TRP D 193 22.53 63.11 -84.70
C TRP D 193 22.10 64.54 -85.04
N ARG D 194 22.90 65.51 -84.61
CA ARG D 194 22.66 66.93 -84.88
C ARG D 194 22.97 67.29 -86.32
N ALA D 195 22.02 67.96 -86.97
CA ALA D 195 22.23 68.35 -88.35
C ALA D 195 23.42 69.29 -88.50
N SER D 196 23.76 70.02 -87.43
CA SER D 196 24.87 70.96 -87.49
C SER D 196 26.17 70.38 -86.93
N PHE D 197 26.24 69.07 -86.81
CA PHE D 197 27.43 68.42 -86.30
C PHE D 197 28.58 68.62 -87.27
N PRO D 198 29.69 69.16 -86.80
CA PRO D 198 30.83 69.52 -87.67
C PRO D 198 31.60 68.33 -88.23
N ARG D 199 31.13 67.11 -87.96
CA ARG D 199 31.84 65.93 -88.43
C ARG D 199 30.88 64.93 -89.04
N PRO D 200 30.27 65.29 -90.18
CA PRO D 200 29.25 64.41 -90.74
C PRO D 200 29.85 63.09 -91.21
N ARG D 201 31.13 63.11 -91.55
CA ARG D 201 31.81 61.93 -92.06
C ARG D 201 32.06 60.92 -90.95
N ALA D 202 32.26 61.38 -89.72
CA ALA D 202 32.31 60.45 -88.59
C ALA D 202 30.96 59.75 -88.45
N ILE D 203 29.88 60.51 -88.61
CA ILE D 203 28.55 59.92 -88.48
C ILE D 203 28.34 58.87 -89.57
N GLU D 204 28.86 59.16 -90.76
CA GLU D 204 28.70 58.23 -91.86
C GLU D 204 29.53 56.97 -91.62
N VAL D 205 30.79 57.13 -91.26
CA VAL D 205 31.63 55.97 -90.93
C VAL D 205 31.03 55.12 -89.81
N LEU D 206 30.54 55.74 -88.76
CA LEU D 206 29.81 55.02 -87.71
C LEU D 206 28.62 54.24 -88.29
N ALA D 207 27.82 54.88 -89.12
CA ALA D 207 26.61 54.22 -89.64
C ALA D 207 26.90 53.07 -90.60
N ASP D 208 27.84 53.28 -91.52
CA ASP D 208 28.30 52.22 -92.41
C ASP D 208 28.81 51.06 -91.57
N SER D 209 29.64 51.39 -90.58
CA SER D 209 30.19 50.38 -89.71
C SER D 209 29.10 49.58 -89.00
N ILE D 210 28.02 50.24 -88.59
CA ILE D 210 26.94 49.53 -87.90
C ILE D 210 26.22 48.61 -88.88
N ARG D 211 26.02 49.08 -90.09
CA ARG D 211 25.32 48.25 -91.07
C ARG D 211 26.13 47.03 -91.48
N LEU D 212 27.45 47.15 -91.51
CA LEU D 212 28.32 46.04 -91.91
C LEU D 212 28.49 44.94 -90.84
N CYS D 213 27.98 45.16 -89.63
CA CYS D 213 28.07 44.13 -88.59
C CYS D 213 26.70 43.73 -88.05
N SER D 214 26.17 42.59 -88.51
CA SER D 214 24.92 42.05 -88.00
C SER D 214 23.76 43.06 -88.04
N GLN E 5 16.25 -25.13 -12.27
CA GLN E 5 15.74 -26.50 -12.15
C GLN E 5 14.24 -26.57 -12.43
N LEU E 6 13.65 -25.40 -12.65
CA LEU E 6 12.21 -25.33 -12.77
C LEU E 6 11.77 -24.50 -13.98
N ALA E 7 12.69 -24.32 -14.92
CA ALA E 7 12.43 -23.48 -16.07
C ALA E 7 12.32 -24.30 -17.34
N ALA E 8 12.12 -25.60 -17.19
CA ALA E 8 12.01 -26.50 -18.34
C ALA E 8 10.75 -27.36 -18.23
N PRO E 9 10.18 -27.73 -19.38
CA PRO E 9 9.00 -28.59 -19.36
C PRO E 9 9.27 -29.90 -18.65
N LEU E 10 8.26 -30.39 -17.95
CA LEU E 10 8.39 -31.62 -17.21
C LEU E 10 7.48 -32.66 -17.87
N LYS E 11 8.01 -33.86 -18.11
CA LYS E 11 7.22 -34.89 -18.75
C LYS E 11 6.49 -35.70 -17.69
N VAL E 12 5.16 -35.62 -17.71
CA VAL E 12 4.31 -36.26 -16.72
C VAL E 12 3.25 -37.18 -17.33
N GLY E 13 3.22 -38.42 -16.87
CA GLY E 13 2.23 -39.38 -17.26
C GLY E 13 1.25 -39.61 -16.12
N ALA E 14 0.06 -40.12 -16.46
CA ALA E 14 -0.98 -40.39 -15.49
C ALA E 14 -1.87 -41.49 -16.03
N ILE E 15 -2.44 -42.30 -15.15
CA ILE E 15 -3.35 -43.33 -15.62
C ILE E 15 -4.65 -42.66 -16.07
N TYR E 16 -5.40 -43.37 -16.90
CA TYR E 16 -6.59 -42.85 -17.56
C TYR E 16 -7.62 -42.35 -16.55
N THR E 17 -7.72 -43.03 -15.42
CA THR E 17 -8.70 -42.66 -14.40
C THR E 17 -8.18 -41.66 -13.36
N ILE E 18 -6.96 -41.15 -13.54
CA ILE E 18 -6.48 -40.05 -12.69
C ILE E 18 -6.35 -38.75 -13.49
N GLY E 19 -5.63 -38.80 -14.61
CA GLY E 19 -5.31 -37.61 -15.40
C GLY E 19 -6.39 -36.53 -15.60
N PRO E 20 -7.50 -36.89 -16.26
CA PRO E 20 -8.50 -35.89 -16.62
C PRO E 20 -9.10 -35.19 -15.39
N TYR E 21 -8.98 -35.79 -14.22
CA TYR E 21 -9.62 -35.21 -13.04
C TYR E 21 -8.60 -34.57 -12.15
N LEU E 22 -7.34 -34.75 -12.50
CA LEU E 22 -6.30 -34.25 -11.67
C LEU E 22 -5.74 -32.99 -12.25
N PHE E 23 -5.44 -33.02 -13.54
CA PHE E 23 -4.76 -31.88 -14.19
C PHE E 23 -5.48 -30.53 -14.12
N PRO E 24 -6.82 -30.50 -14.24
CA PRO E 24 -7.46 -29.18 -14.15
C PRO E 24 -7.19 -28.46 -12.81
N HIS E 25 -6.99 -29.21 -11.73
CA HIS E 25 -6.64 -28.62 -10.43
C HIS E 25 -5.14 -28.43 -10.28
N LEU E 26 -4.39 -29.30 -10.94
CA LEU E 26 -2.95 -29.34 -10.82
C LEU E 26 -2.28 -28.15 -11.51
N ILE E 27 -2.74 -27.82 -12.71
CA ILE E 27 -2.14 -26.75 -13.53
C ILE E 27 -2.12 -25.35 -12.88
N PRO E 28 -3.23 -24.93 -12.24
CA PRO E 28 -3.11 -23.60 -11.64
C PRO E 28 -2.17 -23.54 -10.43
N GLN E 29 -2.23 -24.57 -9.59
CA GLN E 29 -1.32 -24.70 -8.45
C GLN E 29 0.15 -24.71 -8.90
N LEU E 30 0.43 -25.56 -9.87
CA LEU E 30 1.73 -25.54 -10.51
C LEU E 30 2.03 -24.14 -10.96
N HIS E 31 1.11 -23.51 -11.68
CA HIS E 31 1.38 -22.18 -12.21
C HIS E 31 1.83 -21.20 -11.11
N ARG E 32 1.27 -21.34 -9.90
CA ARG E 32 1.57 -20.37 -8.85
C ARG E 32 2.87 -20.67 -8.07
N VAL E 33 3.28 -21.94 -7.94
CA VAL E 33 4.59 -22.18 -7.31
C VAL E 33 5.66 -22.44 -8.38
N ALA E 34 5.27 -22.28 -9.64
CA ALA E 34 6.07 -22.86 -10.73
C ALA E 34 5.81 -22.31 -12.12
N PRO E 35 5.94 -21.01 -12.28
CA PRO E 35 5.39 -20.36 -13.46
C PRO E 35 6.04 -20.80 -14.77
N GLN E 36 7.35 -21.03 -14.76
CA GLN E 36 8.05 -21.34 -15.99
C GLN E 36 8.16 -22.82 -16.28
N PRO E 38 6.16 -25.85 -17.83
CA PRO E 38 4.96 -26.43 -18.42
C PRO E 38 5.03 -27.95 -18.37
N LEU E 39 3.92 -28.59 -18.72
CA LEU E 39 3.82 -30.02 -18.65
C LEU E 39 3.68 -30.63 -20.03
N TYR E 40 4.50 -31.61 -20.31
CA TYR E 40 4.25 -32.49 -21.42
C TYR E 40 3.48 -33.66 -20.83
N ILE E 41 2.23 -33.86 -21.24
CA ILE E 41 1.41 -34.84 -20.55
C ILE E 41 1.04 -36.04 -21.39
N GLU E 42 1.14 -37.21 -20.78
CA GLU E 42 0.62 -38.41 -21.39
C GLU E 42 -0.31 -39.16 -20.43
N GLU E 43 -1.38 -39.73 -20.97
CA GLU E 43 -2.25 -40.60 -20.21
C GLU E 43 -2.19 -41.98 -20.81
N ASN E 44 -2.07 -43.02 -19.98
CA ASN E 44 -1.98 -44.38 -20.46
C ASN E 44 -2.16 -45.44 -19.35
N PHE E 45 -2.10 -46.72 -19.73
CA PHE E 45 -2.12 -47.83 -18.79
C PHE E 45 -0.84 -47.85 -17.95
N THR E 46 -0.94 -48.40 -16.74
CA THR E 46 0.17 -48.43 -15.79
C THR E 46 1.47 -48.97 -16.39
N HIS E 47 1.43 -50.15 -17.00
CA HIS E 47 2.66 -50.81 -17.47
C HIS E 47 3.38 -49.99 -18.55
N ILE E 48 2.59 -49.35 -19.42
CA ILE E 48 3.15 -48.47 -20.42
C ILE E 48 3.81 -47.25 -19.77
N LEU E 49 3.11 -46.62 -18.82
CA LEU E 49 3.69 -45.47 -18.11
C LEU E 49 5.00 -45.85 -17.41
N ARG E 50 5.04 -47.05 -16.86
CA ARG E 50 6.21 -47.54 -16.17
C ARG E 50 7.35 -47.74 -17.18
N ASP E 51 7.02 -48.34 -18.34
CA ASP E 51 7.99 -48.49 -19.42
C ASP E 51 8.60 -47.14 -19.83
N LYS E 52 7.75 -46.13 -19.96
CA LYS E 52 8.24 -44.82 -20.38
C LYS E 52 9.06 -44.16 -19.30
N LEU E 53 8.69 -44.41 -18.05
CA LEU E 53 9.46 -43.84 -16.95
C LEU E 53 10.85 -44.47 -16.94
N ARG E 54 10.91 -45.76 -17.22
CA ARG E 54 12.17 -46.46 -17.26
C ARG E 54 13.03 -45.93 -18.40
N THR E 55 12.39 -45.67 -19.53
CA THR E 55 13.09 -45.22 -20.72
C THR E 55 13.52 -43.74 -20.66
N GLY E 56 12.78 -42.94 -19.91
CA GLY E 56 13.09 -41.52 -19.82
C GLY E 56 12.14 -40.66 -20.64
N GLU E 57 11.23 -41.31 -21.36
CA GLU E 57 10.21 -40.59 -22.14
C GLU E 57 9.27 -39.77 -21.26
N LEU E 58 9.07 -40.24 -20.03
CA LEU E 58 8.38 -39.49 -18.99
C LEU E 58 9.32 -39.31 -17.82
N ASP E 59 9.08 -38.25 -17.03
CA ASP E 59 9.94 -37.96 -15.88
C ASP E 59 9.25 -38.32 -14.57
N ALA E 60 7.92 -38.36 -14.62
CA ALA E 60 7.13 -38.61 -13.43
C ALA E 60 5.81 -39.22 -13.85
N ILE E 61 5.39 -40.27 -13.16
CA ILE E 61 4.09 -40.86 -13.46
C ILE E 61 3.21 -40.90 -12.21
N ILE E 62 1.93 -40.55 -12.40
CA ILE E 62 0.95 -40.55 -11.34
C ILE E 62 0.08 -41.80 -11.46
N ILE E 63 0.32 -42.75 -10.57
CA ILE E 63 -0.33 -44.06 -10.62
C ILE E 63 -1.08 -44.37 -9.33
N ALA E 64 -1.67 -45.57 -9.25
CA ALA E 64 -2.28 -46.06 -8.03
C ALA E 64 -1.47 -47.23 -7.45
N LEU E 65 -1.46 -47.36 -6.13
CA LEU E 65 -0.77 -48.46 -5.51
C LEU E 65 -1.53 -49.75 -5.73
N PRO E 66 -0.82 -50.89 -5.76
CA PRO E 66 0.63 -51.01 -5.53
C PRO E 66 1.44 -50.68 -6.76
N PHE E 67 2.66 -50.20 -6.55
CA PHE E 67 3.58 -49.94 -7.65
C PHE E 67 5.02 -49.91 -7.15
N GLN E 68 5.86 -50.77 -7.71
CA GLN E 68 7.24 -50.87 -7.30
C GLN E 68 8.15 -51.32 -8.44
N GLU E 69 9.23 -50.60 -8.66
CA GLU E 69 10.16 -50.96 -9.72
C GLU E 69 11.60 -50.94 -9.19
N ALA E 70 12.49 -51.62 -9.91
CA ALA E 70 13.84 -51.86 -9.41
C ALA E 70 14.64 -50.58 -9.16
N ASP E 71 14.51 -49.59 -10.05
CA ASP E 71 15.33 -48.38 -9.93
C ASP E 71 14.48 -47.12 -9.86
N VAL E 72 13.25 -47.29 -9.40
CA VAL E 72 12.28 -46.23 -9.36
C VAL E 72 11.82 -45.99 -7.93
N LEU E 73 11.82 -44.73 -7.51
CA LEU E 73 11.23 -44.37 -6.23
C LEU E 73 9.71 -44.26 -6.34
N THR E 74 9.01 -44.54 -5.25
CA THR E 74 7.55 -44.44 -5.22
C THR E 74 7.08 -43.77 -3.94
N LYS E 75 6.35 -42.69 -4.07
CA LYS E 75 5.87 -41.98 -2.90
C LYS E 75 4.36 -41.85 -2.90
N PRO E 76 3.71 -42.38 -1.85
CA PRO E 76 2.27 -42.20 -1.64
C PRO E 76 1.95 -40.71 -1.53
N LEU E 77 0.88 -40.27 -2.20
CA LEU E 77 0.50 -38.86 -2.21
C LEU E 77 -0.77 -38.64 -1.41
N PHE E 78 -1.81 -39.42 -1.70
CA PHE E 78 -3.04 -39.29 -0.92
C PHE E 78 -4.00 -40.45 -1.14
N ASP E 79 -5.01 -40.57 -0.29
CA ASP E 79 -6.07 -41.55 -0.46
C ASP E 79 -7.31 -40.96 -1.17
N GLU E 80 -7.98 -41.77 -1.98
CA GLU E 80 -9.14 -41.30 -2.76
C GLU E 80 -10.26 -42.33 -2.75
N PRO E 81 -11.36 -42.01 -2.03
CA PRO E 81 -12.51 -42.90 -1.91
C PRO E 81 -13.36 -42.92 -3.19
N PHE E 82 -14.12 -43.99 -3.40
CA PHE E 82 -14.97 -44.08 -4.58
C PHE E 82 -16.39 -43.63 -4.22
N TYR E 83 -17.16 -43.27 -5.23
CA TYR E 83 -18.57 -42.93 -5.10
C TYR E 83 -19.37 -43.70 -6.15
N VAL E 84 -20.67 -43.74 -5.97
CA VAL E 84 -21.56 -44.44 -6.89
C VAL E 84 -22.28 -43.43 -7.79
N LEU E 85 -22.20 -43.67 -9.08
CA LEU E 85 -22.77 -42.80 -10.10
C LEU E 85 -24.05 -43.42 -10.63
N PRO E 87 -28.18 -42.53 -12.72
CA PRO E 87 -29.09 -41.54 -13.30
C PRO E 87 -29.89 -40.81 -12.22
N ALA E 88 -30.45 -39.66 -12.57
CA ALA E 88 -31.30 -38.92 -11.65
C ALA E 88 -32.59 -39.68 -11.38
N ASP E 89 -33.00 -40.51 -12.34
CA ASP E 89 -34.26 -41.25 -12.30
C ASP E 89 -34.16 -42.51 -11.40
N HIS E 90 -32.94 -42.88 -11.04
CA HIS E 90 -32.71 -44.15 -10.35
C HIS E 90 -33.33 -44.18 -8.96
N PRO E 91 -33.84 -45.35 -8.54
CA PRO E 91 -34.32 -45.57 -7.17
C PRO E 91 -33.28 -45.19 -6.09
N TRP E 92 -32.01 -45.54 -6.31
CA TRP E 92 -30.96 -45.30 -5.32
C TRP E 92 -30.79 -43.82 -4.97
N THR E 93 -31.40 -42.92 -5.73
CA THR E 93 -31.32 -41.50 -5.43
C THR E 93 -32.03 -41.20 -4.12
N ALA E 94 -32.95 -42.08 -3.75
CA ALA E 94 -33.65 -41.95 -2.49
C ALA E 94 -32.73 -42.22 -1.30
N LYS E 95 -31.65 -42.96 -1.54
CA LYS E 95 -30.72 -43.32 -0.46
C LYS E 95 -29.75 -42.19 -0.16
N ALA E 96 -29.10 -42.26 0.99
CA ALA E 96 -28.10 -41.25 1.34
C ALA E 96 -26.72 -41.79 1.04
N SER E 97 -26.58 -43.10 1.17
CA SER E 97 -25.32 -43.78 0.91
C SER E 97 -25.65 -45.16 0.34
N ILE E 98 -24.70 -45.73 -0.40
CA ILE E 98 -24.91 -46.99 -1.09
C ILE E 98 -24.05 -48.09 -0.50
N ASP E 99 -24.69 -49.11 0.07
CA ASP E 99 -23.97 -50.29 0.56
C ASP E 99 -23.38 -51.04 -0.62
N SER E 100 -22.10 -51.40 -0.51
CA SER E 100 -21.37 -51.97 -1.64
C SER E 100 -22.04 -53.24 -2.18
N GLU E 101 -22.67 -54.00 -1.29
CA GLU E 101 -23.32 -55.25 -1.67
C GLU E 101 -24.49 -55.04 -2.63
N LEU E 102 -24.98 -53.81 -2.72
CA LEU E 102 -26.05 -53.50 -3.66
C LEU E 102 -25.56 -53.49 -5.10
N LEU E 103 -24.24 -53.36 -5.30
CA LEU E 103 -23.68 -53.24 -6.64
C LEU E 103 -23.64 -54.57 -7.40
N ASN E 104 -24.08 -55.64 -6.75
CA ASN E 104 -23.94 -57.00 -7.29
C ASN E 104 -24.79 -57.29 -8.53
N ASP E 105 -25.63 -56.33 -8.92
CA ASP E 105 -26.52 -56.55 -10.06
C ASP E 105 -25.80 -56.34 -11.40
N LYS E 106 -26.48 -56.72 -12.48
CA LYS E 106 -25.99 -56.65 -13.85
C LYS E 106 -25.58 -55.24 -14.29
N SER E 107 -26.44 -54.27 -14.02
CA SER E 107 -26.35 -52.93 -14.62
C SER E 107 -25.20 -52.07 -14.08
N LEU E 108 -24.20 -52.70 -13.47
CA LEU E 108 -22.97 -51.98 -13.10
C LEU E 108 -22.02 -51.95 -14.30
N LEU E 109 -21.66 -50.74 -14.72
CA LEU E 109 -20.84 -50.52 -15.90
C LEU E 109 -19.36 -50.41 -15.50
N LEU E 110 -18.53 -51.28 -16.06
CA LEU E 110 -17.12 -51.29 -15.72
C LEU E 110 -16.18 -51.10 -16.90
N LEU E 111 -15.04 -50.47 -16.61
CA LEU E 111 -13.94 -50.37 -17.55
C LEU E 111 -13.42 -51.72 -18.00
N GLY E 112 -12.72 -51.71 -19.11
CA GLY E 112 -12.22 -52.94 -19.69
C GLY E 112 -10.97 -53.39 -19.00
N GLU E 113 -10.38 -54.46 -19.54
CA GLU E 113 -9.13 -55.00 -19.00
C GLU E 113 -8.00 -54.02 -19.21
N GLY E 114 -7.06 -53.98 -18.28
CA GLY E 114 -5.94 -53.07 -18.39
C GLY E 114 -6.01 -51.95 -17.36
N HIS E 115 -7.22 -51.52 -17.03
CA HIS E 115 -7.40 -50.47 -16.03
C HIS E 115 -7.32 -51.09 -14.63
N CYS E 116 -6.49 -50.51 -13.77
CA CYS E 116 -6.39 -50.98 -12.40
C CYS E 116 -7.67 -50.64 -11.62
N PHE E 117 -8.36 -49.59 -12.06
CA PHE E 117 -9.58 -49.15 -11.41
C PHE E 117 -10.68 -50.19 -11.52
N ARG E 118 -10.70 -50.94 -12.63
CA ARG E 118 -11.62 -52.05 -12.78
C ARG E 118 -11.44 -53.07 -11.65
N ASP E 119 -10.19 -53.45 -11.40
CA ASP E 119 -9.91 -54.46 -10.38
C ASP E 119 -10.22 -53.92 -8.98
N GLN E 120 -9.97 -52.64 -8.79
CA GLN E 120 -10.27 -52.03 -7.50
C GLN E 120 -11.78 -52.04 -7.23
N VAL E 121 -12.58 -51.75 -8.25
CA VAL E 121 -14.03 -51.75 -8.13
C VAL E 121 -14.59 -53.15 -7.93
N LEU E 122 -14.03 -54.12 -8.66
CA LEU E 122 -14.42 -55.51 -8.46
C LEU E 122 -14.13 -55.95 -7.02
N GLU E 123 -12.96 -55.57 -6.52
CA GLU E 123 -12.54 -55.93 -5.15
C GLU E 123 -13.47 -55.33 -4.10
N ALA E 124 -14.06 -54.18 -4.42
CA ALA E 124 -14.96 -53.52 -3.49
C ALA E 124 -16.35 -54.12 -3.52
N CYS E 125 -16.54 -55.12 -4.37
CA CYS E 125 -17.81 -55.86 -4.48
C CYS E 125 -17.64 -57.37 -4.24
N PRO E 126 -18.74 -58.07 -3.91
CA PRO E 126 -18.69 -59.54 -3.74
C PRO E 126 -18.70 -60.29 -5.07
N HIS E 136 -22.02 -58.31 -14.00
CA HIS E 136 -21.47 -57.01 -14.37
C HIS E 136 -21.57 -56.75 -15.86
N THR E 137 -21.29 -55.52 -16.27
CA THR E 137 -21.30 -55.17 -17.69
C THR E 137 -19.99 -54.51 -18.10
N THR E 138 -19.10 -55.29 -18.68
CA THR E 138 -17.83 -54.76 -19.14
C THR E 138 -18.03 -54.18 -20.53
N VAL E 139 -17.76 -52.88 -20.65
CA VAL E 139 -17.83 -52.22 -21.94
C VAL E 139 -16.43 -52.05 -22.50
N GLU E 140 -16.22 -52.54 -23.72
CA GLU E 140 -14.90 -52.55 -24.33
C GLU E 140 -14.49 -51.14 -24.77
N SER E 141 -13.26 -50.78 -24.42
CA SER E 141 -12.68 -49.47 -24.76
C SER E 141 -13.52 -48.33 -24.19
N SER E 142 -13.97 -48.51 -22.96
CA SER E 142 -14.67 -47.46 -22.24
C SER E 142 -13.69 -46.44 -21.69
N SER E 143 -14.18 -45.22 -21.50
CA SER E 143 -13.56 -44.21 -20.66
C SER E 143 -14.51 -43.95 -19.49
N LEU E 144 -14.01 -43.39 -18.38
CA LEU E 144 -14.92 -43.07 -17.30
C LEU E 144 -15.95 -42.05 -17.79
N GLU E 145 -15.53 -41.13 -18.66
CA GLU E 145 -16.43 -40.15 -19.23
C GLU E 145 -17.53 -40.78 -20.09
N THR E 146 -17.12 -41.73 -20.92
CA THR E 146 -18.04 -42.52 -21.73
C THR E 146 -19.01 -43.32 -20.86
N ILE E 147 -18.48 -43.92 -19.80
CA ILE E 147 -19.32 -44.65 -18.87
C ILE E 147 -20.33 -43.70 -18.25
N ARG E 148 -19.89 -42.49 -17.94
CA ARG E 148 -20.78 -41.51 -17.35
C ARG E 148 -21.90 -41.10 -18.35
N HIS E 149 -21.56 -41.06 -19.64
CA HIS E 149 -22.56 -40.74 -20.66
C HIS E 149 -23.59 -41.83 -20.78
N VAL E 151 -24.37 -43.97 -18.42
CA VAL E 151 -25.17 -43.89 -17.21
C VAL E 151 -26.21 -42.77 -17.33
N ALA E 152 -25.79 -41.62 -17.84
CA ALA E 152 -26.69 -40.50 -18.03
C ALA E 152 -27.88 -40.90 -18.90
N SER E 153 -27.65 -41.76 -19.88
CA SER E 153 -28.72 -42.13 -20.81
C SER E 153 -29.64 -43.21 -20.23
N GLY E 154 -29.34 -43.68 -19.02
CA GLY E 154 -30.17 -44.65 -18.34
C GLY E 154 -29.77 -46.11 -18.51
N LEU E 155 -28.56 -46.35 -19.01
CA LEU E 155 -28.12 -47.70 -19.30
C LEU E 155 -27.77 -48.45 -18.01
N GLY E 156 -27.63 -47.72 -16.91
CA GLY E 156 -27.22 -48.34 -15.66
C GLY E 156 -26.46 -47.42 -14.72
N VAL E 157 -25.67 -48.02 -13.83
CA VAL E 157 -24.94 -47.26 -12.81
C VAL E 157 -23.47 -47.63 -12.83
N SER E 158 -22.62 -46.78 -12.23
CA SER E 158 -21.20 -47.14 -12.22
C SER E 158 -20.51 -46.66 -10.94
N VAL E 159 -19.19 -46.77 -10.91
CA VAL E 159 -18.41 -46.30 -9.77
C VAL E 159 -17.34 -45.32 -10.25
N LEU E 160 -17.20 -44.20 -9.56
CA LEU E 160 -16.25 -43.15 -9.94
C LEU E 160 -15.30 -42.84 -8.80
N PRO E 161 -14.03 -42.53 -9.12
CA PRO E 161 -13.17 -41.95 -8.10
C PRO E 161 -13.70 -40.57 -7.72
N PHE E 162 -13.45 -40.17 -6.48
CA PHE E 162 -13.96 -38.92 -5.91
C PHE E 162 -13.62 -37.71 -6.78
N SER E 163 -12.43 -37.70 -7.36
CA SER E 163 -11.99 -36.55 -8.13
C SER E 163 -12.81 -36.37 -9.41
N ALA E 164 -13.51 -37.41 -9.84
CA ALA E 164 -14.27 -37.36 -11.08
C ALA E 164 -15.70 -36.87 -10.93
N VAL E 165 -16.20 -36.81 -9.70
CA VAL E 165 -17.65 -36.67 -9.49
C VAL E 165 -18.20 -35.35 -10.01
N ASP E 166 -17.40 -34.31 -9.95
CA ASP E 166 -17.82 -33.01 -10.45
C ASP E 166 -17.13 -32.61 -11.76
N SER E 167 -16.51 -33.57 -12.44
CA SER E 167 -15.77 -33.26 -13.66
C SER E 167 -16.57 -33.63 -14.90
N HIS E 168 -17.71 -32.97 -15.07
CA HIS E 168 -18.56 -33.19 -16.22
C HIS E 168 -19.28 -31.89 -16.54
N HIS E 169 -20.02 -31.89 -17.64
CA HIS E 169 -20.71 -30.70 -18.12
C HIS E 169 -22.20 -30.95 -18.30
N TYR E 170 -22.74 -31.84 -17.50
CA TYR E 170 -24.18 -32.08 -17.53
C TYR E 170 -24.91 -31.10 -16.66
N ALA E 171 -26.07 -30.64 -17.13
CA ALA E 171 -26.95 -29.80 -16.32
C ALA E 171 -27.43 -30.60 -15.11
N PRO E 172 -27.68 -29.92 -13.97
CA PRO E 172 -28.22 -30.60 -12.79
C PRO E 172 -29.56 -31.30 -13.10
N GLY E 173 -29.75 -32.48 -12.54
CA GLY E 173 -30.96 -33.25 -12.77
C GLY E 173 -30.80 -34.39 -13.78
N VAL E 174 -29.56 -34.66 -14.16
CA VAL E 174 -29.30 -35.71 -15.14
C VAL E 174 -28.56 -36.87 -14.48
N ILE E 175 -27.58 -36.55 -13.66
CA ILE E 175 -26.85 -37.58 -12.92
C ILE E 175 -26.72 -37.25 -11.44
N GLU E 176 -26.61 -38.30 -10.63
CA GLU E 176 -26.46 -38.12 -9.20
C GLU E 176 -25.32 -38.99 -8.72
N VAL E 177 -24.67 -38.52 -7.67
CA VAL E 177 -23.60 -39.29 -7.07
C VAL E 177 -23.92 -39.49 -5.59
N ARG E 178 -23.70 -40.71 -5.11
CA ARG E 178 -23.91 -41.01 -3.69
C ARG E 178 -22.71 -41.73 -3.14
N PRO E 179 -22.28 -41.35 -1.94
CA PRO E 179 -21.14 -42.02 -1.30
C PRO E 179 -21.42 -43.49 -1.00
N PHE E 180 -20.35 -44.25 -0.76
CA PHE E 180 -20.44 -45.61 -0.26
C PHE E 180 -20.79 -45.59 1.22
N SER E 181 -21.44 -46.65 1.70
CA SER E 181 -21.56 -46.87 3.13
C SER E 181 -20.24 -47.41 3.68
N ALA E 182 -19.86 -46.97 4.87
CA ALA E 182 -18.58 -47.36 5.50
C ALA E 182 -18.50 -48.88 5.68
N PRO E 183 -17.31 -49.47 5.48
CA PRO E 183 -16.05 -48.83 5.08
C PRO E 183 -16.06 -48.41 3.60
N VAL E 184 -15.62 -47.19 3.32
CA VAL E 184 -15.62 -46.68 1.95
C VAL E 184 -14.37 -47.14 1.20
N PRO E 185 -14.57 -47.86 0.08
CA PRO E 185 -13.45 -48.30 -0.76
C PRO E 185 -12.64 -47.11 -1.26
N PHE E 186 -11.32 -47.25 -1.29
CA PHE E 186 -10.47 -46.18 -1.77
C PHE E 186 -9.27 -46.74 -2.48
N ARG E 187 -8.59 -45.86 -3.22
CA ARG E 187 -7.32 -46.23 -3.80
C ARG E 187 -6.30 -45.26 -3.28
N THR E 188 -5.04 -45.64 -3.36
CA THR E 188 -3.99 -44.75 -2.95
C THR E 188 -3.27 -44.22 -4.19
N VAL E 189 -3.33 -42.91 -4.37
CA VAL E 189 -2.66 -42.25 -5.49
C VAL E 189 -1.25 -41.86 -5.10
N ALA E 190 -0.31 -42.23 -5.97
CA ALA E 190 1.09 -41.97 -5.74
C ALA E 190 1.82 -41.49 -7.00
N ILE E 191 3.00 -40.93 -6.77
CA ILE E 191 3.89 -40.53 -7.83
C ILE E 191 5.08 -41.49 -7.84
N ALA E 192 5.58 -41.78 -9.03
CA ALA E 192 6.83 -42.50 -9.20
C ALA E 192 7.76 -41.71 -10.11
N TRP E 193 9.06 -41.81 -9.81
CA TRP E 193 10.09 -41.17 -10.62
C TRP E 193 11.40 -41.93 -10.48
N ARG E 194 12.39 -41.57 -11.30
CA ARG E 194 13.71 -42.19 -11.28
C ARG E 194 14.58 -41.67 -10.16
N ALA E 195 15.25 -42.60 -9.48
CA ALA E 195 16.22 -42.27 -8.44
C ALA E 195 17.25 -41.25 -8.93
N SER E 196 17.74 -41.45 -10.14
CA SER E 196 18.82 -40.61 -10.64
C SER E 196 18.36 -39.33 -11.37
N PHE E 197 17.08 -39.00 -11.26
CA PHE E 197 16.54 -37.83 -11.98
C PHE E 197 17.19 -36.53 -11.53
N PRO E 198 17.83 -35.82 -12.46
CA PRO E 198 18.63 -34.61 -12.17
C PRO E 198 17.83 -33.36 -11.81
N ARG E 199 16.54 -33.48 -11.55
CA ARG E 199 15.75 -32.34 -11.09
C ARG E 199 14.80 -32.70 -9.94
N PRO E 200 15.37 -32.98 -8.76
CA PRO E 200 14.55 -33.43 -7.62
C PRO E 200 13.52 -32.41 -7.14
N ARG E 201 13.84 -31.13 -7.29
CA ARG E 201 12.90 -30.11 -6.87
C ARG E 201 11.69 -30.03 -7.80
N ALA E 202 11.84 -30.54 -9.01
CA ALA E 202 10.70 -30.60 -9.92
C ALA E 202 9.71 -31.64 -9.42
N ILE E 203 10.24 -32.77 -8.96
CA ILE E 203 9.42 -33.85 -8.40
C ILE E 203 8.78 -33.40 -7.09
N GLU E 204 9.57 -32.73 -6.26
CA GLU E 204 9.05 -32.17 -5.02
C GLU E 204 7.90 -31.17 -5.28
N VAL E 205 8.09 -30.26 -6.25
CA VAL E 205 7.09 -29.26 -6.57
C VAL E 205 5.83 -29.88 -7.12
N LEU E 206 6.01 -30.81 -8.05
CA LEU E 206 4.93 -31.58 -8.61
C LEU E 206 4.12 -32.30 -7.53
N ALA E 207 4.82 -32.93 -6.59
CA ALA E 207 4.16 -33.73 -5.55
C ALA E 207 3.40 -32.85 -4.53
N ASP E 208 4.04 -31.76 -4.12
CA ASP E 208 3.38 -30.77 -3.27
C ASP E 208 2.11 -30.27 -3.95
N SER E 209 2.26 -29.80 -5.18
CA SER E 209 1.14 -29.28 -5.97
C SER E 209 0.01 -30.29 -6.09
N ILE E 210 0.35 -31.56 -6.25
CA ILE E 210 -0.70 -32.58 -6.30
C ILE E 210 -1.41 -32.65 -4.95
N ARG E 211 -0.63 -32.61 -3.86
CA ARG E 211 -1.20 -32.70 -2.52
C ARG E 211 -2.12 -31.51 -2.18
N LEU E 212 -1.84 -30.36 -2.77
CA LEU E 212 -2.70 -29.18 -2.62
C LEU E 212 -3.91 -29.12 -3.58
N CYS E 213 -4.28 -30.25 -4.19
CA CYS E 213 -5.51 -30.33 -5.00
C CYS E 213 -6.66 -30.95 -4.20
N GLN F 5 -39.20 -50.63 -31.35
CA GLN F 5 -38.34 -49.92 -32.27
C GLN F 5 -37.54 -48.83 -31.56
N LEU F 6 -38.19 -48.19 -30.59
CA LEU F 6 -37.64 -47.07 -29.88
C LEU F 6 -37.60 -47.34 -28.37
N ALA F 7 -37.62 -48.64 -28.04
CA ALA F 7 -37.62 -49.11 -26.66
C ALA F 7 -36.38 -49.94 -26.32
N ALA F 8 -35.52 -50.15 -27.32
CA ALA F 8 -34.31 -50.92 -27.13
C ALA F 8 -33.09 -49.99 -27.04
N PRO F 9 -32.04 -50.44 -26.35
CA PRO F 9 -30.81 -49.65 -26.30
C PRO F 9 -30.28 -49.41 -27.72
N LEU F 10 -29.70 -48.24 -27.92
CA LEU F 10 -29.15 -47.88 -29.22
C LEU F 10 -27.64 -47.84 -29.13
N LYS F 11 -26.99 -48.68 -29.93
CA LYS F 11 -25.54 -48.77 -29.92
C LYS F 11 -24.92 -47.75 -30.87
N VAL F 12 -24.27 -46.75 -30.27
CA VAL F 12 -23.74 -45.59 -30.98
C VAL F 12 -22.23 -45.45 -30.82
N GLY F 13 -21.55 -45.33 -31.96
CA GLY F 13 -20.13 -45.03 -31.99
C GLY F 13 -19.91 -43.56 -32.32
N ALA F 14 -18.79 -43.00 -31.89
CA ALA F 14 -18.43 -41.63 -32.19
C ALA F 14 -16.90 -41.49 -32.20
N ILE F 15 -16.38 -40.69 -33.13
CA ILE F 15 -14.92 -40.51 -33.15
C ILE F 15 -14.46 -39.77 -31.88
N TYR F 16 -13.19 -39.95 -31.52
CA TYR F 16 -12.63 -39.42 -30.27
C TYR F 16 -12.80 -37.91 -30.10
N THR F 17 -12.87 -37.18 -31.22
CA THR F 17 -12.85 -35.73 -31.19
C THR F 17 -14.24 -35.15 -31.36
N ILE F 18 -15.25 -35.99 -31.51
CA ILE F 18 -16.63 -35.54 -31.48
C ILE F 18 -17.29 -35.89 -30.13
N GLY F 19 -17.19 -37.15 -29.74
CA GLY F 19 -17.82 -37.69 -28.53
C GLY F 19 -17.97 -36.85 -27.28
N PRO F 20 -16.85 -36.44 -26.66
CA PRO F 20 -16.88 -35.71 -25.39
C PRO F 20 -17.54 -34.35 -25.47
N TYR F 21 -17.74 -33.85 -26.69
CA TYR F 21 -18.27 -32.51 -26.86
C TYR F 21 -19.66 -32.57 -27.47
N LEU F 22 -20.21 -33.77 -27.51
CA LEU F 22 -21.53 -33.96 -28.09
C LEU F 22 -22.53 -34.59 -27.13
N PHE F 23 -22.10 -35.65 -26.47
CA PHE F 23 -22.93 -36.40 -25.52
C PHE F 23 -23.49 -35.59 -24.34
N PRO F 24 -22.68 -34.68 -23.74
CA PRO F 24 -23.29 -33.84 -22.71
C PRO F 24 -24.55 -33.12 -23.18
N HIS F 25 -24.58 -32.74 -24.44
CA HIS F 25 -25.76 -32.08 -25.01
C HIS F 25 -26.71 -33.11 -25.61
N LEU F 26 -26.16 -34.17 -26.16
CA LEU F 26 -26.98 -35.16 -26.87
C LEU F 26 -27.91 -35.93 -25.94
N ILE F 27 -27.36 -36.42 -24.83
CA ILE F 27 -28.10 -37.27 -23.90
C ILE F 27 -29.41 -36.68 -23.35
N PRO F 28 -29.38 -35.43 -22.84
CA PRO F 28 -30.65 -34.85 -22.37
C PRO F 28 -31.69 -34.67 -23.49
N GLN F 29 -31.23 -34.29 -24.67
CA GLN F 29 -32.11 -34.08 -25.82
C GLN F 29 -32.78 -35.38 -26.23
N LEU F 30 -31.95 -36.41 -26.34
CA LEU F 30 -32.42 -37.72 -26.74
C LEU F 30 -33.30 -38.26 -25.62
N HIS F 31 -33.08 -37.81 -24.39
CA HIS F 31 -33.93 -38.21 -23.29
C HIS F 31 -35.33 -37.62 -23.47
N ARG F 32 -35.36 -36.34 -23.86
CA ARG F 32 -36.60 -35.63 -24.09
C ARG F 32 -37.44 -36.26 -25.19
N VAL F 33 -36.88 -36.29 -26.41
CA VAL F 33 -37.59 -36.85 -27.56
C VAL F 33 -37.85 -38.35 -27.43
N ALA F 34 -37.24 -38.97 -26.44
CA ALA F 34 -37.02 -40.40 -26.50
C ALA F 34 -36.56 -41.02 -25.19
N PRO F 35 -37.48 -41.10 -24.23
CA PRO F 35 -37.16 -41.40 -22.84
C PRO F 35 -36.76 -42.85 -22.59
N GLN F 36 -37.19 -43.74 -23.47
CA GLN F 36 -36.91 -45.15 -23.30
C GLN F 36 -35.83 -45.69 -24.23
N PRO F 38 -31.88 -45.76 -24.25
CA PRO F 38 -30.55 -45.52 -23.69
C PRO F 38 -29.47 -45.74 -24.75
N LEU F 39 -28.29 -45.21 -24.50
CA LEU F 39 -27.21 -45.34 -25.47
C LEU F 39 -26.09 -46.20 -24.95
N TYR F 40 -25.78 -47.25 -25.70
CA TYR F 40 -24.53 -47.94 -25.51
C TYR F 40 -23.51 -47.14 -26.32
N ILE F 41 -22.39 -46.75 -25.71
CA ILE F 41 -21.48 -45.82 -26.39
C ILE F 41 -20.04 -46.31 -26.56
N GLU F 42 -19.51 -46.15 -27.77
CA GLU F 42 -18.10 -46.39 -28.00
C GLU F 42 -17.45 -45.19 -28.68
N GLU F 43 -16.33 -44.73 -28.14
CA GLU F 43 -15.53 -43.73 -28.84
C GLU F 43 -14.33 -44.41 -29.44
N ASN F 44 -14.08 -44.17 -30.73
CA ASN F 44 -12.90 -44.80 -31.35
C ASN F 44 -12.50 -44.11 -32.65
N PHE F 45 -11.50 -44.68 -33.32
CA PHE F 45 -11.06 -44.14 -34.61
C PHE F 45 -12.12 -44.41 -35.66
N THR F 46 -12.05 -43.67 -36.77
CA THR F 46 -13.03 -43.78 -37.83
C THR F 46 -13.10 -45.19 -38.43
N HIS F 47 -11.97 -45.72 -38.87
CA HIS F 47 -11.95 -47.04 -39.52
C HIS F 47 -12.46 -48.15 -38.60
N ILE F 48 -12.13 -48.07 -37.31
CA ILE F 48 -12.62 -49.04 -36.33
C ILE F 48 -14.14 -48.97 -36.17
N LEU F 49 -14.67 -47.74 -36.11
CA LEU F 49 -16.13 -47.54 -36.07
C LEU F 49 -16.78 -48.07 -37.34
N ARG F 50 -16.11 -47.88 -38.47
CA ARG F 50 -16.60 -48.36 -39.75
C ARG F 50 -16.73 -49.88 -39.73
N ASP F 51 -15.70 -50.56 -39.26
CA ASP F 51 -15.73 -52.02 -39.17
C ASP F 51 -16.81 -52.47 -38.19
N LYS F 52 -16.96 -51.74 -37.10
CA LYS F 52 -17.93 -52.16 -36.08
C LYS F 52 -19.36 -51.93 -36.58
N LEU F 53 -19.51 -51.01 -37.52
CA LEU F 53 -20.80 -50.77 -38.15
C LEU F 53 -21.10 -51.87 -39.17
N ARG F 54 -20.09 -52.27 -39.94
CA ARG F 54 -20.28 -53.33 -40.94
C ARG F 54 -20.65 -54.63 -40.23
N THR F 55 -19.99 -54.89 -39.11
CA THR F 55 -20.24 -56.08 -38.31
C THR F 55 -21.68 -56.15 -37.79
N GLY F 56 -22.24 -54.98 -37.48
CA GLY F 56 -23.52 -54.91 -36.82
C GLY F 56 -23.35 -54.65 -35.33
N GLU F 57 -22.10 -54.64 -34.87
CA GLU F 57 -21.79 -54.38 -33.46
C GLU F 57 -22.27 -53.00 -33.01
N LEU F 58 -22.24 -52.04 -33.94
CA LEU F 58 -22.85 -50.72 -33.69
C LEU F 58 -24.04 -50.52 -34.62
N ASP F 59 -24.98 -49.66 -34.20
CA ASP F 59 -26.17 -49.35 -34.99
C ASP F 59 -25.96 -48.08 -35.81
N ALA F 60 -25.22 -47.11 -35.25
CA ALA F 60 -24.96 -45.84 -35.93
C ALA F 60 -23.68 -45.22 -35.40
N ILE F 61 -22.89 -44.66 -36.32
CA ILE F 61 -21.67 -43.99 -35.93
C ILE F 61 -21.68 -42.51 -36.30
N ILE F 62 -21.05 -41.72 -35.44
CA ILE F 62 -20.92 -40.28 -35.63
C ILE F 62 -19.48 -39.96 -35.98
N ILE F 63 -19.31 -39.54 -37.24
CA ILE F 63 -17.98 -39.35 -37.84
C ILE F 63 -17.85 -38.02 -38.55
N ALA F 64 -16.69 -37.79 -39.15
CA ALA F 64 -16.47 -36.59 -39.95
C ALA F 64 -16.21 -36.97 -41.39
N LEU F 65 -16.66 -36.13 -42.32
CA LEU F 65 -16.39 -36.34 -43.74
C LEU F 65 -14.91 -36.09 -44.03
N PRO F 66 -14.38 -36.72 -45.08
CA PRO F 66 -15.06 -37.62 -46.03
C PRO F 66 -15.33 -38.99 -45.44
N PHE F 67 -16.46 -39.57 -45.84
CA PHE F 67 -16.84 -40.90 -45.40
C PHE F 67 -17.93 -41.47 -46.28
N GLN F 68 -17.62 -42.56 -46.98
CA GLN F 68 -18.57 -43.19 -47.86
C GLN F 68 -18.29 -44.68 -47.94
N GLU F 69 -19.31 -45.48 -47.72
CA GLU F 69 -19.17 -46.92 -47.66
C GLU F 69 -20.31 -47.62 -48.37
N ALA F 70 -19.99 -48.71 -49.08
CA ALA F 70 -21.00 -49.49 -49.77
C ALA F 70 -22.07 -50.01 -48.80
N ASP F 71 -23.33 -49.83 -49.19
CA ASP F 71 -24.48 -50.23 -48.40
C ASP F 71 -24.52 -49.54 -47.04
N VAL F 72 -23.77 -48.44 -46.92
CA VAL F 72 -23.89 -47.60 -45.75
C VAL F 72 -24.41 -46.21 -46.14
N LEU F 73 -25.57 -45.87 -45.60
CA LEU F 73 -26.15 -44.54 -45.73
C LEU F 73 -25.43 -43.53 -44.86
N THR F 74 -24.92 -42.48 -45.50
CA THR F 74 -24.23 -41.43 -44.79
C THR F 74 -25.00 -40.13 -44.95
N LYS F 75 -25.42 -39.54 -43.84
CA LYS F 75 -26.17 -38.29 -43.85
C LYS F 75 -25.42 -37.16 -43.14
N PRO F 76 -24.93 -36.19 -43.92
CA PRO F 76 -24.26 -34.99 -43.39
C PRO F 76 -25.16 -34.19 -42.44
N LEU F 77 -24.67 -33.91 -41.23
CA LEU F 77 -25.49 -33.21 -40.25
C LEU F 77 -25.13 -31.75 -40.12
N PHE F 78 -23.88 -31.41 -39.81
CA PHE F 78 -23.54 -29.96 -39.78
C PHE F 78 -22.07 -29.61 -40.04
N ASP F 79 -21.81 -28.33 -40.28
CA ASP F 79 -20.43 -27.87 -40.44
C ASP F 79 -19.95 -27.22 -39.16
N GLU F 80 -18.85 -27.73 -38.62
CA GLU F 80 -18.28 -27.24 -37.38
C GLU F 80 -16.93 -26.57 -37.67
N PRO F 81 -16.81 -25.26 -37.39
CA PRO F 81 -15.58 -24.49 -37.63
C PRO F 81 -14.50 -24.80 -36.60
N PHE F 82 -13.24 -24.47 -36.90
CA PHE F 82 -12.18 -24.69 -35.93
C PHE F 82 -11.77 -23.38 -35.28
N TYR F 83 -11.08 -23.49 -34.15
CA TYR F 83 -10.64 -22.35 -33.37
C TYR F 83 -9.24 -22.64 -32.86
N VAL F 84 -8.49 -21.59 -32.55
CA VAL F 84 -7.16 -21.75 -32.01
C VAL F 84 -7.21 -21.58 -30.50
N LEU F 85 -6.56 -22.52 -29.82
CA LEU F 85 -6.42 -22.57 -28.37
C LEU F 85 -5.02 -22.10 -27.97
N PRO F 87 -2.48 -20.37 -24.39
CA PRO F 87 -2.29 -19.87 -23.03
C PRO F 87 -2.85 -18.46 -22.93
N ALA F 88 -3.48 -18.12 -21.81
CA ALA F 88 -4.07 -16.80 -21.65
C ALA F 88 -3.04 -15.66 -21.69
N ASP F 89 -1.77 -15.96 -21.50
CA ASP F 89 -0.74 -14.92 -21.51
C ASP F 89 0.06 -14.92 -22.82
N HIS F 90 -0.44 -15.64 -23.81
CA HIS F 90 0.17 -15.72 -25.14
C HIS F 90 0.01 -14.41 -25.89
N PRO F 91 1.01 -14.02 -26.70
CA PRO F 91 0.95 -12.78 -27.49
C PRO F 91 -0.28 -12.74 -28.39
N TRP F 92 -0.62 -13.88 -29.00
CA TRP F 92 -1.78 -13.93 -29.89
C TRP F 92 -3.09 -13.51 -29.22
N THR F 93 -3.13 -13.39 -27.89
CA THR F 93 -4.36 -12.96 -27.24
C THR F 93 -4.70 -11.53 -27.66
N ALA F 94 -3.69 -10.76 -28.06
CA ALA F 94 -3.96 -9.38 -28.50
C ALA F 94 -4.77 -9.37 -29.81
N LYS F 95 -4.61 -10.41 -30.62
CA LYS F 95 -5.27 -10.49 -31.93
C LYS F 95 -6.75 -10.87 -31.81
N ALA F 96 -7.56 -10.42 -32.76
CA ALA F 96 -8.97 -10.80 -32.83
C ALA F 96 -9.14 -12.14 -33.51
N SER F 97 -8.26 -12.45 -34.46
CA SER F 97 -8.31 -13.75 -35.11
C SER F 97 -6.90 -14.18 -35.51
N ILE F 98 -6.75 -15.45 -35.87
CA ILE F 98 -5.45 -16.00 -36.14
C ILE F 98 -5.36 -16.45 -37.60
N ASP F 99 -4.43 -15.86 -38.35
CA ASP F 99 -4.14 -16.32 -39.71
C ASP F 99 -3.55 -17.70 -39.67
N SER F 100 -4.15 -18.63 -40.41
CA SER F 100 -3.75 -20.03 -40.36
C SER F 100 -2.25 -20.22 -40.62
N GLU F 101 -1.64 -19.32 -41.38
CA GLU F 101 -0.22 -19.44 -41.75
C GLU F 101 0.70 -19.23 -40.56
N LEU F 102 0.18 -18.60 -39.50
CA LEU F 102 0.92 -18.43 -38.26
C LEU F 102 1.11 -19.76 -37.49
N LEU F 103 0.42 -20.81 -37.90
CA LEU F 103 0.52 -22.10 -37.25
C LEU F 103 1.63 -22.90 -37.93
N ASN F 104 2.86 -22.42 -37.80
CA ASN F 104 3.99 -23.01 -38.50
C ASN F 104 5.14 -23.36 -37.55
N ASP F 105 4.86 -23.38 -36.25
CA ASP F 105 5.87 -23.61 -35.22
C ASP F 105 5.85 -25.03 -34.67
N LYS F 106 6.82 -25.33 -33.81
CA LYS F 106 6.79 -26.53 -32.99
C LYS F 106 5.79 -26.35 -31.83
N SER F 107 5.35 -25.11 -31.63
CA SER F 107 4.42 -24.80 -30.56
C SER F 107 3.01 -25.31 -30.89
N LEU F 108 2.83 -25.79 -32.11
CA LEU F 108 1.55 -26.37 -32.51
C LEU F 108 1.48 -27.82 -32.05
N LEU F 109 0.51 -28.09 -31.17
CA LEU F 109 0.33 -29.42 -30.63
C LEU F 109 -0.70 -30.18 -31.43
N LEU F 110 -0.31 -31.34 -31.96
CA LEU F 110 -1.22 -32.11 -32.79
C LEU F 110 -1.52 -33.48 -32.21
N LEU F 111 -2.64 -34.05 -32.63
CA LEU F 111 -2.99 -35.42 -32.30
C LEU F 111 -2.18 -36.41 -33.15
N GLY F 112 -2.19 -37.68 -32.76
CA GLY F 112 -1.51 -38.73 -33.49
C GLY F 112 -2.19 -39.08 -34.80
N GLU F 113 -1.57 -39.98 -35.56
CA GLU F 113 -1.94 -40.22 -36.95
C GLU F 113 -3.39 -40.66 -37.16
N GLY F 114 -3.85 -41.65 -36.40
CA GLY F 114 -5.16 -42.21 -36.59
C GLY F 114 -6.34 -41.26 -36.55
N HIS F 115 -6.14 -40.05 -36.04
CA HIS F 115 -7.22 -39.08 -35.92
C HIS F 115 -7.43 -38.28 -37.22
N CYS F 116 -8.69 -38.15 -37.63
CA CYS F 116 -9.00 -37.45 -38.88
C CYS F 116 -8.86 -35.93 -38.68
N PHE F 117 -8.99 -35.51 -37.43
CA PHE F 117 -8.89 -34.11 -37.07
C PHE F 117 -7.46 -33.64 -37.24
N ARG F 118 -6.50 -34.52 -36.95
CA ARG F 118 -5.09 -34.24 -37.24
C ARG F 118 -4.89 -33.83 -38.70
N ASP F 119 -5.39 -34.65 -39.61
CA ASP F 119 -5.27 -34.37 -41.04
C ASP F 119 -6.01 -33.08 -41.43
N GLN F 120 -7.16 -32.86 -40.80
CA GLN F 120 -7.92 -31.64 -41.07
C GLN F 120 -7.15 -30.37 -40.66
N VAL F 121 -6.57 -30.37 -39.47
CA VAL F 121 -5.73 -29.26 -39.04
C VAL F 121 -4.49 -29.12 -39.94
N LEU F 122 -3.89 -30.24 -40.31
CA LEU F 122 -2.73 -30.23 -41.19
C LEU F 122 -3.06 -29.62 -42.56
N GLU F 123 -4.25 -29.90 -43.06
CA GLU F 123 -4.71 -29.31 -44.30
C GLU F 123 -5.06 -27.84 -44.11
N ALA F 124 -5.41 -27.48 -42.88
CA ALA F 124 -5.71 -26.08 -42.59
C ALA F 124 -4.44 -25.26 -42.44
N CYS F 125 -3.30 -25.94 -42.24
CA CYS F 125 -2.05 -25.23 -42.02
C CYS F 125 -1.12 -25.34 -43.25
N PRO F 126 -0.07 -24.51 -43.29
CA PRO F 126 0.95 -24.65 -44.35
C PRO F 126 1.60 -26.03 -44.35
N ASN F 134 6.75 -33.51 -38.28
CA ASN F 134 8.03 -32.97 -38.71
C ASN F 134 8.25 -31.57 -38.15
N LYS F 135 7.42 -30.64 -38.59
CA LYS F 135 7.57 -29.24 -38.20
C LYS F 135 6.73 -28.88 -36.96
N HIS F 136 5.69 -29.66 -36.69
CA HIS F 136 4.84 -29.45 -35.53
C HIS F 136 5.18 -30.44 -34.41
N THR F 137 4.56 -30.27 -33.24
CA THR F 137 4.75 -31.23 -32.14
C THR F 137 3.59 -32.20 -32.07
N THR F 138 3.82 -33.44 -32.51
CA THR F 138 2.81 -34.47 -32.46
C THR F 138 2.94 -35.23 -31.14
N VAL F 139 1.93 -35.11 -30.29
CA VAL F 139 1.91 -35.82 -29.03
C VAL F 139 1.12 -37.11 -29.20
N GLU F 140 1.83 -38.23 -29.17
CA GLU F 140 1.19 -39.52 -29.33
C GLU F 140 0.39 -39.88 -28.08
N SER F 141 -0.67 -40.65 -28.25
CA SER F 141 -1.48 -41.13 -27.13
C SER F 141 -2.09 -39.95 -26.39
N SER F 142 -2.35 -38.88 -27.14
CA SER F 142 -3.03 -37.74 -26.56
C SER F 142 -4.45 -37.67 -27.08
N SER F 143 -5.31 -37.04 -26.29
CA SER F 143 -6.64 -36.59 -26.71
C SER F 143 -6.66 -35.07 -26.69
N LEU F 144 -7.78 -34.45 -27.06
CA LEU F 144 -7.84 -32.99 -27.07
C LEU F 144 -7.82 -32.43 -25.66
N GLU F 145 -8.30 -33.19 -24.68
CA GLU F 145 -8.30 -32.71 -23.30
C GLU F 145 -6.89 -32.62 -22.75
N THR F 146 -6.10 -33.62 -23.11
CA THR F 146 -4.70 -33.62 -22.75
C THR F 146 -3.98 -32.47 -23.41
N ILE F 147 -4.37 -32.16 -24.64
CA ILE F 147 -3.78 -31.03 -25.32
C ILE F 147 -4.20 -29.74 -24.65
N ARG F 148 -5.44 -29.67 -24.17
CA ARG F 148 -5.89 -28.48 -23.48
C ARG F 148 -5.07 -28.29 -22.19
N HIS F 149 -4.89 -29.35 -21.43
CA HIS F 149 -4.07 -29.27 -20.23
C HIS F 149 -2.63 -28.81 -20.53
N VAL F 151 -1.52 -27.08 -23.08
CA VAL F 151 -1.60 -25.65 -23.42
C VAL F 151 -1.78 -24.79 -22.17
N ALA F 152 -2.70 -25.21 -21.31
CA ALA F 152 -2.97 -24.48 -20.08
C ALA F 152 -1.72 -24.37 -19.19
N SER F 153 -0.82 -25.35 -19.30
CA SER F 153 0.38 -25.34 -18.45
C SER F 153 1.44 -24.44 -19.08
N GLY F 154 1.21 -24.03 -20.33
CA GLY F 154 2.09 -23.10 -21.00
C GLY F 154 3.01 -23.71 -22.04
N LEU F 155 2.73 -24.96 -22.41
CA LEU F 155 3.60 -25.71 -23.29
C LEU F 155 3.57 -25.18 -24.72
N GLY F 156 2.38 -24.94 -25.25
CA GLY F 156 2.29 -24.53 -26.62
C GLY F 156 0.95 -23.97 -27.02
N VAL F 157 0.50 -24.37 -28.20
CA VAL F 157 -0.71 -23.82 -28.78
C VAL F 157 -1.41 -24.92 -29.58
N SER F 158 -2.72 -24.83 -29.79
CA SER F 158 -3.36 -25.90 -30.56
C SER F 158 -4.63 -25.47 -31.29
N VAL F 159 -5.33 -26.44 -31.88
CA VAL F 159 -6.56 -26.18 -32.61
C VAL F 159 -7.66 -27.12 -32.15
N LEU F 160 -8.85 -26.57 -31.97
CA LEU F 160 -10.00 -27.31 -31.46
C LEU F 160 -11.22 -27.15 -32.36
N PRO F 161 -12.07 -28.17 -32.39
CA PRO F 161 -13.40 -28.00 -32.99
C PRO F 161 -14.26 -27.12 -32.08
N PHE F 162 -15.12 -26.28 -32.65
CA PHE F 162 -15.88 -25.32 -31.87
C PHE F 162 -16.56 -25.91 -30.63
N SER F 163 -17.17 -27.08 -30.79
CA SER F 163 -17.96 -27.66 -29.71
C SER F 163 -17.15 -27.97 -28.46
N ALA F 164 -15.83 -28.02 -28.61
CA ALA F 164 -14.93 -28.27 -27.49
C ALA F 164 -14.36 -27.02 -26.83
N VAL F 165 -14.62 -25.83 -27.37
CA VAL F 165 -13.93 -24.65 -26.83
C VAL F 165 -14.29 -24.29 -25.38
N ASP F 166 -15.48 -24.67 -24.93
CA ASP F 166 -15.92 -24.29 -23.58
C ASP F 166 -16.07 -25.50 -22.66
N SER F 167 -15.65 -26.65 -23.16
CA SER F 167 -15.85 -27.90 -22.45
C SER F 167 -14.63 -28.15 -21.55
N HIS F 168 -14.48 -27.31 -20.52
CA HIS F 168 -13.41 -27.47 -19.56
C HIS F 168 -13.77 -26.85 -18.21
N HIS F 169 -12.92 -27.10 -17.21
CA HIS F 169 -13.18 -26.63 -15.86
C HIS F 169 -12.15 -25.64 -15.37
N TYR F 170 -11.60 -24.82 -16.26
CA TYR F 170 -10.65 -23.80 -15.85
C TYR F 170 -11.35 -22.49 -15.60
N ALA F 171 -10.88 -21.76 -14.59
CA ALA F 171 -11.33 -20.39 -14.33
C ALA F 171 -10.81 -19.47 -15.44
N PRO F 172 -11.41 -18.28 -15.58
CA PRO F 172 -10.91 -17.34 -16.59
C PRO F 172 -9.48 -16.91 -16.29
N GLY F 173 -8.69 -16.65 -17.34
CA GLY F 173 -7.30 -16.25 -17.18
C GLY F 173 -6.30 -17.38 -17.31
N VAL F 174 -6.77 -18.55 -17.71
CA VAL F 174 -5.87 -19.68 -17.92
C VAL F 174 -5.71 -19.97 -19.41
N ILE F 175 -6.82 -20.16 -20.11
CA ILE F 175 -6.74 -20.38 -21.54
C ILE F 175 -7.65 -19.43 -22.29
N GLU F 176 -7.26 -19.12 -23.52
CA GLU F 176 -8.06 -18.28 -24.39
C GLU F 176 -8.25 -18.99 -25.72
N VAL F 177 -9.28 -18.56 -26.44
CA VAL F 177 -9.57 -19.10 -27.76
C VAL F 177 -9.77 -17.93 -28.72
N ARG F 178 -9.34 -18.12 -29.97
CA ARG F 178 -9.53 -17.11 -31.00
C ARG F 178 -10.00 -17.82 -32.25
N PRO F 179 -10.86 -17.17 -33.05
CA PRO F 179 -11.21 -17.73 -34.35
C PRO F 179 -10.06 -17.66 -35.33
N PHE F 180 -10.11 -18.52 -36.34
CA PHE F 180 -9.27 -18.38 -37.52
C PHE F 180 -9.75 -17.18 -38.32
N SER F 181 -8.83 -16.45 -38.95
CA SER F 181 -9.19 -15.48 -39.98
C SER F 181 -9.85 -16.21 -41.14
N ALA F 182 -10.78 -15.55 -41.83
CA ALA F 182 -11.41 -16.14 -43.01
C ALA F 182 -10.35 -16.48 -44.07
N PRO F 183 -10.61 -17.53 -44.87
CA PRO F 183 -11.74 -18.46 -44.68
C PRO F 183 -11.48 -19.42 -43.52
N VAL F 184 -12.46 -19.58 -42.65
CA VAL F 184 -12.35 -20.46 -41.50
C VAL F 184 -12.38 -21.95 -41.86
N PRO F 185 -11.38 -22.71 -41.42
CA PRO F 185 -11.46 -24.16 -41.66
C PRO F 185 -12.58 -24.83 -40.84
N PHE F 186 -13.14 -25.93 -41.37
CA PHE F 186 -14.24 -26.62 -40.71
C PHE F 186 -14.27 -28.10 -41.08
N ARG F 187 -14.98 -28.88 -40.28
CA ARG F 187 -15.24 -30.27 -40.60
C ARG F 187 -16.74 -30.47 -40.77
N THR F 188 -17.13 -31.56 -41.40
CA THR F 188 -18.55 -31.83 -41.57
C THR F 188 -18.91 -33.05 -40.75
N VAL F 189 -19.68 -32.83 -39.70
CA VAL F 189 -20.13 -33.92 -38.86
C VAL F 189 -21.28 -34.61 -39.57
N ALA F 190 -21.21 -35.94 -39.59
CA ALA F 190 -22.21 -36.79 -40.22
C ALA F 190 -22.51 -38.04 -39.41
N ILE F 191 -23.67 -38.62 -39.71
CA ILE F 191 -24.09 -39.87 -39.12
C ILE F 191 -24.14 -40.93 -40.21
N ALA F 192 -23.62 -42.10 -39.91
CA ALA F 192 -23.71 -43.22 -40.83
C ALA F 192 -24.35 -44.41 -40.15
N TRP F 193 -25.17 -45.13 -40.90
CA TRP F 193 -25.81 -46.34 -40.43
C TRP F 193 -25.93 -47.27 -41.60
N ARG F 194 -26.11 -48.55 -41.31
CA ARG F 194 -26.01 -49.57 -42.34
C ARG F 194 -27.35 -49.71 -43.06
N ALA F 195 -27.29 -49.84 -44.38
CA ALA F 195 -28.48 -50.15 -45.16
C ALA F 195 -28.67 -51.67 -45.21
N SER F 196 -29.82 -52.12 -44.73
CA SER F 196 -30.74 -51.22 -44.06
C SER F 196 -30.99 -51.70 -42.64
N PHE F 197 -30.44 -50.94 -41.71
CA PHE F 197 -30.73 -51.09 -40.30
C PHE F 197 -32.22 -50.93 -40.07
N PRO F 198 -32.85 -51.89 -39.37
CA PRO F 198 -34.23 -51.63 -38.93
C PRO F 198 -34.25 -50.46 -37.96
N ARG F 199 -35.40 -50.12 -37.38
CA ARG F 199 -35.49 -48.91 -36.56
C ARG F 199 -34.88 -47.68 -37.26
N PRO F 200 -35.36 -47.34 -38.48
CA PRO F 200 -34.79 -46.14 -39.10
C PRO F 200 -35.21 -44.88 -38.38
N ARG F 201 -36.28 -44.97 -37.59
CA ARG F 201 -36.77 -43.85 -36.79
C ARG F 201 -35.82 -43.53 -35.64
N ALA F 202 -35.17 -44.55 -35.08
CA ALA F 202 -34.16 -44.31 -34.06
C ALA F 202 -33.06 -43.47 -34.68
N ILE F 203 -32.66 -43.85 -35.90
CA ILE F 203 -31.69 -43.09 -36.66
C ILE F 203 -32.14 -41.65 -36.87
N GLU F 204 -33.42 -41.46 -37.20
CA GLU F 204 -33.90 -40.11 -37.48
C GLU F 204 -33.87 -39.22 -36.22
N VAL F 205 -34.35 -39.77 -35.11
CA VAL F 205 -34.33 -39.09 -33.81
C VAL F 205 -32.91 -38.74 -33.40
N LEU F 206 -32.02 -39.69 -33.59
CA LEU F 206 -30.63 -39.48 -33.27
C LEU F 206 -30.08 -38.35 -34.11
N ALA F 207 -30.35 -38.38 -35.41
CA ALA F 207 -29.84 -37.35 -36.32
C ALA F 207 -30.32 -35.96 -35.91
N ASP F 208 -31.62 -35.83 -35.65
CA ASP F 208 -32.15 -34.51 -35.29
C ASP F 208 -31.59 -34.04 -33.94
N SER F 209 -31.46 -34.96 -32.98
CA SER F 209 -30.87 -34.61 -31.69
C SER F 209 -29.40 -34.13 -31.79
N ILE F 210 -28.60 -34.88 -32.56
CA ILE F 210 -27.22 -34.51 -32.86
C ILE F 210 -27.15 -33.14 -33.50
N ARG F 211 -28.03 -32.90 -34.48
CA ARG F 211 -28.10 -31.62 -35.17
C ARG F 211 -28.37 -30.50 -34.17
N LEU F 212 -29.37 -30.71 -33.32
CA LEU F 212 -29.72 -29.71 -32.32
C LEU F 212 -28.55 -29.38 -31.39
N CYS F 213 -27.67 -30.36 -31.13
CA CYS F 213 -26.51 -30.06 -30.29
C CYS F 213 -25.58 -28.99 -30.87
N SER F 214 -25.57 -28.86 -32.20
CA SER F 214 -24.66 -27.94 -32.87
C SER F 214 -25.16 -26.51 -32.85
N VAL F 215 -26.29 -26.27 -32.18
CA VAL F 215 -26.90 -24.94 -32.18
C VAL F 215 -26.13 -23.96 -31.29
N ALA F 216 -25.90 -22.77 -31.83
CA ALA F 216 -25.27 -21.66 -31.12
C ALA F 216 -26.14 -21.06 -30.01
N ARG F 217 -26.20 -21.71 -28.85
CA ARG F 217 -26.98 -21.21 -27.70
C ARG F 217 -26.42 -19.92 -27.12
N PRO F 218 -27.31 -18.93 -26.91
CA PRO F 218 -26.95 -17.63 -26.31
C PRO F 218 -26.66 -17.73 -24.81
N ALA G 4 -50.85 -34.29 -28.98
CA ALA G 4 -52.01 -34.08 -28.11
C ALA G 4 -52.66 -32.71 -28.34
N GLN G 5 -52.14 -31.70 -27.65
CA GLN G 5 -52.63 -30.32 -27.81
C GLN G 5 -51.98 -29.67 -29.03
N LEU G 6 -51.62 -30.53 -29.97
CA LEU G 6 -50.89 -30.13 -31.17
C LEU G 6 -51.74 -30.27 -32.42
N ALA G 7 -53.06 -30.09 -32.24
CA ALA G 7 -54.05 -30.37 -33.27
C ALA G 7 -54.92 -29.15 -33.60
N ALA G 8 -54.43 -27.96 -33.27
CA ALA G 8 -55.15 -26.71 -33.58
C ALA G 8 -54.17 -25.70 -34.18
N PRO G 9 -54.65 -24.89 -35.15
CA PRO G 9 -53.79 -23.91 -35.83
C PRO G 9 -53.06 -23.00 -34.83
N LEU G 10 -51.76 -22.80 -35.05
CA LEU G 10 -50.98 -21.92 -34.18
C LEU G 10 -50.71 -20.58 -34.87
N LYS G 11 -51.02 -19.49 -34.20
CA LYS G 11 -50.79 -18.15 -34.75
C LYS G 11 -49.41 -17.61 -34.38
N VAL G 12 -48.58 -17.37 -35.38
CA VAL G 12 -47.17 -17.01 -35.18
C VAL G 12 -46.78 -15.72 -35.90
N GLY G 13 -46.10 -14.83 -35.17
CA GLY G 13 -45.57 -13.62 -35.78
C GLY G 13 -44.07 -13.72 -35.91
N ALA G 14 -43.49 -13.03 -36.88
CA ALA G 14 -42.04 -12.90 -36.98
C ALA G 14 -41.69 -11.56 -37.60
N ILE G 15 -40.57 -10.99 -37.17
CA ILE G 15 -40.16 -9.71 -37.72
C ILE G 15 -39.73 -9.89 -39.16
N TYR G 16 -39.85 -8.80 -39.94
CA TYR G 16 -39.59 -8.81 -41.38
C TYR G 16 -38.25 -9.42 -41.79
N THR G 17 -37.24 -9.31 -40.93
CA THR G 17 -35.90 -9.74 -41.30
C THR G 17 -35.58 -11.15 -40.77
N ILE G 18 -36.58 -11.81 -40.18
CA ILE G 18 -36.46 -13.21 -39.79
C ILE G 18 -37.33 -14.15 -40.63
N GLY G 19 -38.63 -13.85 -40.67
CA GLY G 19 -39.62 -14.67 -41.35
C GLY G 19 -39.26 -15.26 -42.71
N PRO G 20 -38.97 -14.39 -43.69
CA PRO G 20 -38.70 -14.84 -45.06
C PRO G 20 -37.57 -15.86 -45.14
N TYR G 21 -36.66 -15.84 -44.18
CA TYR G 21 -35.49 -16.71 -44.23
C TYR G 21 -35.58 -17.83 -43.20
N LEU G 22 -36.71 -17.87 -42.51
CA LEU G 22 -36.91 -18.86 -41.45
C LEU G 22 -37.98 -19.88 -41.83
N PHE G 23 -39.12 -19.41 -42.33
CA PHE G 23 -40.26 -20.31 -42.59
C PHE G 23 -40.02 -21.43 -43.60
N PRO G 24 -39.27 -21.16 -44.69
CA PRO G 24 -38.96 -22.26 -45.62
C PRO G 24 -38.34 -23.49 -44.94
N HIS G 25 -37.60 -23.30 -43.85
CA HIS G 25 -37.03 -24.44 -43.15
C HIS G 25 -37.96 -24.88 -42.02
N LEU G 26 -38.58 -23.91 -41.36
CA LEU G 26 -39.46 -24.18 -40.23
C LEU G 26 -40.68 -25.03 -40.57
N ILE G 27 -41.40 -24.67 -41.64
CA ILE G 27 -42.63 -25.36 -42.02
C ILE G 27 -42.49 -26.87 -42.22
N PRO G 28 -41.52 -27.33 -43.02
CA PRO G 28 -41.41 -28.79 -43.18
C PRO G 28 -41.06 -29.50 -41.87
N GLN G 29 -40.19 -28.88 -41.08
CA GLN G 29 -39.80 -29.45 -39.80
C GLN G 29 -41.01 -29.55 -38.89
N LEU G 30 -41.81 -28.51 -38.86
CA LEU G 30 -43.01 -28.53 -38.07
C LEU G 30 -43.93 -29.63 -38.61
N HIS G 31 -44.03 -29.77 -39.93
CA HIS G 31 -44.89 -30.80 -40.49
C HIS G 31 -44.43 -32.19 -40.04
N ARG G 32 -43.12 -32.36 -39.86
CA ARG G 32 -42.56 -33.67 -39.56
C ARG G 32 -42.64 -34.02 -38.06
N VAL G 33 -42.59 -33.02 -37.18
CA VAL G 33 -42.75 -33.30 -35.76
C VAL G 33 -44.17 -33.02 -35.27
N ALA G 34 -45.02 -32.54 -36.16
CA ALA G 34 -46.24 -31.86 -35.74
C ALA G 34 -47.22 -31.59 -36.88
N PRO G 35 -47.77 -32.66 -37.45
CA PRO G 35 -48.44 -32.56 -38.75
C PRO G 35 -49.83 -31.94 -38.74
N GLN G 36 -50.48 -31.90 -37.59
CA GLN G 36 -51.82 -31.31 -37.53
C GLN G 36 -51.84 -29.94 -36.86
N PRO G 38 -51.25 -26.36 -38.36
CA PRO G 38 -50.88 -25.39 -39.39
C PRO G 38 -50.59 -24.03 -38.76
N LEU G 39 -49.93 -23.17 -39.52
CA LEU G 39 -49.54 -21.87 -39.00
C LEU G 39 -50.32 -20.73 -39.63
N TYR G 40 -50.90 -19.90 -38.77
CA TYR G 40 -51.38 -18.61 -39.22
C TYR G 40 -50.22 -17.64 -39.03
N ILE G 41 -49.66 -17.13 -40.12
CA ILE G 41 -48.44 -16.33 -40.01
C ILE G 41 -48.68 -14.83 -40.22
N GLU G 42 -48.02 -14.02 -39.38
CA GLU G 42 -47.93 -12.59 -39.59
C GLU G 42 -46.47 -12.10 -39.50
N GLU G 43 -46.13 -11.15 -40.33
CA GLU G 43 -44.83 -10.49 -40.26
C GLU G 43 -45.05 -9.01 -40.00
N ASN G 44 -44.29 -8.42 -39.08
CA ASN G 44 -44.46 -7.01 -38.72
C ASN G 44 -43.33 -6.50 -37.83
N PHE G 45 -43.41 -5.24 -37.44
CA PHE G 45 -42.43 -4.65 -36.55
C PHE G 45 -42.58 -5.23 -35.16
N THR G 46 -41.47 -5.23 -34.42
CA THR G 46 -41.43 -5.81 -33.08
C THR G 46 -42.59 -5.34 -32.19
N HIS G 47 -42.87 -4.03 -32.15
CA HIS G 47 -43.84 -3.51 -31.17
C HIS G 47 -45.27 -3.94 -31.51
N ILE G 48 -45.58 -3.95 -32.79
CA ILE G 48 -46.85 -4.47 -33.26
C ILE G 48 -47.05 -5.94 -32.91
N LEU G 49 -46.04 -6.76 -33.18
CA LEU G 49 -46.06 -8.17 -32.82
C LEU G 49 -46.28 -8.33 -31.32
N ARG G 50 -45.60 -7.50 -30.55
CA ARG G 50 -45.76 -7.50 -29.10
C ARG G 50 -47.22 -7.25 -28.69
N ASP G 51 -47.82 -6.20 -29.26
CA ASP G 51 -49.22 -5.89 -28.94
C ASP G 51 -50.15 -7.04 -29.29
N LYS G 52 -50.03 -7.54 -30.51
CA LYS G 52 -50.83 -8.68 -30.93
C LYS G 52 -50.64 -9.89 -30.01
N LEU G 53 -49.42 -10.07 -29.49
CA LEU G 53 -49.19 -11.16 -28.56
C LEU G 53 -49.97 -10.92 -27.28
N ARG G 54 -49.96 -9.67 -26.83
CA ARG G 54 -50.65 -9.32 -25.58
C ARG G 54 -52.16 -9.53 -25.66
N THR G 55 -52.78 -9.00 -26.71
CA THR G 55 -54.22 -9.06 -26.84
C THR G 55 -54.72 -10.45 -27.28
N GLY G 56 -53.79 -11.28 -27.77
CA GLY G 56 -54.14 -12.64 -28.13
C GLY G 56 -54.39 -12.87 -29.61
N GLU G 57 -54.06 -11.88 -30.44
CA GLU G 57 -54.19 -12.03 -31.89
C GLU G 57 -53.12 -12.97 -32.40
N LEU G 58 -52.01 -13.05 -31.66
CA LEU G 58 -50.97 -14.03 -31.96
C LEU G 58 -50.69 -14.87 -30.72
N ASP G 59 -50.16 -16.07 -30.94
CA ASP G 59 -49.88 -16.99 -29.84
C ASP G 59 -48.38 -16.99 -29.47
N ALA G 60 -47.54 -16.69 -30.46
CA ALA G 60 -46.10 -16.68 -30.26
C ALA G 60 -45.42 -15.82 -31.32
N ILE G 61 -44.36 -15.12 -30.93
CA ILE G 61 -43.63 -14.27 -31.86
C ILE G 61 -42.12 -14.56 -31.84
N ILE G 62 -41.53 -14.44 -33.02
CA ILE G 62 -40.12 -14.70 -33.21
C ILE G 62 -39.44 -13.38 -33.46
N ILE G 63 -38.65 -12.95 -32.49
CA ILE G 63 -38.11 -11.60 -32.55
C ILE G 63 -36.59 -11.64 -32.34
N ALA G 64 -35.94 -10.48 -32.49
CA ALA G 64 -34.55 -10.35 -32.08
C ALA G 64 -34.46 -9.70 -30.70
N LEU G 65 -33.46 -10.10 -29.92
CA LEU G 65 -33.14 -9.41 -28.66
C LEU G 65 -32.53 -8.05 -28.98
N PRO G 66 -32.68 -7.07 -28.08
CA PRO G 66 -33.32 -7.17 -26.77
C PRO G 66 -34.84 -7.15 -26.90
N PHE G 67 -35.49 -7.83 -25.97
CA PHE G 67 -36.94 -7.95 -25.93
C PHE G 67 -37.36 -8.50 -24.59
N GLN G 68 -38.09 -7.69 -23.84
CA GLN G 68 -38.54 -8.10 -22.53
C GLN G 68 -39.86 -7.40 -22.29
N GLU G 69 -40.90 -8.17 -22.03
CA GLU G 69 -42.22 -7.61 -21.82
C GLU G 69 -42.96 -8.29 -20.68
N ALA G 70 -43.69 -7.49 -19.91
CA ALA G 70 -44.48 -7.98 -18.80
C ALA G 70 -45.57 -8.97 -19.23
N ASP G 71 -45.67 -10.06 -18.49
CA ASP G 71 -46.66 -11.13 -18.69
C ASP G 71 -46.33 -11.95 -19.94
N VAL G 72 -45.14 -11.71 -20.48
CA VAL G 72 -44.63 -12.43 -21.63
C VAL G 72 -43.33 -13.16 -21.28
N LEU G 73 -43.22 -14.43 -21.63
CA LEU G 73 -41.97 -15.17 -21.43
C LEU G 73 -41.10 -15.14 -22.68
N THR G 74 -39.81 -14.86 -22.50
CA THR G 74 -38.91 -14.80 -23.63
C THR G 74 -37.76 -15.79 -23.50
N LYS G 75 -37.61 -16.60 -24.53
CA LYS G 75 -36.60 -17.64 -24.58
C LYS G 75 -35.65 -17.43 -25.75
N PRO G 76 -34.39 -17.13 -25.46
CA PRO G 76 -33.38 -17.01 -26.53
C PRO G 76 -33.11 -18.34 -27.23
N LEU G 77 -33.09 -18.33 -28.55
CA LEU G 77 -32.96 -19.54 -29.33
C LEU G 77 -31.56 -19.67 -29.94
N PHE G 78 -31.11 -18.67 -30.68
CA PHE G 78 -29.75 -18.80 -31.22
C PHE G 78 -29.11 -17.48 -31.59
N ASP G 79 -27.79 -17.49 -31.71
CA ASP G 79 -27.07 -16.33 -32.19
C ASP G 79 -26.86 -16.48 -33.70
N GLU G 80 -27.11 -15.40 -34.45
CA GLU G 80 -26.98 -15.40 -35.91
C GLU G 80 -26.04 -14.27 -36.37
N PRO G 81 -24.91 -14.63 -37.00
CA PRO G 81 -23.91 -13.64 -37.43
C PRO G 81 -24.34 -12.83 -38.66
N PHE G 82 -23.79 -11.64 -38.81
CA PHE G 82 -24.09 -10.81 -39.98
C PHE G 82 -23.00 -11.02 -41.05
N TYR G 83 -23.37 -10.76 -42.30
CA TYR G 83 -22.48 -10.88 -43.44
C TYR G 83 -22.63 -9.64 -44.32
N VAL G 84 -21.67 -9.42 -45.21
CA VAL G 84 -21.67 -8.29 -46.12
C VAL G 84 -21.98 -8.68 -47.57
N LEU G 85 -22.93 -7.95 -48.13
CA LEU G 85 -23.48 -8.19 -49.45
C LEU G 85 -22.98 -7.15 -50.43
N PRO G 87 -22.07 -6.33 -54.99
CA PRO G 87 -22.13 -6.81 -56.37
C PRO G 87 -20.95 -7.72 -56.66
N ALA G 88 -21.10 -8.62 -57.62
CA ALA G 88 -20.04 -9.58 -57.93
C ALA G 88 -18.73 -8.95 -58.43
N ASP G 89 -18.80 -7.73 -58.94
CA ASP G 89 -17.62 -7.06 -59.50
C ASP G 89 -17.06 -5.96 -58.58
N HIS G 90 -17.47 -5.99 -57.32
CA HIS G 90 -17.01 -5.02 -56.35
C HIS G 90 -15.60 -5.36 -55.90
N PRO G 91 -14.75 -4.34 -55.67
CA PRO G 91 -13.36 -4.63 -55.27
C PRO G 91 -13.27 -5.53 -54.03
N TRP G 92 -14.22 -5.39 -53.11
CA TRP G 92 -14.20 -6.18 -51.88
C TRP G 92 -14.20 -7.69 -52.11
N THR G 93 -14.66 -8.14 -53.28
CA THR G 93 -14.64 -9.57 -53.61
C THR G 93 -13.22 -10.15 -53.55
N ALA G 94 -12.20 -9.29 -53.59
CA ALA G 94 -10.83 -9.75 -53.44
C ALA G 94 -10.51 -10.10 -51.98
N LYS G 95 -11.24 -9.52 -51.03
CA LYS G 95 -10.98 -9.74 -49.61
C LYS G 95 -11.63 -11.04 -49.08
N ALA G 96 -10.98 -11.70 -48.13
CA ALA G 96 -11.57 -12.92 -47.56
C ALA G 96 -12.65 -12.54 -46.56
N SER G 97 -12.44 -11.43 -45.87
CA SER G 97 -13.38 -10.94 -44.89
C SER G 97 -13.32 -9.44 -44.95
N ILE G 98 -14.39 -8.82 -44.46
CA ILE G 98 -14.55 -7.39 -44.56
C ILE G 98 -14.45 -6.73 -43.19
N ASP G 99 -13.45 -5.87 -43.03
CA ASP G 99 -13.32 -5.05 -41.82
C ASP G 99 -14.53 -4.17 -41.66
N SER G 100 -15.11 -4.17 -40.47
CA SER G 100 -16.29 -3.38 -40.20
C SER G 100 -16.03 -1.89 -40.44
N GLU G 101 -14.77 -1.48 -40.26
CA GLU G 101 -14.37 -0.08 -40.49
C GLU G 101 -14.66 0.40 -41.92
N LEU G 102 -14.64 -0.52 -42.87
CA LEU G 102 -14.86 -0.20 -44.27
C LEU G 102 -16.30 0.24 -44.59
N LEU G 103 -17.23 -0.04 -43.69
CA LEU G 103 -18.63 0.26 -43.97
C LEU G 103 -19.00 1.68 -43.54
N ASN G 104 -18.26 2.67 -44.05
CA ASN G 104 -18.51 4.07 -43.71
C ASN G 104 -19.11 4.88 -44.86
N ASP G 105 -19.01 4.33 -46.07
CA ASP G 105 -19.46 5.00 -47.28
C ASP G 105 -20.96 5.21 -47.29
N LYS G 106 -21.40 6.07 -48.20
CA LYS G 106 -22.82 6.30 -48.43
C LYS G 106 -23.34 5.20 -49.33
N SER G 107 -22.42 4.36 -49.80
CA SER G 107 -22.81 3.21 -50.61
C SER G 107 -23.45 2.10 -49.76
N LEU G 108 -23.49 2.30 -48.43
CA LEU G 108 -24.15 1.35 -47.53
C LEU G 108 -25.66 1.57 -47.47
N LEU G 109 -26.40 0.55 -47.89
CA LEU G 109 -27.85 0.63 -47.98
C LEU G 109 -28.50 0.08 -46.74
N LEU G 110 -29.27 0.91 -46.06
CA LEU G 110 -29.85 0.54 -44.78
C LEU G 110 -31.36 0.46 -44.83
N LEU G 111 -31.94 -0.37 -43.98
CA LEU G 111 -33.39 -0.38 -43.77
C LEU G 111 -33.81 0.93 -43.11
N GLY G 112 -35.10 1.24 -43.16
CA GLY G 112 -35.61 2.40 -42.45
C GLY G 112 -35.82 2.13 -40.97
N GLU G 113 -36.14 3.19 -40.23
CA GLU G 113 -36.40 3.09 -38.79
C GLU G 113 -37.65 2.26 -38.57
N GLY G 114 -37.70 1.51 -37.47
CA GLY G 114 -38.75 0.55 -37.26
C GLY G 114 -38.18 -0.85 -37.26
N HIS G 115 -37.18 -1.07 -38.10
CA HIS G 115 -36.48 -2.36 -38.12
C HIS G 115 -35.33 -2.39 -37.12
N CYS G 116 -35.35 -3.36 -36.21
CA CYS G 116 -34.29 -3.52 -35.21
C CYS G 116 -32.95 -3.91 -35.85
N PHE G 117 -33.03 -4.52 -37.03
CA PHE G 117 -31.85 -4.90 -37.77
C PHE G 117 -31.07 -3.68 -38.28
N ARG G 118 -31.77 -2.58 -38.53
CA ARG G 118 -31.12 -1.34 -38.91
C ARG G 118 -30.19 -0.85 -37.81
N ASP G 119 -30.73 -0.79 -36.59
CA ASP G 119 -29.94 -0.39 -35.43
C ASP G 119 -28.77 -1.34 -35.20
N GLN G 120 -29.00 -2.62 -35.41
CA GLN G 120 -27.93 -3.58 -35.17
C GLN G 120 -26.80 -3.40 -36.18
N VAL G 121 -27.18 -3.14 -37.42
CA VAL G 121 -26.22 -2.83 -38.45
C VAL G 121 -25.44 -1.54 -38.10
N LEU G 122 -26.10 -0.54 -37.53
CA LEU G 122 -25.37 0.70 -37.23
C LEU G 122 -24.40 0.48 -36.09
N GLU G 123 -24.85 -0.26 -35.09
CA GLU G 123 -24.03 -0.63 -33.96
C GLU G 123 -22.77 -1.38 -34.43
N ALA G 124 -22.87 -2.11 -35.54
CA ALA G 124 -21.69 -2.82 -36.05
C ALA G 124 -20.82 -2.01 -37.03
N CYS G 125 -21.19 -0.75 -37.26
CA CYS G 125 -20.47 0.13 -38.18
C CYS G 125 -19.82 1.31 -37.46
N PRO G 126 -18.92 2.05 -38.16
CA PRO G 126 -18.35 3.28 -37.59
C PRO G 126 -19.39 4.39 -37.37
N HIS G 136 -24.73 7.35 -44.15
CA HIS G 136 -25.09 6.29 -45.09
C HIS G 136 -26.36 6.60 -45.89
N THR G 137 -26.82 5.63 -46.67
CA THR G 137 -28.04 5.76 -47.48
C THR G 137 -29.20 4.98 -46.87
N THR G 138 -30.23 5.69 -46.42
CA THR G 138 -31.38 5.05 -45.83
C THR G 138 -32.56 5.02 -46.81
N VAL G 139 -33.06 3.83 -47.11
CA VAL G 139 -34.23 3.69 -47.96
C VAL G 139 -35.38 3.12 -47.16
N GLU G 140 -36.40 3.92 -46.91
CA GLU G 140 -37.51 3.42 -46.11
C GLU G 140 -38.49 2.65 -46.98
N SER G 141 -39.43 1.97 -46.32
CA SER G 141 -40.35 1.05 -46.99
C SER G 141 -39.53 0.03 -47.75
N SER G 142 -38.41 -0.36 -47.16
CA SER G 142 -37.54 -1.36 -47.75
C SER G 142 -37.71 -2.68 -47.06
N SER G 143 -37.29 -3.72 -47.78
CA SER G 143 -37.10 -5.05 -47.24
C SER G 143 -35.65 -5.43 -47.53
N LEU G 144 -35.19 -6.53 -46.98
CA LEU G 144 -33.83 -6.94 -47.26
C LEU G 144 -33.77 -7.44 -48.70
N GLU G 145 -34.86 -8.03 -49.21
CA GLU G 145 -34.90 -8.47 -50.61
C GLU G 145 -34.79 -7.31 -51.60
N THR G 146 -35.43 -6.22 -51.26
CA THR G 146 -35.35 -5.02 -52.08
C THR G 146 -33.93 -4.47 -52.04
N ILE G 147 -33.29 -4.62 -50.88
CA ILE G 147 -31.91 -4.17 -50.76
C ILE G 147 -30.99 -5.06 -51.58
N ARG G 148 -31.26 -6.35 -51.58
CA ARG G 148 -30.46 -7.28 -52.33
C ARG G 148 -30.58 -6.93 -53.82
N HIS G 149 -31.81 -6.61 -54.27
CA HIS G 149 -32.01 -6.27 -55.67
C HIS G 149 -31.21 -5.03 -56.02
N VAL G 151 -28.52 -3.82 -54.54
CA VAL G 151 -27.09 -4.19 -54.56
C VAL G 151 -26.72 -4.93 -55.85
N ALA G 152 -27.60 -5.85 -56.26
CA ALA G 152 -27.39 -6.60 -57.49
C ALA G 152 -27.38 -5.68 -58.71
N SER G 153 -28.14 -4.59 -58.64
CA SER G 153 -28.17 -3.67 -59.78
C SER G 153 -26.93 -2.78 -59.76
N GLY G 154 -26.24 -2.75 -58.62
CA GLY G 154 -25.00 -2.02 -58.48
C GLY G 154 -25.07 -0.72 -57.69
N LEU G 155 -26.18 -0.52 -56.96
CA LEU G 155 -26.40 0.74 -56.25
C LEU G 155 -25.46 0.89 -55.07
N GLY G 156 -25.05 -0.21 -54.48
CA GLY G 156 -24.26 -0.11 -53.28
C GLY G 156 -23.95 -1.44 -52.66
N VAL G 157 -23.78 -1.41 -51.35
CA VAL G 157 -23.36 -2.54 -50.54
C VAL G 157 -24.34 -2.63 -49.38
N SER G 158 -24.49 -3.80 -48.78
CA SER G 158 -25.36 -3.86 -47.61
C SER G 158 -24.99 -4.98 -46.66
N VAL G 159 -25.78 -5.15 -45.61
CA VAL G 159 -25.52 -6.19 -44.62
C VAL G 159 -26.75 -7.09 -44.44
N LEU G 160 -26.51 -8.38 -44.31
CA LEU G 160 -27.57 -9.36 -44.16
C LEU G 160 -27.33 -10.28 -42.99
N PRO G 161 -28.41 -10.76 -42.38
CA PRO G 161 -28.27 -11.87 -41.43
C PRO G 161 -27.89 -13.16 -42.19
N PHE G 162 -27.28 -14.10 -41.49
CA PHE G 162 -26.71 -15.25 -42.16
C PHE G 162 -27.79 -16.07 -42.88
N SER G 163 -28.96 -16.19 -42.27
CA SER G 163 -30.02 -17.02 -42.85
C SER G 163 -30.49 -16.50 -44.23
N ALA G 164 -30.19 -15.24 -44.53
CA ALA G 164 -30.64 -14.65 -45.78
C ALA G 164 -29.64 -14.73 -46.95
N VAL G 165 -28.37 -15.00 -46.68
CA VAL G 165 -27.35 -14.88 -47.74
C VAL G 165 -27.61 -15.80 -48.95
N ASP G 166 -28.25 -16.93 -48.75
CA ASP G 166 -28.48 -17.84 -49.87
C ASP G 166 -29.94 -17.85 -50.33
N SER G 167 -30.78 -17.08 -49.64
CA SER G 167 -32.22 -17.10 -49.87
C SER G 167 -32.63 -16.15 -50.99
N HIS G 168 -32.12 -16.41 -52.19
CA HIS G 168 -32.41 -15.54 -53.33
C HIS G 168 -32.43 -16.37 -54.60
N HIS G 169 -32.92 -15.77 -55.67
CA HIS G 169 -33.10 -16.49 -56.93
C HIS G 169 -32.14 -16.00 -58.02
N TYR G 170 -30.99 -15.47 -57.62
CA TYR G 170 -30.02 -14.94 -58.57
C TYR G 170 -29.02 -16.00 -59.02
N ALA G 171 -28.70 -16.02 -60.31
CA ALA G 171 -27.67 -16.92 -60.84
C ALA G 171 -26.32 -16.53 -60.29
N PRO G 172 -25.42 -17.50 -60.14
CA PRO G 172 -24.04 -17.21 -59.71
C PRO G 172 -23.38 -16.16 -60.59
N GLY G 173 -22.65 -15.25 -59.97
CA GLY G 173 -21.97 -14.20 -60.71
C GLY G 173 -22.63 -12.84 -60.61
N VAL G 174 -23.68 -12.72 -59.81
CA VAL G 174 -24.38 -11.44 -59.69
C VAL G 174 -24.10 -10.75 -58.36
N ILE G 175 -24.23 -11.48 -57.26
CA ILE G 175 -23.98 -10.92 -55.94
C ILE G 175 -23.09 -11.82 -55.13
N GLU G 176 -22.24 -11.23 -54.28
CA GLU G 176 -21.35 -12.01 -53.45
C GLU G 176 -21.59 -11.63 -52.00
N VAL G 177 -21.18 -12.53 -51.13
CA VAL G 177 -21.29 -12.36 -49.69
C VAL G 177 -19.93 -12.64 -49.07
N ARG G 178 -19.54 -11.83 -48.10
CA ARG G 178 -18.30 -12.04 -47.36
C ARG G 178 -18.56 -11.87 -45.88
N PRO G 179 -17.97 -12.74 -45.04
CA PRO G 179 -18.08 -12.55 -43.60
C PRO G 179 -17.44 -11.23 -43.14
N PHE G 180 -17.85 -10.73 -41.97
CA PHE G 180 -17.13 -9.65 -41.31
C PHE G 180 -15.82 -10.20 -40.78
N SER G 181 -14.82 -9.34 -40.64
CA SER G 181 -13.62 -9.71 -39.89
C SER G 181 -13.98 -9.78 -38.40
N ALA G 182 -13.27 -10.62 -37.64
CA ALA G 182 -13.50 -10.76 -36.20
C ALA G 182 -13.23 -9.45 -35.45
N PRO G 183 -14.04 -9.18 -34.40
CA PRO G 183 -15.19 -9.97 -33.96
C PRO G 183 -16.44 -9.81 -34.85
N VAL G 184 -17.09 -10.92 -35.22
CA VAL G 184 -18.27 -10.88 -36.10
C VAL G 184 -19.52 -10.40 -35.36
N PRO G 185 -20.23 -9.39 -35.90
CA PRO G 185 -21.47 -8.95 -35.24
C PRO G 185 -22.57 -9.99 -35.42
N PHE G 186 -23.55 -9.98 -34.52
CA PHE G 186 -24.61 -10.99 -34.54
C PHE G 186 -25.85 -10.49 -33.81
N ARG G 187 -26.97 -11.18 -34.02
CA ARG G 187 -28.19 -10.89 -33.28
C ARG G 187 -28.64 -12.13 -32.56
N THR G 188 -29.47 -11.98 -31.54
CA THR G 188 -30.01 -13.16 -30.89
C THR G 188 -31.50 -13.36 -31.22
N VAL G 189 -31.77 -14.42 -31.97
CA VAL G 189 -33.13 -14.80 -32.29
C VAL G 189 -33.76 -15.50 -31.08
N ALA G 190 -34.95 -15.03 -30.75
CA ALA G 190 -35.68 -15.50 -29.59
C ALA G 190 -37.16 -15.73 -29.91
N ILE G 191 -37.79 -16.55 -29.09
CA ILE G 191 -39.23 -16.74 -29.18
C ILE G 191 -39.88 -16.23 -27.90
N ALA G 192 -41.04 -15.62 -28.05
CA ALA G 192 -41.77 -15.05 -26.94
C ALA G 192 -43.25 -15.43 -27.02
N TRP G 193 -43.86 -15.64 -25.86
CA TRP G 193 -45.28 -16.02 -25.77
C TRP G 193 -45.83 -15.65 -24.40
N ARG G 194 -47.15 -15.75 -24.24
CA ARG G 194 -47.81 -15.31 -23.02
C ARG G 194 -47.62 -16.28 -21.86
N ALA G 195 -47.35 -15.72 -20.68
CA ALA G 195 -46.99 -16.52 -19.50
C ALA G 195 -47.94 -17.67 -19.21
N SER G 196 -49.25 -17.43 -19.31
CA SER G 196 -50.25 -18.45 -19.01
C SER G 196 -50.93 -18.99 -20.27
N PHE G 197 -50.18 -19.08 -21.36
CA PHE G 197 -50.66 -19.74 -22.58
C PHE G 197 -50.93 -21.21 -22.31
N PRO G 198 -52.13 -21.69 -22.65
CA PRO G 198 -52.57 -23.05 -22.33
C PRO G 198 -51.99 -24.14 -23.23
N ARG G 199 -51.06 -23.81 -24.12
CA ARG G 199 -50.44 -24.84 -24.95
C ARG G 199 -48.91 -24.80 -24.94
N PRO G 200 -48.30 -25.07 -23.77
CA PRO G 200 -46.83 -25.04 -23.68
C PRO G 200 -46.12 -26.03 -24.61
N ARG G 201 -46.77 -27.16 -24.91
CA ARG G 201 -46.19 -28.16 -25.80
C ARG G 201 -46.00 -27.62 -27.23
N ALA G 202 -46.95 -26.81 -27.68
CA ALA G 202 -46.88 -26.24 -29.01
C ALA G 202 -45.69 -25.27 -29.08
N ILE G 203 -45.52 -24.50 -28.02
CA ILE G 203 -44.39 -23.61 -27.90
C ILE G 203 -43.06 -24.37 -27.91
N GLU G 204 -42.97 -25.45 -27.13
CA GLU G 204 -41.75 -26.26 -27.06
C GLU G 204 -41.37 -26.84 -28.45
N VAL G 205 -42.36 -27.43 -29.13
CA VAL G 205 -42.12 -27.98 -30.46
C VAL G 205 -41.71 -26.89 -31.47
N LEU G 206 -42.35 -25.73 -31.35
CA LEU G 206 -42.02 -24.60 -32.22
C LEU G 206 -40.58 -24.10 -31.98
N ALA G 207 -40.21 -23.91 -30.71
CA ALA G 207 -38.87 -23.46 -30.37
C ALA G 207 -37.80 -24.45 -30.84
N ASP G 208 -37.99 -25.73 -30.60
CA ASP G 208 -37.03 -26.73 -31.09
C ASP G 208 -36.90 -26.69 -32.61
N SER G 209 -38.03 -26.52 -33.29
CA SER G 209 -38.01 -26.45 -34.74
C SER G 209 -37.26 -25.20 -35.26
N ILE G 210 -37.45 -24.07 -34.60
CA ILE G 210 -36.73 -22.84 -34.95
C ILE G 210 -35.22 -23.02 -34.73
N ARG G 211 -34.89 -23.56 -33.55
CA ARG G 211 -33.51 -23.91 -33.23
C ARG G 211 -32.92 -24.76 -34.36
N LEU G 212 -33.67 -25.76 -34.83
CA LEU G 212 -33.27 -26.59 -35.96
C LEU G 212 -33.15 -25.80 -37.29
N CYS G 213 -33.83 -24.67 -37.42
CA CYS G 213 -33.62 -23.86 -38.62
C CYS G 213 -32.28 -23.16 -38.57
N SER G 214 -31.81 -22.88 -37.36
CA SER G 214 -30.53 -22.16 -37.20
C SER G 214 -29.33 -22.92 -37.76
N VAL G 215 -29.45 -24.24 -37.84
CA VAL G 215 -28.32 -25.07 -38.23
C VAL G 215 -28.28 -25.29 -39.74
N ALA G 216 -27.13 -25.00 -40.32
CA ALA G 216 -26.99 -24.97 -41.78
C ALA G 216 -26.61 -26.33 -42.36
N ARG G 217 -27.39 -26.77 -43.34
CA ARG G 217 -27.12 -28.02 -44.02
C ARG G 217 -25.89 -27.89 -44.93
N PRO G 218 -24.83 -28.65 -44.62
CA PRO G 218 -23.55 -28.53 -45.32
C PRO G 218 -23.68 -28.64 -46.85
N ALA H 4 -24.01 8.58 -71.64
CA ALA H 4 -25.20 9.33 -72.01
C ALA H 4 -26.15 9.45 -70.82
N GLN H 5 -27.40 9.10 -71.05
CA GLN H 5 -28.42 9.17 -70.01
C GLN H 5 -28.66 7.80 -69.36
N LEU H 6 -27.59 7.01 -69.22
CA LEU H 6 -27.65 5.71 -68.60
C LEU H 6 -26.52 5.50 -67.61
N ALA H 7 -25.93 6.60 -67.13
CA ALA H 7 -24.85 6.54 -66.14
C ALA H 7 -25.36 6.98 -64.77
N ALA H 8 -26.66 7.11 -64.64
CA ALA H 8 -27.25 7.56 -63.38
C ALA H 8 -28.29 6.55 -62.91
N PRO H 9 -28.44 6.39 -61.59
CA PRO H 9 -29.43 5.46 -61.06
C PRO H 9 -30.83 5.78 -61.55
N LEU H 10 -31.67 4.75 -61.68
CA LEU H 10 -33.05 4.93 -62.10
C LEU H 10 -33.99 4.54 -60.94
N LYS H 11 -34.93 5.41 -60.59
CA LYS H 11 -35.80 5.16 -59.45
C LYS H 11 -37.10 4.43 -59.84
N VAL H 12 -37.12 3.12 -59.57
CA VAL H 12 -38.21 2.24 -59.99
C VAL H 12 -39.08 1.76 -58.83
N GLY H 13 -40.37 2.00 -58.93
CA GLY H 13 -41.34 1.44 -58.01
C GLY H 13 -42.00 0.21 -58.63
N ALA H 14 -42.55 -0.68 -57.80
CA ALA H 14 -43.32 -1.81 -58.29
C ALA H 14 -44.32 -2.25 -57.24
N ILE H 15 -45.49 -2.72 -57.66
CA ILE H 15 -46.43 -3.18 -56.64
C ILE H 15 -45.88 -4.46 -55.94
N TYR H 16 -46.41 -4.75 -54.76
CA TYR H 16 -45.94 -5.84 -53.91
C TYR H 16 -45.99 -7.17 -54.57
N THR H 17 -47.04 -7.40 -55.35
CA THR H 17 -47.24 -8.68 -56.01
C THR H 17 -46.50 -8.82 -57.34
N ILE H 18 -45.57 -7.91 -57.63
CA ILE H 18 -44.81 -8.02 -58.85
C ILE H 18 -43.32 -8.00 -58.58
N GLY H 19 -42.88 -7.03 -57.79
CA GLY H 19 -41.47 -6.80 -57.51
C GLY H 19 -40.60 -8.00 -57.21
N PRO H 20 -40.98 -8.78 -56.17
CA PRO H 20 -40.17 -9.92 -55.76
C PRO H 20 -39.99 -10.94 -56.88
N TYR H 21 -40.96 -11.03 -57.78
CA TYR H 21 -40.92 -12.09 -58.76
C TYR H 21 -40.40 -11.60 -60.10
N LEU H 22 -40.14 -10.30 -60.19
CA LEU H 22 -39.64 -9.68 -61.43
C LEU H 22 -38.18 -9.26 -61.35
N PHE H 23 -37.80 -8.59 -60.28
CA PHE H 23 -36.43 -8.06 -60.19
C PHE H 23 -35.30 -9.11 -60.34
N PRO H 24 -35.47 -10.31 -59.75
CA PRO H 24 -34.45 -11.34 -60.01
C PRO H 24 -34.20 -11.62 -61.50
N HIS H 25 -35.24 -11.60 -62.32
CA HIS H 25 -35.09 -11.79 -63.75
C HIS H 25 -34.60 -10.50 -64.41
N LEU H 26 -35.12 -9.37 -63.96
CA LEU H 26 -34.89 -8.08 -64.61
C LEU H 26 -33.45 -7.57 -64.49
N ILE H 27 -32.90 -7.59 -63.27
CA ILE H 27 -31.58 -7.03 -62.99
C ILE H 27 -30.44 -7.49 -63.94
N PRO H 28 -30.24 -8.82 -64.10
CA PRO H 28 -29.14 -9.21 -64.99
C PRO H 28 -29.42 -8.81 -66.45
N GLN H 29 -30.69 -8.89 -66.84
CA GLN H 29 -31.10 -8.54 -68.17
C GLN H 29 -30.87 -7.06 -68.36
N LEU H 30 -31.11 -6.30 -67.29
CA LEU H 30 -30.89 -4.87 -67.32
C LEU H 30 -29.42 -4.54 -67.18
N HIS H 31 -28.59 -5.55 -66.96
CA HIS H 31 -27.16 -5.36 -66.92
C HIS H 31 -26.50 -5.64 -68.27
N ARG H 32 -27.05 -6.60 -69.02
CA ARG H 32 -26.53 -6.88 -70.37
C ARG H 32 -26.52 -5.60 -71.21
N VAL H 33 -27.67 -4.95 -71.32
CA VAL H 33 -27.70 -3.57 -71.80
C VAL H 33 -27.59 -2.68 -70.57
N ALA H 34 -27.27 -1.41 -70.76
CA ALA H 34 -27.29 -0.45 -69.66
C ALA H 34 -26.54 -0.91 -68.38
N PRO H 35 -25.28 -1.36 -68.50
CA PRO H 35 -24.62 -1.90 -67.31
C PRO H 35 -24.26 -0.84 -66.29
N GLN H 36 -24.50 0.41 -66.63
CA GLN H 36 -24.04 1.51 -65.80
C GLN H 36 -25.15 2.26 -65.12
N PRO H 38 -27.70 1.54 -61.98
CA PRO H 38 -28.28 0.70 -60.95
C PRO H 38 -29.70 1.19 -60.65
N LEU H 39 -30.50 0.34 -60.03
CA LEU H 39 -31.86 0.69 -59.68
C LEU H 39 -32.00 1.13 -58.23
N TYR H 40 -32.69 2.24 -58.02
CA TYR H 40 -33.21 2.52 -56.69
C TYR H 40 -34.59 1.88 -56.69
N ILE H 41 -34.83 0.89 -55.84
CA ILE H 41 -36.10 0.17 -55.92
C ILE H 41 -37.01 0.42 -54.73
N GLU H 42 -38.29 0.65 -55.00
CA GLU H 42 -39.28 0.65 -53.95
C GLU H 42 -40.49 -0.21 -54.30
N GLU H 43 -40.95 -1.02 -53.36
CA GLU H 43 -42.19 -1.78 -53.57
C GLU H 43 -43.29 -1.17 -52.72
N ASN H 44 -44.45 -0.93 -53.33
CA ASN H 44 -45.57 -0.39 -52.55
C ASN H 44 -46.97 -0.67 -53.12
N PHE H 45 -47.98 -0.07 -52.50
CA PHE H 45 -49.34 -0.07 -53.05
C PHE H 45 -49.42 0.77 -54.32
N THR H 46 -50.36 0.41 -55.20
CA THR H 46 -50.55 1.12 -56.46
C THR H 46 -50.75 2.65 -56.31
N HIS H 47 -51.63 3.08 -55.41
CA HIS H 47 -51.91 4.52 -55.29
C HIS H 47 -50.69 5.30 -54.79
N ILE H 48 -49.97 4.72 -53.83
CA ILE H 48 -48.76 5.37 -53.32
C ILE H 48 -47.69 5.48 -54.42
N LEU H 49 -47.51 4.40 -55.20
CA LEU H 49 -46.60 4.42 -56.34
C LEU H 49 -46.99 5.50 -57.33
N ARG H 50 -48.30 5.68 -57.51
CA ARG H 50 -48.84 6.74 -58.36
C ARG H 50 -48.42 8.12 -57.86
N ASP H 51 -48.66 8.36 -56.57
CA ASP H 51 -48.31 9.65 -55.96
C ASP H 51 -46.81 9.93 -56.04
N LYS H 52 -45.99 8.90 -55.87
CA LYS H 52 -44.55 9.11 -55.94
C LYS H 52 -44.11 9.36 -57.40
N LEU H 53 -44.75 8.69 -58.35
CA LEU H 53 -44.44 8.94 -59.76
C LEU H 53 -44.90 10.34 -60.15
N ARG H 54 -45.94 10.82 -59.47
CA ARG H 54 -46.49 12.13 -59.75
C ARG H 54 -45.59 13.22 -59.19
N THR H 55 -45.11 13.05 -57.97
CA THR H 55 -44.26 14.06 -57.32
C THR H 55 -42.82 14.04 -57.82
N GLY H 56 -42.40 12.91 -58.37
CA GLY H 56 -41.03 12.77 -58.84
C GLY H 56 -40.12 11.92 -57.95
N GLU H 57 -40.67 11.38 -56.86
CA GLU H 57 -39.88 10.51 -56.00
C GLU H 57 -39.53 9.20 -56.73
N LEU H 58 -40.39 8.76 -57.64
CA LEU H 58 -40.09 7.63 -58.50
C LEU H 58 -40.11 8.04 -59.97
N ASP H 59 -39.32 7.36 -60.80
CA ASP H 59 -39.22 7.69 -62.21
C ASP H 59 -40.07 6.76 -63.07
N ALA H 60 -40.22 5.51 -62.65
CA ALA H 60 -40.98 4.52 -63.41
C ALA H 60 -41.61 3.51 -62.45
N ILE H 61 -42.89 3.22 -62.65
CA ILE H 61 -43.56 2.26 -61.78
C ILE H 61 -44.13 1.07 -62.55
N ILE H 62 -43.93 -0.13 -61.99
CA ILE H 62 -44.49 -1.35 -62.54
C ILE H 62 -45.79 -1.70 -61.80
N ILE H 63 -46.90 -1.56 -62.53
CA ILE H 63 -48.23 -1.73 -61.96
C ILE H 63 -49.08 -2.71 -62.77
N ALA H 64 -50.32 -2.89 -62.35
CA ALA H 64 -51.28 -3.69 -63.11
C ALA H 64 -52.42 -2.83 -63.68
N LEU H 65 -52.93 -3.23 -64.85
CA LEU H 65 -54.09 -2.56 -65.46
C LEU H 65 -55.37 -2.94 -64.71
N PRO H 66 -56.34 -2.02 -64.65
CA PRO H 66 -56.34 -0.70 -65.30
C PRO H 66 -55.55 0.37 -64.52
N PHE H 67 -55.01 1.33 -65.25
CA PHE H 67 -54.23 2.40 -64.66
C PHE H 67 -54.13 3.58 -65.63
N GLN H 68 -54.50 4.76 -65.17
CA GLN H 68 -54.43 5.98 -65.98
C GLN H 68 -54.27 7.22 -65.09
N GLU H 69 -53.48 8.17 -65.56
CA GLU H 69 -53.36 9.47 -64.89
C GLU H 69 -52.77 10.52 -65.82
N ALA H 70 -53.00 11.80 -65.52
CA ALA H 70 -52.54 12.88 -66.37
C ALA H 70 -51.02 12.98 -66.40
N ASP H 71 -50.49 13.34 -67.57
CA ASP H 71 -49.05 13.53 -67.78
C ASP H 71 -48.26 12.20 -67.74
N VAL H 72 -48.98 11.09 -67.60
CA VAL H 72 -48.33 9.79 -67.45
C VAL H 72 -48.65 8.83 -68.57
N LEU H 73 -47.60 8.36 -69.23
CA LEU H 73 -47.72 7.33 -70.26
C LEU H 73 -47.80 5.94 -69.62
N THR H 74 -48.61 5.08 -70.21
CA THR H 74 -48.80 3.72 -69.71
C THR H 74 -48.74 2.68 -70.82
N LYS H 75 -47.61 1.99 -70.92
CA LYS H 75 -47.48 0.92 -71.91
C LYS H 75 -47.58 -0.45 -71.25
N PRO H 76 -48.53 -1.29 -71.72
CA PRO H 76 -48.66 -2.68 -71.27
C PRO H 76 -47.42 -3.47 -71.61
N LEU H 77 -46.97 -4.30 -70.69
CA LEU H 77 -45.75 -5.07 -70.89
C LEU H 77 -46.08 -6.53 -71.22
N PHE H 78 -46.95 -7.14 -70.43
CA PHE H 78 -47.32 -8.53 -70.72
C PHE H 78 -48.53 -8.98 -69.91
N ASP H 79 -49.15 -10.09 -70.33
CA ASP H 79 -50.24 -10.68 -69.57
C ASP H 79 -49.68 -11.77 -68.66
N GLU H 80 -50.37 -12.02 -67.55
CA GLU H 80 -49.89 -12.96 -66.56
C GLU H 80 -51.06 -13.71 -65.92
N PRO H 81 -51.11 -15.02 -66.12
CA PRO H 81 -52.21 -15.85 -65.60
C PRO H 81 -52.08 -16.17 -64.12
N PHE H 82 -53.20 -16.50 -63.48
CA PHE H 82 -53.20 -16.86 -62.07
C PHE H 82 -53.19 -18.38 -61.94
N TYR H 83 -52.72 -18.87 -60.79
CA TYR H 83 -52.65 -20.29 -60.48
C TYR H 83 -53.15 -20.51 -59.06
N VAL H 84 -53.60 -21.71 -58.79
CA VAL H 84 -54.03 -22.06 -57.46
C VAL H 84 -52.88 -22.77 -56.72
N LEU H 85 -52.57 -22.28 -55.54
CA LEU H 85 -51.54 -22.85 -54.67
C LEU H 85 -52.15 -23.63 -53.53
N PRO H 87 -51.60 -27.04 -50.31
CA PRO H 87 -50.71 -27.98 -49.59
C PRO H 87 -50.57 -29.27 -50.39
N ALA H 88 -49.43 -29.94 -50.25
CA ALA H 88 -49.16 -31.15 -51.03
C ALA H 88 -50.20 -32.26 -50.81
N ASP H 89 -50.76 -32.33 -49.60
CA ASP H 89 -51.72 -33.38 -49.23
C ASP H 89 -53.18 -32.96 -49.39
N HIS H 90 -53.41 -31.92 -50.18
CA HIS H 90 -54.77 -31.41 -50.41
C HIS H 90 -55.50 -32.22 -51.49
N PRO H 91 -56.79 -32.51 -51.27
CA PRO H 91 -57.62 -33.26 -52.23
C PRO H 91 -57.54 -32.70 -53.65
N TRP H 92 -57.44 -31.37 -53.78
CA TRP H 92 -57.43 -30.75 -55.11
C TRP H 92 -56.20 -31.10 -55.93
N THR H 93 -55.26 -31.84 -55.34
CA THR H 93 -54.09 -32.29 -56.10
C THR H 93 -54.52 -33.35 -57.10
N ALA H 94 -55.61 -34.05 -56.78
CA ALA H 94 -56.15 -35.08 -57.69
C ALA H 94 -56.75 -34.44 -58.93
N LYS H 95 -57.04 -33.14 -58.87
CA LYS H 95 -57.58 -32.42 -60.01
C LYS H 95 -56.50 -32.03 -60.99
N ALA H 96 -56.87 -31.84 -62.24
CA ALA H 96 -55.91 -31.32 -63.20
C ALA H 96 -56.00 -29.80 -63.26
N SER H 97 -57.21 -29.28 -63.09
CA SER H 97 -57.41 -27.84 -63.08
C SER H 97 -58.49 -27.48 -62.07
N ILE H 98 -58.54 -26.21 -61.65
CA ILE H 98 -59.51 -25.82 -60.63
C ILE H 98 -60.52 -24.82 -61.18
N ASP H 99 -61.80 -25.12 -61.01
CA ASP H 99 -62.85 -24.21 -61.42
C ASP H 99 -62.96 -23.11 -60.38
N SER H 100 -62.98 -21.86 -60.85
CA SER H 100 -63.01 -20.67 -60.00
C SER H 100 -64.12 -20.72 -58.95
N GLU H 101 -65.26 -21.33 -59.31
CA GLU H 101 -66.37 -21.47 -58.39
C GLU H 101 -66.02 -22.27 -57.15
N LEU H 102 -65.00 -23.13 -57.25
CA LEU H 102 -64.58 -23.92 -56.10
C LEU H 102 -63.84 -23.07 -55.06
N LEU H 103 -63.34 -21.92 -55.50
CA LEU H 103 -62.50 -21.11 -54.63
C LEU H 103 -63.30 -20.40 -53.56
N ASN H 104 -64.62 -20.50 -53.63
CA ASN H 104 -65.45 -19.90 -52.61
C ASN H 104 -65.50 -20.78 -51.38
N ASP H 105 -64.65 -20.43 -50.41
CA ASP H 105 -64.45 -21.26 -49.24
C ASP H 105 -63.69 -20.50 -48.17
N LYS H 106 -63.82 -20.95 -46.92
CA LYS H 106 -63.11 -20.35 -45.79
C LYS H 106 -61.60 -20.58 -45.89
N SER H 107 -61.22 -21.61 -46.63
CA SER H 107 -59.82 -22.00 -46.72
C SER H 107 -59.06 -21.24 -47.79
N LEU H 108 -59.73 -20.26 -48.43
CA LEU H 108 -59.04 -19.41 -49.39
C LEU H 108 -58.39 -18.23 -48.67
N LEU H 109 -57.12 -18.01 -48.92
CA LEU H 109 -56.37 -16.97 -48.25
C LEU H 109 -56.10 -15.80 -49.18
N LEU H 110 -56.53 -14.61 -48.78
CA LEU H 110 -56.40 -13.42 -49.63
C LEU H 110 -55.58 -12.30 -48.98
N LEU H 111 -54.96 -11.49 -49.83
CA LEU H 111 -54.33 -10.24 -49.40
C LEU H 111 -55.38 -9.25 -48.93
N GLY H 112 -55.00 -8.37 -48.00
CA GLY H 112 -55.92 -7.36 -47.49
C GLY H 112 -56.27 -6.31 -48.52
N GLU H 113 -57.03 -5.30 -48.11
CA GLU H 113 -57.40 -4.23 -49.02
C GLU H 113 -56.19 -3.38 -49.35
N GLY H 114 -56.13 -2.88 -50.58
CA GLY H 114 -55.01 -2.05 -51.02
C GLY H 114 -54.23 -2.76 -52.11
N HIS H 115 -54.25 -4.07 -52.05
CA HIS H 115 -53.63 -4.86 -53.10
C HIS H 115 -54.63 -5.06 -54.22
N CYS H 116 -54.28 -4.59 -55.41
CA CYS H 116 -55.14 -4.81 -56.57
C CYS H 116 -55.31 -6.31 -56.91
N PHE H 117 -54.32 -7.13 -56.56
CA PHE H 117 -54.36 -8.57 -56.81
C PHE H 117 -55.53 -9.22 -56.08
N ARG H 118 -55.78 -8.80 -54.84
CA ARG H 118 -56.93 -9.26 -54.08
C ARG H 118 -58.23 -9.06 -54.84
N ASP H 119 -58.38 -7.86 -55.40
CA ASP H 119 -59.59 -7.48 -56.11
C ASP H 119 -59.72 -8.29 -57.38
N GLN H 120 -58.60 -8.49 -58.06
CA GLN H 120 -58.61 -9.32 -59.26
C GLN H 120 -59.04 -10.76 -58.93
N VAL H 121 -58.53 -11.30 -57.82
CA VAL H 121 -58.90 -12.66 -57.45
C VAL H 121 -60.38 -12.71 -57.11
N LEU H 122 -60.86 -11.70 -56.39
CA LEU H 122 -62.28 -11.63 -56.04
C LEU H 122 -63.15 -11.57 -57.30
N GLU H 123 -62.70 -10.84 -58.30
CA GLU H 123 -63.43 -10.76 -59.56
C GLU H 123 -63.43 -12.11 -60.25
N ALA H 124 -62.37 -12.88 -60.03
CA ALA H 124 -62.23 -14.19 -60.63
C ALA H 124 -63.14 -15.23 -59.97
N CYS H 125 -63.55 -14.96 -58.72
CA CYS H 125 -64.50 -15.84 -58.02
C CYS H 125 -65.94 -15.31 -58.06
N PRO H 126 -66.90 -16.19 -58.42
CA PRO H 126 -68.32 -15.82 -58.46
C PRO H 126 -68.93 -15.76 -57.05
N LYS H 135 -67.80 -17.06 -47.91
CA LYS H 135 -66.74 -16.13 -48.29
C LYS H 135 -65.35 -16.62 -47.83
N HIS H 136 -64.33 -15.81 -48.10
CA HIS H 136 -62.95 -16.22 -47.94
C HIS H 136 -62.26 -15.54 -46.75
N THR H 137 -61.06 -16.02 -46.42
CA THR H 137 -60.31 -15.50 -45.27
C THR H 137 -59.28 -14.44 -45.69
N THR H 138 -59.35 -13.28 -45.05
CA THR H 138 -58.42 -12.20 -45.39
C THR H 138 -57.29 -12.11 -44.38
N VAL H 139 -56.07 -12.25 -44.86
CA VAL H 139 -54.94 -12.11 -43.96
C VAL H 139 -54.29 -10.75 -44.17
N GLU H 140 -54.07 -10.07 -43.06
CA GLU H 140 -53.77 -8.65 -43.10
C GLU H 140 -52.91 -8.23 -41.92
N SER H 141 -51.78 -7.61 -42.23
CA SER H 141 -51.36 -7.48 -43.61
C SER H 141 -50.43 -8.62 -43.95
N SER H 142 -50.34 -8.93 -45.23
CA SER H 142 -49.52 -10.03 -45.62
C SER H 142 -49.00 -9.83 -47.02
N SER H 143 -48.00 -10.65 -47.37
CA SER H 143 -47.47 -10.71 -48.73
C SER H 143 -47.73 -12.12 -49.27
N LEU H 144 -47.50 -12.32 -50.56
CA LEU H 144 -47.74 -13.61 -51.18
C LEU H 144 -46.82 -14.68 -50.60
N GLU H 145 -45.65 -14.29 -50.10
CA GLU H 145 -44.73 -15.25 -49.52
C GLU H 145 -45.25 -15.76 -48.18
N THR H 146 -45.79 -14.84 -47.39
CA THR H 146 -46.44 -15.18 -46.12
C THR H 146 -47.64 -16.10 -46.31
N ILE H 147 -48.40 -15.81 -47.35
CA ILE H 147 -49.50 -16.69 -47.74
C ILE H 147 -48.99 -18.05 -48.19
N ARG H 148 -47.90 -18.08 -48.96
CA ARG H 148 -47.32 -19.34 -49.41
C ARG H 148 -46.87 -20.19 -48.21
N HIS H 149 -46.34 -19.51 -47.18
CA HIS H 149 -45.89 -20.21 -45.99
C HIS H 149 -47.08 -20.79 -45.27
N VAL H 151 -50.00 -21.68 -46.56
CA VAL H 151 -50.56 -22.86 -47.24
C VAL H 151 -49.56 -24.03 -47.13
N ALA H 152 -48.26 -23.76 -47.11
CA ALA H 152 -47.26 -24.83 -46.91
C ALA H 152 -47.52 -25.58 -45.60
N SER H 153 -48.02 -24.87 -44.59
CA SER H 153 -48.18 -25.45 -43.27
C SER H 153 -49.48 -26.21 -43.15
N GLY H 154 -50.32 -26.07 -44.19
CA GLY H 154 -51.61 -26.73 -44.26
C GLY H 154 -52.81 -25.92 -43.82
N LEU H 155 -52.68 -24.59 -43.80
CA LEU H 155 -53.74 -23.73 -43.28
C LEU H 155 -54.88 -23.48 -44.27
N GLY H 156 -54.59 -23.68 -45.56
CA GLY H 156 -55.60 -23.40 -46.56
C GLY H 156 -55.05 -23.40 -47.98
N VAL H 157 -55.74 -22.68 -48.84
CA VAL H 157 -55.41 -22.66 -50.25
C VAL H 157 -55.29 -21.19 -50.64
N SER H 158 -54.58 -20.88 -51.72
CA SER H 158 -54.58 -19.50 -52.16
C SER H 158 -54.39 -19.37 -53.66
N VAL H 159 -54.22 -18.12 -54.12
CA VAL H 159 -53.98 -17.84 -55.53
C VAL H 159 -52.71 -17.01 -55.75
N LEU H 160 -51.91 -17.40 -56.73
CA LEU H 160 -50.67 -16.73 -57.06
C LEU H 160 -50.61 -16.30 -58.51
N PRO H 161 -49.97 -15.16 -58.78
CA PRO H 161 -49.59 -14.84 -60.16
C PRO H 161 -48.52 -15.80 -60.65
N PHE H 162 -48.44 -15.98 -61.97
CA PHE H 162 -47.56 -16.99 -62.57
C PHE H 162 -46.10 -16.85 -62.15
N SER H 163 -45.58 -15.63 -62.22
CA SER H 163 -44.17 -15.37 -61.93
C SER H 163 -43.76 -15.73 -60.50
N ALA H 164 -44.75 -15.95 -59.65
CA ALA H 164 -44.49 -16.27 -58.24
C ALA H 164 -44.74 -17.71 -57.89
N VAL H 165 -45.17 -18.54 -58.83
CA VAL H 165 -45.60 -19.88 -58.45
C VAL H 165 -44.41 -20.78 -58.11
N ASP H 166 -43.26 -20.46 -58.71
CA ASP H 166 -42.05 -21.23 -58.47
C ASP H 166 -40.94 -20.43 -57.80
N SER H 167 -41.26 -19.18 -57.46
CA SER H 167 -40.31 -18.32 -56.76
C SER H 167 -40.33 -18.59 -55.26
N HIS H 168 -39.80 -19.74 -54.85
CA HIS H 168 -39.74 -20.13 -53.45
C HIS H 168 -38.56 -21.03 -53.16
N HIS H 169 -38.32 -21.26 -51.88
CA HIS H 169 -37.19 -22.08 -51.45
C HIS H 169 -37.67 -23.33 -50.69
N TYR H 170 -38.80 -23.87 -51.12
CA TYR H 170 -39.33 -25.09 -50.53
C TYR H 170 -38.89 -26.33 -51.29
N ALA H 171 -38.61 -27.39 -50.53
CA ALA H 171 -38.35 -28.70 -51.10
C ALA H 171 -39.62 -29.22 -51.79
N PRO H 172 -39.46 -30.05 -52.83
CA PRO H 172 -40.61 -30.70 -53.47
C PRO H 172 -41.44 -31.51 -52.46
N GLY H 173 -42.76 -31.55 -52.68
CA GLY H 173 -43.63 -32.31 -51.81
C GLY H 173 -44.15 -31.50 -50.63
N VAL H 174 -44.09 -30.19 -50.74
CA VAL H 174 -44.59 -29.34 -49.67
C VAL H 174 -45.80 -28.55 -50.17
N ILE H 175 -45.68 -27.98 -51.35
CA ILE H 175 -46.78 -27.27 -52.00
C ILE H 175 -46.92 -27.68 -53.45
N GLU H 176 -48.14 -27.54 -53.96
CA GLU H 176 -48.42 -27.87 -55.33
C GLU H 176 -49.19 -26.71 -55.98
N VAL H 177 -49.14 -26.66 -57.29
CA VAL H 177 -49.77 -25.60 -58.06
C VAL H 177 -50.64 -26.23 -59.16
N ARG H 178 -51.88 -25.77 -59.27
CA ARG H 178 -52.72 -26.21 -60.39
C ARG H 178 -53.31 -25.01 -61.08
N PRO H 179 -53.38 -25.07 -62.41
CA PRO H 179 -53.95 -23.96 -63.16
C PRO H 179 -55.45 -23.83 -62.93
N PHE H 180 -56.02 -22.74 -63.42
CA PHE H 180 -57.47 -22.57 -63.42
C PHE H 180 -58.08 -23.26 -64.63
N SER H 181 -59.26 -23.84 -64.45
CA SER H 181 -60.03 -24.30 -65.60
C SER H 181 -60.39 -23.10 -66.47
N ALA H 182 -60.32 -23.25 -67.78
CA ALA H 182 -60.62 -22.14 -68.69
C ALA H 182 -62.02 -21.59 -68.39
N PRO H 183 -62.21 -20.26 -68.54
CA PRO H 183 -61.20 -19.28 -68.95
C PRO H 183 -60.27 -18.92 -67.79
N VAL H 184 -58.98 -18.82 -68.09
CA VAL H 184 -57.96 -18.58 -67.08
C VAL H 184 -57.85 -17.10 -66.72
N PRO H 185 -58.01 -16.79 -65.41
CA PRO H 185 -57.84 -15.42 -64.89
C PRO H 185 -56.43 -14.87 -65.14
N PHE H 186 -56.33 -13.61 -65.53
CA PHE H 186 -55.01 -13.02 -65.74
C PHE H 186 -55.04 -11.54 -65.44
N ARG H 187 -53.85 -10.96 -65.30
CA ARG H 187 -53.73 -9.54 -65.11
C ARG H 187 -52.79 -9.03 -66.19
N THR H 188 -52.74 -7.72 -66.36
CA THR H 188 -51.83 -7.15 -67.34
C THR H 188 -50.80 -6.25 -66.66
N VAL H 189 -49.55 -6.68 -66.70
CA VAL H 189 -48.44 -5.93 -66.14
C VAL H 189 -47.99 -4.85 -67.08
N ALA H 190 -48.00 -3.61 -66.57
CA ALA H 190 -47.62 -2.44 -67.36
C ALA H 190 -46.61 -1.55 -66.65
N ILE H 191 -45.94 -0.71 -67.44
CA ILE H 191 -45.06 0.31 -66.91
C ILE H 191 -45.63 1.72 -67.13
N ALA H 192 -45.56 2.54 -66.09
CA ALA H 192 -46.01 3.92 -66.20
C ALA H 192 -44.87 4.86 -65.87
N TRP H 193 -44.81 5.95 -66.63
CA TRP H 193 -43.80 6.98 -66.44
C TRP H 193 -44.31 8.32 -66.94
N ARG H 194 -43.76 9.40 -66.40
CA ARG H 194 -44.21 10.73 -66.78
C ARG H 194 -43.65 11.13 -68.13
N ALA H 195 -44.46 11.85 -68.90
CA ALA H 195 -44.07 12.27 -70.25
C ALA H 195 -42.89 13.25 -70.24
N SER H 196 -42.81 14.07 -69.19
CA SER H 196 -41.75 15.07 -69.08
C SER H 196 -40.38 14.49 -68.75
N PHE H 197 -40.30 13.17 -68.58
CA PHE H 197 -39.06 12.56 -68.11
C PHE H 197 -37.97 12.69 -69.14
N PRO H 198 -36.88 13.37 -68.78
CA PRO H 198 -35.75 13.64 -69.68
C PRO H 198 -34.79 12.45 -69.88
N ARG H 199 -35.21 11.23 -69.56
CA ARG H 199 -34.38 10.06 -69.82
C ARG H 199 -35.21 8.91 -70.40
N PRO H 200 -35.72 9.09 -71.63
CA PRO H 200 -36.63 8.11 -72.24
C PRO H 200 -35.94 6.80 -72.59
N ARG H 201 -34.68 6.88 -72.99
CA ARG H 201 -33.95 5.68 -73.37
C ARG H 201 -33.78 4.73 -72.17
N ALA H 202 -33.67 5.28 -70.96
CA ALA H 202 -33.63 4.45 -69.75
C ALA H 202 -34.98 3.78 -69.52
N ILE H 203 -36.04 4.52 -69.81
CA ILE H 203 -37.39 3.97 -69.72
C ILE H 203 -37.54 2.77 -70.65
N GLU H 204 -37.29 2.96 -71.94
CA GLU H 204 -37.49 1.88 -72.89
C GLU H 204 -36.49 0.75 -72.74
N VAL H 205 -35.28 1.04 -72.24
CA VAL H 205 -34.34 -0.03 -71.93
C VAL H 205 -34.88 -0.89 -70.77
N LEU H 206 -35.48 -0.20 -69.80
CA LEU H 206 -36.13 -0.87 -68.69
C LEU H 206 -37.26 -1.77 -69.18
N ALA H 207 -38.15 -1.20 -69.99
CA ALA H 207 -39.27 -1.93 -70.56
C ALA H 207 -38.82 -3.12 -71.39
N ASP H 208 -37.84 -2.89 -72.26
CA ASP H 208 -37.30 -3.93 -73.14
C ASP H 208 -36.72 -5.09 -72.33
N SER H 209 -36.00 -4.76 -71.26
CA SER H 209 -35.41 -5.79 -70.41
C SER H 209 -36.51 -6.54 -69.65
N ILE H 210 -37.60 -5.85 -69.33
CA ILE H 210 -38.72 -6.50 -68.66
C ILE H 210 -39.41 -7.50 -69.58
N ARG H 211 -39.66 -7.10 -70.83
CA ARG H 211 -40.34 -7.98 -71.79
C ARG H 211 -39.50 -9.21 -72.13
N LEU H 212 -38.20 -9.13 -71.86
CA LEU H 212 -37.30 -10.27 -72.04
C LEU H 212 -37.15 -11.08 -70.74
N CYS H 213 -38.25 -11.23 -70.00
CA CYS H 213 -38.28 -12.08 -68.80
C CYS H 213 -39.39 -13.13 -68.87
N ALA I 4 -10.38 -27.62 136.67
CA ALA I 4 -10.70 -27.51 135.25
C ALA I 4 -9.49 -27.02 134.48
N GLN I 5 -8.81 -27.93 133.80
CA GLN I 5 -7.61 -27.55 133.07
C GLN I 5 -7.93 -27.27 131.62
N LEU I 6 -9.15 -27.59 131.22
CA LEU I 6 -9.49 -27.53 129.82
C LEU I 6 -10.50 -26.42 129.49
N ALA I 7 -10.61 -25.42 130.35
CA ALA I 7 -11.62 -24.37 130.16
C ALA I 7 -10.98 -22.98 130.03
N ALA I 8 -9.75 -22.94 129.54
CA ALA I 8 -9.04 -21.68 129.34
C ALA I 8 -8.18 -21.78 128.09
N PRO I 9 -7.90 -20.64 127.45
CA PRO I 9 -7.05 -20.67 126.25
C PRO I 9 -5.68 -21.27 126.55
N LEU I 10 -5.15 -21.97 125.56
CA LEU I 10 -3.83 -22.55 125.63
C LEU I 10 -2.92 -21.88 124.59
N LYS I 11 -1.72 -21.46 125.00
CA LYS I 11 -0.82 -20.77 124.08
C LYS I 11 0.14 -21.73 123.39
N VAL I 12 -0.03 -21.89 122.08
CA VAL I 12 0.74 -22.86 121.32
C VAL I 12 1.57 -22.21 120.21
N GLY I 13 2.86 -22.58 120.18
CA GLY I 13 3.74 -22.20 119.09
C GLY I 13 3.99 -23.37 118.15
N ALA I 14 4.35 -23.07 116.92
CA ALA I 14 4.70 -24.11 115.95
C ALA I 14 5.69 -23.51 114.97
N ILE I 15 6.71 -24.30 114.59
CA ILE I 15 7.64 -23.75 113.62
C ILE I 15 6.92 -23.46 112.28
N TYR I 16 7.50 -22.60 111.46
CA TYR I 16 6.85 -22.16 110.23
C TYR I 16 6.46 -23.29 109.28
N THR I 17 7.20 -24.39 109.31
CA THR I 17 7.02 -25.47 108.35
C THR I 17 6.13 -26.58 108.93
N ILE I 18 5.60 -26.33 110.11
CA ILE I 18 4.70 -27.29 110.71
C ILE I 18 3.32 -26.67 110.83
N GLY I 19 3.24 -25.54 111.51
CA GLY I 19 1.97 -24.85 111.77
C GLY I 19 0.87 -24.86 110.70
N PRO I 20 1.13 -24.20 109.59
CA PRO I 20 0.12 -24.03 108.53
C PRO I 20 -0.47 -25.35 108.02
N TYR I 21 0.21 -26.47 108.29
CA TYR I 21 -0.20 -27.76 107.76
C TYR I 21 -0.72 -28.69 108.84
N LEU I 22 -0.65 -28.21 110.07
CA LEU I 22 -1.05 -28.97 111.23
C LEU I 22 -2.36 -28.45 111.79
N PHE I 23 -2.41 -27.14 112.03
CA PHE I 23 -3.60 -26.52 112.62
C PHE I 23 -4.94 -26.83 111.94
N PRO I 24 -5.02 -26.78 110.60
CA PRO I 24 -6.33 -27.05 110.00
C PRO I 24 -6.88 -28.42 110.42
N HIS I 25 -6.01 -29.36 110.70
CA HIS I 25 -6.46 -30.64 111.22
C HIS I 25 -6.54 -30.65 112.75
N LEU I 26 -5.71 -29.84 113.43
CA LEU I 26 -5.65 -29.88 114.89
C LEU I 26 -6.91 -29.28 115.53
N ILE I 27 -7.36 -28.14 115.01
CA ILE I 27 -8.50 -27.44 115.58
C ILE I 27 -9.78 -28.27 115.72
N PRO I 28 -10.17 -29.04 114.67
CA PRO I 28 -11.41 -29.83 114.85
C PRO I 28 -11.27 -30.93 115.88
N GLN I 29 -10.17 -31.68 115.85
CA GLN I 29 -9.87 -32.70 116.86
C GLN I 29 -9.94 -32.14 118.27
N LEU I 30 -9.34 -30.96 118.46
CA LEU I 30 -9.40 -30.29 119.74
C LEU I 30 -10.83 -29.92 120.11
N HIS I 31 -11.62 -29.48 119.13
CA HIS I 31 -12.99 -29.11 119.49
C HIS I 31 -13.82 -30.32 119.91
N ARG I 32 -13.53 -31.47 119.30
CA ARG I 32 -14.19 -32.70 119.67
C ARG I 32 -13.82 -33.10 121.10
N VAL I 33 -12.51 -33.15 121.38
CA VAL I 33 -12.00 -33.59 122.67
C VAL I 33 -12.17 -32.51 123.72
N ALA I 34 -12.31 -31.27 123.28
CA ALA I 34 -12.04 -30.14 124.17
C ALA I 34 -12.58 -28.82 123.69
N PRO I 35 -13.90 -28.68 123.77
CA PRO I 35 -14.59 -27.55 123.17
C PRO I 35 -14.28 -26.23 123.82
N GLN I 36 -13.95 -26.25 125.10
CA GLN I 36 -13.76 -25.01 125.85
C GLN I 36 -12.34 -24.48 125.83
N PRO I 38 -9.75 -22.74 123.57
CA PRO I 38 -9.31 -22.11 122.33
C PRO I 38 -7.78 -21.99 122.31
N LEU I 39 -7.22 -21.75 121.13
CA LEU I 39 -5.78 -21.67 121.00
C LEU I 39 -5.33 -20.26 120.69
N TYR I 40 -4.38 -19.79 121.47
CA TYR I 40 -3.64 -18.62 121.05
C TYR I 40 -2.48 -19.20 120.26
N ILE I 41 -2.25 -18.72 119.04
CA ILE I 41 -1.29 -19.41 118.18
C ILE I 41 -0.18 -18.52 117.69
N GLU I 42 1.05 -19.01 117.79
CA GLU I 42 2.13 -18.31 117.14
C GLU I 42 3.00 -19.25 116.32
N GLU I 43 3.38 -18.82 115.13
CA GLU I 43 4.34 -19.52 114.31
C GLU I 43 5.67 -18.78 114.33
N ASN I 44 6.78 -19.50 114.43
CA ASN I 44 8.09 -18.82 114.41
C ASN I 44 9.29 -19.76 114.28
N PHE I 45 10.50 -19.21 114.38
CA PHE I 45 11.70 -20.03 114.37
C PHE I 45 11.82 -20.80 115.68
N THR I 46 12.53 -21.91 115.62
CA THR I 46 12.73 -22.78 116.77
C THR I 46 13.28 -22.05 117.99
N HIS I 47 14.33 -21.24 117.81
CA HIS I 47 14.96 -20.61 118.97
C HIS I 47 14.05 -19.57 119.64
N ILE I 48 13.21 -18.92 118.83
CA ILE I 48 12.26 -17.93 119.35
C ILE I 48 11.15 -18.62 120.15
N LEU I 49 10.58 -19.68 119.57
CA LEU I 49 9.59 -20.49 120.27
C LEU I 49 10.20 -21.00 121.57
N ARG I 50 11.47 -21.39 121.53
CA ARG I 50 12.17 -21.90 122.71
C ARG I 50 12.20 -20.83 123.79
N ASP I 51 12.65 -19.64 123.41
CA ASP I 51 12.68 -18.52 124.35
C ASP I 51 11.30 -18.24 124.96
N LYS I 52 10.27 -18.25 124.13
CA LYS I 52 8.93 -17.94 124.60
C LYS I 52 8.38 -19.04 125.53
N LEU I 53 8.74 -20.27 125.23
CA LEU I 53 8.37 -21.39 126.08
C LEU I 53 9.02 -21.16 127.43
N ARG I 54 10.27 -20.73 127.42
CA ARG I 54 11.00 -20.47 128.65
C ARG I 54 10.35 -19.36 129.48
N THR I 55 9.96 -18.26 128.82
CA THR I 55 9.42 -17.11 129.54
C THR I 55 7.96 -17.29 129.96
N GLY I 56 7.21 -18.11 129.24
CA GLY I 56 5.80 -18.29 129.55
C GLY I 56 4.84 -17.61 128.59
N GLU I 57 5.36 -16.97 127.56
CA GLU I 57 4.56 -16.39 126.50
C GLU I 57 3.88 -17.47 125.67
N LEU I 58 4.45 -18.67 125.71
CA LEU I 58 3.85 -19.86 125.09
C LEU I 58 3.84 -21.00 126.12
N ASP I 59 2.92 -21.95 125.97
CA ASP I 59 2.75 -23.04 126.94
C ASP I 59 3.20 -24.38 126.34
N ALA I 60 3.10 -24.48 125.04
CA ALA I 60 3.53 -25.67 124.32
C ALA I 60 4.02 -25.22 122.99
N ILE I 61 5.08 -25.87 122.50
CA ILE I 61 5.56 -25.62 121.13
C ILE I 61 5.71 -26.93 120.36
N ILE I 62 5.50 -26.84 119.04
CA ILE I 62 5.57 -27.98 118.13
C ILE I 62 6.77 -27.74 117.20
N ILE I 63 7.79 -28.57 117.37
CA ILE I 63 9.10 -28.40 116.74
C ILE I 63 9.57 -29.73 116.12
N ALA I 64 10.72 -29.73 115.45
CA ALA I 64 11.30 -30.99 115.00
C ALA I 64 12.56 -31.35 115.80
N LEU I 65 12.79 -32.65 116.01
CA LEU I 65 14.01 -33.08 116.70
C LEU I 65 15.23 -32.82 115.84
N PRO I 66 16.39 -32.53 116.47
CA PRO I 66 16.63 -32.59 117.92
C PRO I 66 16.14 -31.33 118.62
N PHE I 67 15.71 -31.46 119.86
CA PHE I 67 15.37 -30.31 120.67
C PHE I 67 15.45 -30.70 122.12
N GLN I 68 16.28 -29.98 122.87
CA GLN I 68 16.48 -30.28 124.27
C GLN I 68 16.81 -29.02 125.03
N GLU I 69 16.02 -28.75 126.06
CA GLU I 69 16.21 -27.58 126.89
C GLU I 69 16.06 -27.96 128.34
N ALA I 70 16.83 -27.30 129.20
CA ALA I 70 16.68 -27.45 130.64
C ALA I 70 15.31 -26.93 131.10
N ASP I 71 14.76 -27.61 132.10
CA ASP I 71 13.44 -27.30 132.65
C ASP I 71 12.33 -27.49 131.62
N VAL I 72 12.68 -28.12 130.50
CA VAL I 72 11.70 -28.36 129.45
C VAL I 72 11.62 -29.84 129.13
N LEU I 73 10.41 -30.33 128.98
CA LEU I 73 10.15 -31.71 128.58
C LEU I 73 9.87 -31.78 127.09
N THR I 74 10.41 -32.80 126.44
CA THR I 74 10.20 -33.01 125.02
C THR I 74 9.65 -34.43 124.79
N LYS I 75 8.64 -34.51 123.92
CA LYS I 75 8.01 -35.79 123.61
C LYS I 75 7.77 -35.94 122.13
N PRO I 76 8.45 -36.90 121.50
CA PRO I 76 8.30 -37.16 120.06
C PRO I 76 6.86 -37.55 119.71
N LEU I 77 6.30 -36.97 118.67
CA LEU I 77 4.89 -37.23 118.36
C LEU I 77 4.77 -38.13 117.15
N PHE I 78 5.45 -37.79 116.07
CA PHE I 78 5.41 -38.66 114.90
C PHE I 78 6.54 -38.38 113.92
N ASP I 79 6.77 -39.31 113.01
CA ASP I 79 7.75 -39.10 111.95
C ASP I 79 7.06 -38.66 110.66
N GLU I 80 7.61 -37.64 110.02
CA GLU I 80 7.03 -37.08 108.80
C GLU I 80 8.06 -37.07 107.65
N PRO I 81 7.77 -37.85 106.61
CA PRO I 81 8.62 -38.02 105.43
C PRO I 81 8.54 -36.84 104.46
N PHE I 82 9.62 -36.61 103.74
CA PHE I 82 9.66 -35.51 102.78
C PHE I 82 9.20 -35.97 101.41
N TYR I 83 8.78 -35.03 100.57
CA TYR I 83 8.37 -35.28 99.20
C TYR I 83 8.97 -34.24 98.26
N VAL I 84 9.03 -34.57 96.99
CA VAL I 84 9.57 -33.67 95.98
C VAL I 84 8.43 -32.98 95.23
N LEU I 85 8.44 -31.66 95.28
CA LEU I 85 7.45 -30.81 94.65
C LEU I 85 7.97 -30.25 93.34
N PRO I 87 6.82 -28.54 89.06
CA PRO I 87 5.81 -28.10 88.09
C PRO I 87 5.18 -29.31 87.40
N ALA I 88 3.99 -29.14 86.84
CA ALA I 88 3.36 -30.22 86.08
C ALA I 88 4.14 -30.52 84.80
N ASP I 89 4.92 -29.54 84.32
CA ASP I 89 5.67 -29.65 83.08
C ASP I 89 6.98 -30.43 83.18
N HIS I 90 7.51 -30.50 84.39
CA HIS I 90 8.86 -31.00 84.62
C HIS I 90 9.05 -32.43 84.13
N PRO I 91 10.16 -32.70 83.44
CA PRO I 91 10.48 -34.06 83.00
C PRO I 91 10.41 -35.09 84.13
N TRP I 92 10.66 -34.70 85.38
CA TRP I 92 10.63 -35.64 86.50
C TRP I 92 9.24 -36.26 86.73
N THR I 93 8.24 -35.76 86.01
CA THR I 93 6.89 -36.31 86.02
C THR I 93 6.84 -37.80 85.67
N ALA I 94 7.69 -38.24 84.74
CA ALA I 94 7.68 -39.63 84.30
C ALA I 94 8.15 -40.54 85.42
N LYS I 95 9.09 -40.04 86.23
CA LYS I 95 9.61 -40.80 87.35
C LYS I 95 8.52 -41.14 88.37
N ALA I 96 8.71 -42.25 89.08
CA ALA I 96 7.81 -42.67 90.16
C ALA I 96 8.35 -42.16 91.48
N SER I 97 9.68 -42.17 91.63
CA SER I 97 10.29 -41.59 92.81
C SER I 97 11.58 -40.91 92.39
N ILE I 98 12.03 -39.96 93.20
CA ILE I 98 13.22 -39.18 92.87
C ILE I 98 14.36 -39.57 93.81
N ASP I 99 15.52 -39.88 93.22
CA ASP I 99 16.73 -40.18 93.97
C ASP I 99 17.32 -38.88 94.51
N SER I 100 17.71 -38.89 95.79
CA SER I 100 18.15 -37.66 96.44
C SER I 100 19.35 -37.04 95.72
N GLU I 101 20.17 -37.91 95.11
CA GLU I 101 21.33 -37.44 94.36
C GLU I 101 20.94 -36.53 93.19
N LEU I 102 19.70 -36.64 92.72
CA LEU I 102 19.22 -35.79 91.63
C LEU I 102 19.00 -34.34 92.06
N LEU I 103 18.82 -34.11 93.35
CA LEU I 103 18.46 -32.79 93.84
C LEU I 103 19.64 -31.82 93.99
N ASN I 104 20.77 -32.14 93.39
CA ASN I 104 21.94 -31.27 93.47
C ASN I 104 21.97 -30.26 92.33
N ASP I 105 20.91 -29.46 92.23
CA ASP I 105 20.76 -28.56 91.10
C ASP I 105 20.49 -27.12 91.54
N LYS I 106 20.66 -26.20 90.60
CA LYS I 106 20.32 -24.80 90.82
C LYS I 106 18.81 -24.66 90.84
N SER I 107 18.14 -25.67 90.28
CA SER I 107 16.69 -25.73 90.20
C SER I 107 16.03 -25.92 91.57
N LEU I 108 16.79 -26.41 92.55
CA LEU I 108 16.25 -26.64 93.89
C LEU I 108 16.09 -25.33 94.66
N LEU I 109 14.86 -25.07 95.08
CA LEU I 109 14.52 -23.87 95.84
C LEU I 109 14.46 -24.20 97.31
N LEU I 110 15.25 -23.47 98.08
CA LEU I 110 15.33 -23.73 99.52
C LEU I 110 15.01 -22.51 100.37
N LEU I 111 14.46 -22.80 101.55
CA LEU I 111 14.22 -21.80 102.57
C LEU I 111 15.52 -21.23 103.10
N GLY I 112 15.46 -20.00 103.61
CA GLY I 112 16.64 -19.31 104.09
C GLY I 112 17.16 -19.94 105.36
N GLU I 113 18.32 -19.48 105.81
CA GLU I 113 18.92 -20.01 107.02
C GLU I 113 18.06 -19.60 108.21
N GLY I 114 17.98 -20.49 109.20
CA GLY I 114 17.13 -20.25 110.35
C GLY I 114 15.99 -21.25 110.48
N HIS I 115 15.55 -21.80 109.35
CA HIS I 115 14.53 -22.85 109.36
C HIS I 115 15.22 -24.20 109.47
N CYS I 116 14.84 -24.99 110.47
CA CYS I 116 15.49 -26.29 110.65
C CYS I 116 15.27 -27.21 109.43
N PHE I 117 14.15 -27.00 108.73
CA PHE I 117 13.81 -27.79 107.54
C PHE I 117 14.86 -27.68 106.43
N ARG I 118 15.43 -26.49 106.26
CA ARG I 118 16.51 -26.28 105.32
C ARG I 118 17.69 -27.22 105.62
N ASP I 119 18.14 -27.24 106.86
CA ASP I 119 19.27 -28.08 107.22
C ASP I 119 18.90 -29.54 106.99
N GLN I 120 17.67 -29.89 107.29
CA GLN I 120 17.24 -31.29 107.11
C GLN I 120 17.20 -31.69 105.64
N VAL I 121 16.90 -30.74 104.76
CA VAL I 121 16.85 -31.05 103.34
C VAL I 121 18.27 -31.17 102.81
N LEU I 122 19.15 -30.26 103.24
CA LEU I 122 20.53 -30.30 102.81
C LEU I 122 21.19 -31.59 103.28
N GLU I 123 20.81 -32.03 104.47
CA GLU I 123 21.37 -33.23 105.07
C GLU I 123 21.00 -34.46 104.24
N ALA I 124 19.82 -34.42 103.63
CA ALA I 124 19.35 -35.55 102.84
C ALA I 124 19.76 -35.40 101.38
N CYS I 125 20.69 -34.50 101.12
CA CYS I 125 21.22 -34.27 99.77
C CYS I 125 22.76 -34.27 99.75
N PRO I 126 23.35 -34.44 98.56
CA PRO I 126 24.82 -34.39 98.41
C PRO I 126 25.43 -33.07 98.86
N HIS I 136 22.64 -24.65 94.79
CA HIS I 136 21.23 -24.52 95.17
C HIS I 136 20.74 -23.09 95.08
N THR I 137 19.43 -22.90 95.05
CA THR I 137 18.85 -21.56 95.03
C THR I 137 18.10 -21.25 96.33
N THR I 138 18.74 -20.47 97.20
CA THR I 138 18.15 -20.10 98.47
C THR I 138 17.35 -18.82 98.34
N VAL I 139 16.07 -18.87 98.70
CA VAL I 139 15.24 -17.69 98.60
C VAL I 139 14.93 -17.14 99.99
N GLU I 140 15.34 -15.91 100.24
CA GLU I 140 15.24 -15.33 101.57
C GLU I 140 13.81 -14.93 101.89
N SER I 141 13.51 -14.82 103.18
CA SER I 141 12.19 -14.40 103.66
C SER I 141 11.10 -15.28 103.06
N SER I 142 11.44 -16.55 102.84
CA SER I 142 10.54 -17.49 102.22
C SER I 142 9.69 -18.23 103.24
N SER I 143 8.51 -18.67 102.79
CA SER I 143 7.73 -19.69 103.49
C SER I 143 7.64 -20.84 102.49
N LEU I 144 7.10 -21.99 102.90
CA LEU I 144 6.98 -23.10 101.96
C LEU I 144 5.87 -22.77 100.93
N GLU I 145 4.92 -21.95 101.35
CA GLU I 145 3.85 -21.58 100.43
C GLU I 145 4.32 -20.73 99.27
N THR I 146 5.22 -19.77 99.51
CA THR I 146 5.72 -18.93 98.40
C THR I 146 6.62 -19.73 97.46
N ILE I 147 7.43 -20.61 98.05
CA ILE I 147 8.21 -21.56 97.27
C ILE I 147 7.33 -22.42 96.40
N ARG I 148 6.20 -22.86 96.93
CA ARG I 148 5.23 -23.62 96.15
C ARG I 148 4.68 -22.76 95.00
N HIS I 149 4.45 -21.49 95.27
CA HIS I 149 3.96 -20.61 94.23
C HIS I 149 4.97 -20.49 93.12
N VAL I 151 7.40 -22.57 92.36
CA VAL I 151 7.42 -23.85 91.64
C VAL I 151 6.23 -23.95 90.69
N ALA I 152 5.08 -23.46 91.11
CA ALA I 152 3.86 -23.51 90.30
C ALA I 152 4.00 -22.70 89.02
N SER I 153 4.79 -21.63 89.07
CA SER I 153 5.04 -20.82 87.89
C SER I 153 6.17 -21.38 87.03
N GLY I 154 6.77 -22.48 87.46
CA GLY I 154 7.81 -23.15 86.70
C GLY I 154 9.22 -22.68 86.96
N LEU I 155 9.41 -21.98 88.08
CA LEU I 155 10.70 -21.43 88.42
C LEU I 155 11.73 -22.49 88.77
N GLY I 156 11.26 -23.62 89.31
CA GLY I 156 12.15 -24.65 89.78
C GLY I 156 11.46 -25.79 90.50
N VAL I 157 12.18 -26.38 91.44
CA VAL I 157 11.76 -27.61 92.08
C VAL I 157 12.04 -27.50 93.59
N SER I 158 11.22 -28.11 94.43
CA SER I 158 11.53 -28.01 95.86
C SER I 158 11.17 -29.26 96.64
N VAL I 159 11.29 -29.16 97.96
CA VAL I 159 10.99 -30.27 98.84
C VAL I 159 10.00 -29.82 99.89
N LEU I 160 8.99 -30.65 100.15
CA LEU I 160 7.95 -30.33 101.13
C LEU I 160 7.84 -31.44 102.14
N PRO I 161 7.31 -31.14 103.34
CA PRO I 161 6.89 -32.19 104.29
C PRO I 161 5.53 -32.75 103.87
N PHE I 162 5.33 -34.04 104.12
CA PHE I 162 4.14 -34.75 103.67
C PHE I 162 2.81 -34.04 104.00
N SER I 163 2.75 -33.42 105.18
CA SER I 163 1.51 -32.75 105.60
C SER I 163 1.18 -31.56 104.72
N ALA I 164 2.18 -31.04 104.01
CA ALA I 164 1.98 -29.85 103.19
C ALA I 164 1.62 -30.13 101.72
N VAL I 165 1.75 -31.37 101.27
CA VAL I 165 1.64 -31.64 99.83
C VAL I 165 0.27 -31.27 99.27
N ASP I 166 -0.78 -31.45 100.06
CA ASP I 166 -2.13 -31.13 99.62
C ASP I 166 -2.71 -29.86 100.26
N SER I 167 -1.89 -29.13 101.01
CA SER I 167 -2.34 -27.89 101.64
C SER I 167 -2.15 -26.67 100.70
N HIS I 168 -2.96 -26.61 99.64
CA HIS I 168 -2.85 -25.54 98.64
C HIS I 168 -4.16 -25.40 97.86
N HIS I 169 -4.25 -24.36 97.04
CA HIS I 169 -5.50 -24.06 96.36
C HIS I 169 -5.39 -24.13 94.85
N TYR I 170 -4.51 -25.01 94.37
CA TYR I 170 -4.33 -25.15 92.93
C TYR I 170 -5.15 -26.29 92.39
N ALA I 171 -5.71 -26.08 91.20
CA ALA I 171 -6.41 -27.12 90.47
C ALA I 171 -5.38 -28.12 89.92
N PRO I 172 -5.81 -29.36 89.65
CA PRO I 172 -4.94 -30.39 89.07
C PRO I 172 -4.20 -29.93 87.81
N GLY I 173 -3.04 -30.53 87.57
CA GLY I 173 -2.25 -30.20 86.40
C GLY I 173 -1.40 -28.96 86.55
N VAL I 174 -1.13 -28.56 87.79
CA VAL I 174 -0.26 -27.40 88.01
C VAL I 174 1.00 -27.78 88.76
N ILE I 175 0.86 -28.53 89.85
CA ILE I 175 2.01 -29.03 90.60
C ILE I 175 1.88 -30.52 90.86
N GLU I 176 3.02 -31.19 90.94
CA GLU I 176 3.05 -32.62 91.19
C GLU I 176 4.01 -32.90 92.32
N VAL I 177 3.86 -34.09 92.87
CA VAL I 177 4.62 -34.48 94.02
C VAL I 177 5.05 -35.92 93.80
N ARG I 178 6.33 -36.21 94.01
CA ARG I 178 6.81 -37.59 93.94
C ARG I 178 7.60 -37.89 95.20
N PRO I 179 7.50 -39.13 95.67
CA PRO I 179 8.24 -39.51 96.87
C PRO I 179 9.73 -39.60 96.59
N PHE I 180 10.51 -39.66 97.67
CA PHE I 180 11.93 -39.99 97.58
C PHE I 180 12.10 -41.49 97.38
N SER I 181 13.17 -41.87 96.69
CA SER I 181 13.59 -43.26 96.67
C SER I 181 14.12 -43.64 98.05
N ALA I 182 13.89 -44.89 98.46
CA ALA I 182 14.38 -45.36 99.75
C ALA I 182 15.89 -45.16 99.83
N PRO I 183 16.40 -44.75 101.00
CA PRO I 183 15.62 -44.51 102.21
C PRO I 183 14.98 -43.12 102.19
N VAL I 184 13.70 -43.07 102.54
CA VAL I 184 12.95 -41.81 102.51
C VAL I 184 13.28 -40.97 103.73
N PRO I 185 13.80 -39.77 103.50
CA PRO I 185 14.18 -38.84 104.57
C PRO I 185 12.95 -38.30 105.29
N PHE I 186 13.09 -38.05 106.59
CA PHE I 186 11.96 -37.62 107.42
C PHE I 186 12.45 -36.80 108.60
N ARG I 187 11.54 -36.03 109.19
CA ARG I 187 11.83 -35.32 110.41
C ARG I 187 10.98 -35.94 111.48
N THR I 188 11.38 -35.78 112.75
CA THR I 188 10.52 -36.20 113.84
C THR I 188 9.88 -34.99 114.49
N VAL I 189 8.57 -34.90 114.41
CA VAL I 189 7.81 -33.83 115.03
C VAL I 189 7.47 -34.16 116.46
N ALA I 190 7.72 -33.19 117.33
CA ALA I 190 7.57 -33.36 118.76
C ALA I 190 7.02 -32.12 119.44
N ILE I 191 6.57 -32.33 120.67
CA ILE I 191 5.96 -31.27 121.46
C ILE I 191 6.79 -31.05 122.72
N ALA I 192 6.96 -29.78 123.06
CA ALA I 192 7.76 -29.41 124.21
C ALA I 192 6.98 -28.45 125.11
N TRP I 193 7.10 -28.69 126.40
CA TRP I 193 6.43 -27.89 127.41
C TRP I 193 7.26 -27.82 128.69
N ARG I 194 6.92 -26.87 129.56
CA ARG I 194 7.61 -26.70 130.83
C ARG I 194 7.26 -27.81 131.82
N ALA I 195 8.29 -28.35 132.48
CA ALA I 195 8.09 -29.47 133.41
C ALA I 195 7.09 -29.12 134.51
N SER I 196 7.18 -27.89 134.98
CA SER I 196 6.35 -27.41 136.07
C SER I 196 5.04 -26.80 135.62
N PHE I 197 4.64 -27.07 134.38
CA PHE I 197 3.39 -26.50 133.85
C PHE I 197 2.17 -27.03 134.60
N PRO I 198 1.36 -26.11 135.15
CA PRO I 198 0.21 -26.48 136.00
C PRO I 198 -1.01 -27.05 135.28
N ARG I 199 -0.91 -27.31 133.99
CA ARG I 199 -2.00 -27.98 133.28
C ARG I 199 -1.55 -29.13 132.39
N PRO I 200 -0.98 -30.19 133.01
CA PRO I 200 -0.45 -31.31 132.21
C PRO I 200 -1.54 -31.99 131.37
N ARG I 201 -2.78 -31.85 131.80
CA ARG I 201 -3.87 -32.49 131.09
C ARG I 201 -4.13 -31.75 129.77
N ALA I 202 -3.95 -30.43 129.75
CA ALA I 202 -4.09 -29.70 128.49
C ALA I 202 -3.01 -30.13 127.51
N ILE I 203 -1.78 -30.23 127.99
CA ILE I 203 -0.66 -30.69 127.17
C ILE I 203 -0.94 -32.06 126.58
N GLU I 204 -1.45 -32.97 127.41
CA GLU I 204 -1.75 -34.32 126.92
C GLU I 204 -2.89 -34.33 125.91
N VAL I 205 -3.91 -33.51 126.14
CA VAL I 205 -5.00 -33.42 125.19
C VAL I 205 -4.52 -32.91 123.84
N LEU I 206 -3.68 -31.88 123.89
CA LEU I 206 -3.07 -31.32 122.70
C LEU I 206 -2.27 -32.39 121.95
N ALA I 207 -1.45 -33.12 122.69
CA ALA I 207 -0.57 -34.12 122.09
C ALA I 207 -1.33 -35.27 121.46
N ASP I 208 -2.40 -35.72 122.12
CA ASP I 208 -3.23 -36.80 121.60
C ASP I 208 -3.89 -36.35 120.31
N SER I 209 -4.47 -35.15 120.36
CA SER I 209 -5.13 -34.58 119.19
C SER I 209 -4.17 -34.46 118.01
N ILE I 210 -2.94 -34.03 118.28
CA ILE I 210 -1.94 -33.95 117.24
C ILE I 210 -1.69 -35.34 116.65
N ARG I 211 -1.54 -36.35 117.51
CA ARG I 211 -1.29 -37.69 117.00
C ARG I 211 -2.45 -38.23 116.17
N LEU I 212 -3.67 -37.84 116.51
CA LEU I 212 -4.82 -38.24 115.72
C LEU I 212 -4.93 -37.50 114.39
N CYS I 213 -4.34 -36.30 114.32
CA CYS I 213 -4.41 -35.46 113.10
C CYS I 213 -3.95 -36.12 111.82
N SER I 214 -2.74 -36.67 111.85
CA SER I 214 -2.18 -37.29 110.65
C SER I 214 -0.98 -38.16 110.97
N ALA J 4 9.70 -9.44 72.86
CA ALA J 4 9.24 -10.48 73.78
C ALA J 4 10.01 -10.39 75.09
N GLN J 5 9.60 -9.44 75.93
CA GLN J 5 10.19 -9.23 77.26
C GLN J 5 9.57 -10.20 78.25
N LEU J 6 9.12 -11.31 77.70
CA LEU J 6 8.30 -12.25 78.40
C LEU J 6 8.91 -13.65 78.52
N ALA J 7 10.23 -13.73 78.36
CA ALA J 7 10.90 -15.02 78.34
C ALA J 7 11.89 -15.12 79.52
N ALA J 8 11.97 -14.04 80.28
CA ALA J 8 12.87 -13.96 81.42
C ALA J 8 12.08 -14.00 82.73
N PRO J 9 12.68 -14.57 83.79
CA PRO J 9 12.05 -14.59 85.12
C PRO J 9 11.72 -13.18 85.60
N LEU J 10 10.59 -13.06 86.27
CA LEU J 10 10.16 -11.76 86.78
C LEU J 10 10.16 -11.80 88.30
N LYS J 11 10.81 -10.82 88.92
CA LYS J 11 10.95 -10.82 90.37
C LYS J 11 9.87 -9.94 91.00
N VAL J 12 8.97 -10.59 91.71
CA VAL J 12 7.75 -9.95 92.26
C VAL J 12 7.69 -9.99 93.79
N GLY J 13 7.47 -8.84 94.40
CA GLY J 13 7.21 -8.73 95.82
C GLY J 13 5.71 -8.50 96.09
N ALA J 14 5.23 -8.98 97.22
CA ALA J 14 3.86 -8.73 97.66
C ALA J 14 3.79 -8.69 99.18
N ILE J 15 3.00 -7.77 99.71
CA ILE J 15 2.81 -7.67 101.16
C ILE J 15 2.13 -8.92 101.68
N TYR J 16 2.35 -9.21 102.97
CA TYR J 16 1.91 -10.46 103.59
C TYR J 16 0.43 -10.72 103.45
N THR J 17 -0.37 -9.67 103.46
CA THR J 17 -1.83 -9.82 103.41
C THR J 17 -2.39 -9.84 102.00
N ILE J 18 -1.55 -10.02 100.99
CA ILE J 18 -2.05 -10.11 99.63
C ILE J 18 -1.58 -11.40 98.97
N GLY J 19 -0.26 -11.59 99.01
CA GLY J 19 0.38 -12.76 98.43
C GLY J 19 -0.38 -14.07 98.48
N PRO J 20 -0.65 -14.58 99.68
CA PRO J 20 -1.22 -15.93 99.79
C PRO J 20 -2.61 -16.02 99.19
N TYR J 21 -3.29 -14.90 99.09
CA TYR J 21 -4.64 -14.90 98.52
C TYR J 21 -4.66 -14.34 97.09
N LEU J 22 -3.48 -14.03 96.55
CA LEU J 22 -3.38 -13.53 95.18
C LEU J 22 -2.77 -14.58 94.25
N PHE J 23 -1.59 -15.08 94.63
CA PHE J 23 -0.82 -15.97 93.76
C PHE J 23 -1.53 -17.24 93.28
N PRO J 24 -2.40 -17.85 94.10
CA PRO J 24 -3.04 -19.06 93.58
C PRO J 24 -3.93 -18.80 92.36
N HIS J 25 -4.45 -17.57 92.25
CA HIS J 25 -5.23 -17.14 91.09
C HIS J 25 -4.37 -16.43 90.07
N LEU J 26 -3.23 -15.91 90.52
CA LEU J 26 -2.36 -15.14 89.64
C LEU J 26 -1.55 -16.04 88.72
N ILE J 27 -0.93 -17.07 89.30
CA ILE J 27 -0.05 -17.98 88.57
C ILE J 27 -0.65 -18.59 87.28
N PRO J 28 -1.87 -19.19 87.35
CA PRO J 28 -2.44 -19.81 86.15
C PRO J 28 -2.73 -18.78 85.05
N GLN J 29 -3.33 -17.66 85.44
CA GLN J 29 -3.62 -16.60 84.50
C GLN J 29 -2.36 -16.15 83.78
N LEU J 30 -1.27 -16.08 84.53
CA LEU J 30 0.02 -15.75 83.95
C LEU J 30 0.46 -16.82 82.97
N HIS J 31 0.25 -18.09 83.29
CA HIS J 31 0.73 -19.10 82.36
C HIS J 31 -0.15 -19.22 81.11
N ARG J 32 -1.34 -18.60 81.16
CA ARG J 32 -2.17 -18.49 79.96
C ARG J 32 -1.73 -17.31 79.08
N VAL J 33 -1.81 -16.10 79.62
CA VAL J 33 -1.41 -14.87 78.93
C VAL J 33 0.04 -14.94 78.47
N ALA J 34 0.81 -15.77 79.17
CA ALA J 34 2.26 -15.55 79.17
C ALA J 34 3.09 -16.70 79.81
N PRO J 35 3.40 -17.74 79.01
CA PRO J 35 4.29 -18.78 79.54
C PRO J 35 5.72 -18.31 79.46
N GLN J 36 6.64 -19.11 80.00
CA GLN J 36 8.07 -18.82 79.96
C GLN J 36 8.44 -17.57 80.74
N PRO J 38 8.71 -17.32 84.57
CA PRO J 38 8.57 -17.79 85.94
C PRO J 38 8.49 -16.59 86.87
N LEU J 39 8.01 -16.81 88.09
CA LEU J 39 7.98 -15.75 89.09
C LEU J 39 8.96 -16.07 90.21
N TYR J 40 9.94 -15.20 90.40
CA TYR J 40 10.70 -15.17 91.64
C TYR J 40 9.83 -14.40 92.60
N ILE J 41 9.55 -14.96 93.79
CA ILE J 41 8.54 -14.34 94.66
C ILE J 41 9.05 -14.01 96.05
N GLU J 42 8.70 -12.83 96.54
CA GLU J 42 8.98 -12.53 97.92
C GLU J 42 7.82 -11.82 98.61
N GLU J 43 7.56 -12.20 99.85
CA GLU J 43 6.56 -11.54 100.68
C GLU J 43 7.23 -10.84 101.83
N ASN J 44 6.95 -9.56 101.99
CA ASN J 44 7.48 -8.81 103.12
C ASN J 44 6.65 -7.57 103.42
N PHE J 45 7.09 -6.80 104.43
CA PHE J 45 6.46 -5.52 104.75
C PHE J 45 6.64 -4.51 103.60
N THR J 46 5.78 -3.51 103.57
CA THR J 46 5.75 -2.52 102.51
C THR J 46 7.07 -1.79 102.30
N HIS J 47 7.71 -1.34 103.38
CA HIS J 47 8.93 -0.55 103.25
C HIS J 47 10.10 -1.38 102.74
N ILE J 48 10.15 -2.64 103.16
CA ILE J 48 11.20 -3.54 102.66
C ILE J 48 11.00 -3.86 101.18
N LEU J 49 9.74 -4.00 100.76
CA LEU J 49 9.44 -4.22 99.35
C LEU J 49 9.80 -2.99 98.55
N ARG J 50 9.61 -1.83 99.16
CA ARG J 50 9.98 -0.56 98.54
C ARG J 50 11.50 -0.49 98.31
N ASP J 51 12.27 -0.76 99.37
CA ASP J 51 13.73 -0.73 99.27
C ASP J 51 14.27 -1.68 98.22
N LYS J 52 13.78 -2.92 98.29
CA LYS J 52 14.17 -3.93 97.33
C LYS J 52 13.81 -3.51 95.91
N LEU J 53 12.71 -2.76 95.77
CA LEU J 53 12.34 -2.21 94.48
C LEU J 53 13.36 -1.18 94.00
N ARG J 54 13.72 -0.27 94.90
CA ARG J 54 14.59 0.84 94.51
C ARG J 54 15.96 0.34 94.07
N THR J 55 16.48 -0.66 94.79
CA THR J 55 17.81 -1.19 94.48
C THR J 55 17.79 -2.18 93.30
N GLY J 56 16.61 -2.65 92.92
CA GLY J 56 16.51 -3.59 91.81
C GLY J 56 16.49 -5.05 92.22
N GLU J 57 16.48 -5.34 93.52
CA GLU J 57 16.33 -6.72 93.98
C GLU J 57 14.99 -7.29 93.53
N LEU J 58 13.95 -6.43 93.54
CA LEU J 58 12.66 -6.80 92.97
C LEU J 58 12.34 -5.95 91.76
N ASP J 59 11.64 -6.55 90.80
CA ASP J 59 11.23 -5.84 89.58
C ASP J 59 9.89 -5.08 89.75
N ALA J 60 8.89 -5.75 90.34
CA ALA J 60 7.59 -5.12 90.62
C ALA J 60 7.10 -5.52 92.01
N ILE J 61 6.35 -4.63 92.67
CA ILE J 61 5.74 -4.99 93.96
C ILE J 61 4.24 -4.73 93.97
N ILE J 62 3.55 -5.47 94.84
CA ILE J 62 2.10 -5.43 94.95
C ILE J 62 1.73 -5.04 96.36
N ILE J 63 1.15 -3.85 96.49
CA ILE J 63 1.03 -3.25 97.79
C ILE J 63 -0.36 -2.64 97.97
N ALA J 64 -0.61 -2.07 99.14
CA ALA J 64 -1.86 -1.35 99.34
C ALA J 64 -1.55 0.11 99.60
N LEU J 65 -2.37 0.99 99.01
CA LEU J 65 -2.25 2.44 99.20
C LEU J 65 -2.50 2.79 100.67
N PRO J 66 -1.98 3.94 101.14
CA PRO J 66 -1.18 4.93 100.41
C PRO J 66 0.21 4.43 100.06
N PHE J 67 0.63 4.70 98.83
CA PHE J 67 1.98 4.36 98.42
C PHE J 67 2.43 5.30 97.33
N GLN J 68 3.37 6.15 97.68
CA GLN J 68 3.92 7.09 96.74
C GLN J 68 5.40 7.18 97.03
N GLU J 69 6.21 6.86 96.03
CA GLU J 69 7.66 6.88 96.18
C GLU J 69 8.34 7.51 94.97
N ALA J 70 9.37 8.28 95.24
CA ALA J 70 10.16 8.92 94.20
C ALA J 70 10.78 7.93 93.22
N ASP J 71 10.69 8.26 91.93
CA ASP J 71 11.33 7.48 90.86
C ASP J 71 10.68 6.13 90.73
N VAL J 72 9.50 6.01 91.33
CA VAL J 72 8.69 4.81 91.27
C VAL J 72 7.31 5.13 90.71
N LEU J 73 6.90 4.39 89.68
CA LEU J 73 5.53 4.47 89.18
C LEU J 73 4.58 3.57 89.97
N THR J 74 3.40 4.12 90.28
CA THR J 74 2.39 3.41 91.05
C THR J 74 1.05 3.42 90.34
N LYS J 75 0.53 2.23 90.09
CA LYS J 75 -0.76 2.10 89.41
C LYS J 75 -1.77 1.36 90.29
N PRO J 76 -2.80 2.07 90.75
CA PRO J 76 -3.93 1.47 91.45
C PRO J 76 -4.59 0.42 90.57
N LEU J 77 -4.96 -0.71 91.15
CA LEU J 77 -5.50 -1.81 90.36
C LEU J 77 -6.94 -2.08 90.73
N PHE J 78 -7.23 -2.25 92.03
CA PHE J 78 -8.63 -2.44 92.41
C PHE J 78 -8.89 -2.17 93.87
N ASP J 79 -10.15 -1.97 94.21
CA ASP J 79 -10.55 -1.83 95.61
C ASP J 79 -11.06 -3.17 96.14
N GLU J 80 -10.64 -3.50 97.35
CA GLU J 80 -10.95 -4.78 97.97
C GLU J 80 -11.60 -4.54 99.33
N PRO J 81 -12.89 -4.89 99.48
CA PRO J 81 -13.64 -4.65 100.72
C PRO J 81 -13.24 -5.64 101.84
N PHE J 82 -13.42 -5.24 103.10
CA PHE J 82 -13.10 -6.15 104.21
C PHE J 82 -14.35 -6.87 104.73
N TYR J 83 -14.12 -7.99 105.40
CA TYR J 83 -15.17 -8.85 105.88
C TYR J 83 -14.87 -9.24 107.32
N VAL J 84 -15.89 -9.72 108.04
CA VAL J 84 -15.72 -10.12 109.42
C VAL J 84 -15.75 -11.63 109.56
N LEU J 85 -14.72 -12.15 110.20
CA LEU J 85 -14.49 -13.57 110.39
C LEU J 85 -14.86 -13.99 111.80
N PRO J 87 -16.29 -17.50 114.61
CA PRO J 87 -16.56 -18.93 114.77
C PRO J 87 -18.00 -19.20 114.34
N ALA J 88 -18.28 -20.41 113.85
CA ALA J 88 -19.62 -20.70 113.30
C ALA J 88 -20.75 -20.61 114.32
N ASP J 89 -20.45 -20.88 115.60
CA ASP J 89 -21.47 -20.79 116.65
C ASP J 89 -21.51 -19.42 117.34
N HIS J 90 -20.99 -18.39 116.68
CA HIS J 90 -20.99 -17.03 117.22
C HIS J 90 -22.36 -16.38 116.98
N PRO J 91 -22.89 -15.64 117.99
CA PRO J 91 -24.18 -14.94 117.89
C PRO J 91 -24.30 -14.10 116.64
N TRP J 92 -23.20 -13.48 116.20
CA TRP J 92 -23.24 -12.62 115.01
C TRP J 92 -23.61 -13.40 113.74
N THR J 93 -23.52 -14.74 113.76
CA THR J 93 -23.95 -15.54 112.61
C THR J 93 -25.45 -15.34 112.34
N ALA J 94 -26.17 -14.80 113.31
CA ALA J 94 -27.58 -14.46 113.10
C ALA J 94 -27.74 -13.19 112.27
N LYS J 95 -26.73 -12.32 112.31
CA LYS J 95 -26.81 -11.05 111.58
C LYS J 95 -26.48 -11.24 110.10
N ALA J 96 -26.99 -10.37 109.24
CA ALA J 96 -26.67 -10.41 107.83
C ALA J 96 -25.42 -9.59 107.51
N SER J 97 -25.16 -8.60 108.36
CA SER J 97 -24.01 -7.75 108.17
C SER J 97 -23.60 -7.26 109.55
N ILE J 98 -22.33 -6.88 109.70
CA ILE J 98 -21.80 -6.49 110.99
C ILE J 98 -21.60 -4.99 111.06
N ASP J 99 -22.17 -4.35 112.08
CA ASP J 99 -21.94 -2.93 112.33
C ASP J 99 -20.54 -2.73 112.89
N SER J 100 -19.74 -1.90 112.23
CA SER J 100 -18.34 -1.73 112.61
C SER J 100 -18.19 -1.29 114.07
N GLU J 101 -19.22 -0.65 114.62
CA GLU J 101 -19.21 -0.21 116.01
C GLU J 101 -19.16 -1.40 116.98
N LEU J 102 -19.55 -2.58 116.52
CA LEU J 102 -19.53 -3.76 117.37
C LEU J 102 -18.11 -4.29 117.59
N LEU J 103 -17.16 -3.82 116.77
CA LEU J 103 -15.79 -4.28 116.87
C LEU J 103 -14.97 -3.42 117.84
N ASN J 104 -15.40 -3.36 119.09
CA ASN J 104 -14.70 -2.55 120.08
C ASN J 104 -14.18 -3.34 121.30
N ASP J 105 -14.08 -4.66 121.17
CA ASP J 105 -13.75 -5.54 122.28
C ASP J 105 -12.35 -6.12 122.23
N LYS J 106 -11.99 -6.84 123.28
CA LYS J 106 -10.74 -7.57 123.30
C LYS J 106 -10.89 -8.81 122.42
N SER J 107 -12.11 -9.12 122.03
CA SER J 107 -12.39 -10.30 121.22
C SER J 107 -11.97 -10.11 119.76
N LEU J 108 -11.67 -8.87 119.40
CA LEU J 108 -11.14 -8.61 118.06
C LEU J 108 -9.64 -8.91 118.02
N LEU J 109 -9.25 -9.76 117.08
CA LEU J 109 -7.86 -10.16 116.88
C LEU J 109 -7.28 -9.36 115.71
N LEU J 110 -6.12 -8.77 115.96
CA LEU J 110 -5.42 -7.93 115.00
C LEU J 110 -4.00 -8.39 114.77
N LEU J 111 -3.50 -8.14 113.56
CA LEU J 111 -2.08 -8.31 113.25
C LEU J 111 -1.24 -7.27 113.99
N GLY J 112 -0.01 -7.62 114.32
CA GLY J 112 0.91 -6.70 114.98
C GLY J 112 1.26 -5.48 114.14
N GLU J 113 2.02 -4.57 114.73
CA GLU J 113 2.39 -3.35 114.04
C GLU J 113 3.34 -3.64 112.88
N GLY J 114 3.22 -2.87 111.81
CA GLY J 114 4.07 -3.07 110.67
C GLY J 114 3.26 -3.51 109.48
N HIS J 115 2.10 -4.11 109.76
CA HIS J 115 1.17 -4.48 108.72
C HIS J 115 0.23 -3.32 108.38
N CYS J 116 0.20 -2.88 107.14
CA CYS J 116 -0.70 -1.79 106.74
C CYS J 116 -2.19 -2.15 106.95
N PHE J 117 -2.51 -3.43 106.79
CA PHE J 117 -3.88 -3.93 107.00
C PHE J 117 -4.32 -3.67 108.44
N ARG J 118 -3.36 -3.69 109.37
CA ARG J 118 -3.67 -3.41 110.78
C ARG J 118 -4.24 -2.02 110.93
N ASP J 119 -3.58 -1.06 110.34
CA ASP J 119 -4.03 0.32 110.43
C ASP J 119 -5.35 0.48 109.69
N GLN J 120 -5.52 -0.26 108.60
CA GLN J 120 -6.81 -0.20 107.89
C GLN J 120 -7.99 -0.72 108.72
N VAL J 121 -7.79 -1.84 109.40
CA VAL J 121 -8.84 -2.40 110.24
C VAL J 121 -9.09 -1.46 111.44
N LEU J 122 -8.04 -0.95 112.06
CA LEU J 122 -8.22 0.01 113.19
C LEU J 122 -8.96 1.27 112.75
N GLU J 123 -8.72 1.71 111.53
CA GLU J 123 -9.39 2.89 111.02
C GLU J 123 -10.87 2.56 110.74
N ALA J 124 -11.16 1.29 110.46
CA ALA J 124 -12.55 0.85 110.27
C ALA J 124 -13.31 0.68 111.59
N CYS J 125 -12.62 0.87 112.70
CA CYS J 125 -13.19 0.64 114.02
C CYS J 125 -13.17 1.93 114.84
N PRO J 126 -13.95 1.98 115.94
CA PRO J 126 -13.85 3.06 116.94
C PRO J 126 -12.41 3.26 117.41
N THR J 127 -12.03 4.51 117.69
CA THR J 127 -10.62 4.82 117.91
C THR J 127 -10.37 5.93 118.94
N VAL J 128 -9.58 5.62 119.97
CA VAL J 128 -9.09 6.61 120.94
C VAL J 128 -7.65 6.30 121.36
N LYS J 135 -6.76 -1.99 123.74
CA LYS J 135 -8.22 -2.01 123.64
C LYS J 135 -8.70 -3.25 122.89
N HIS J 136 -8.01 -3.55 121.78
CA HIS J 136 -8.24 -4.80 121.07
C HIS J 136 -7.09 -5.77 121.37
N THR J 137 -7.20 -7.01 120.90
CA THR J 137 -6.13 -7.98 121.07
C THR J 137 -5.18 -8.00 119.87
N THR J 138 -3.94 -7.61 120.09
CA THR J 138 -2.92 -7.66 119.05
C THR J 138 -2.12 -8.95 119.21
N VAL J 139 -2.06 -9.75 118.17
CA VAL J 139 -1.25 -10.96 118.21
C VAL J 139 0.01 -10.71 117.39
N GLU J 140 1.14 -10.66 118.09
CA GLU J 140 2.42 -10.41 117.44
C GLU J 140 2.95 -11.66 116.76
N SER J 141 3.71 -11.46 115.68
CA SER J 141 4.29 -12.55 114.92
C SER J 141 3.17 -13.45 114.44
N SER J 142 2.08 -12.82 114.05
CA SER J 142 0.97 -13.59 113.50
C SER J 142 0.76 -13.17 112.06
N SER J 143 0.07 -14.06 111.34
CA SER J 143 -0.41 -13.84 109.98
C SER J 143 -1.92 -14.01 109.96
N LEU J 144 -2.55 -13.73 108.83
CA LEU J 144 -4.01 -13.80 108.75
C LEU J 144 -4.46 -15.25 108.91
N GLU J 145 -3.67 -16.18 108.40
CA GLU J 145 -3.97 -17.60 108.52
C GLU J 145 -3.91 -18.07 109.98
N THR J 146 -2.94 -17.51 110.69
CA THR J 146 -2.81 -17.82 112.11
C THR J 146 -4.00 -17.27 112.87
N ILE J 147 -4.49 -16.11 112.43
CA ILE J 147 -5.68 -15.54 113.04
C ILE J 147 -6.91 -16.35 112.71
N ARG J 148 -6.98 -16.88 111.50
CA ARG J 148 -8.10 -17.69 111.11
C ARG J 148 -8.13 -18.93 112.01
N HIS J 149 -6.97 -19.56 112.18
CA HIS J 149 -6.88 -20.73 113.04
C HIS J 149 -7.36 -20.42 114.45
N VAL J 151 -9.37 -17.99 115.44
CA VAL J 151 -10.83 -17.79 115.37
C VAL J 151 -11.55 -19.14 115.33
N ALA J 152 -11.01 -20.06 114.55
CA ALA J 152 -11.65 -21.34 114.33
C ALA J 152 -11.65 -22.12 115.62
N SER J 153 -10.64 -21.88 116.44
CA SER J 153 -10.53 -22.59 117.71
C SER J 153 -11.43 -21.94 118.75
N GLY J 154 -12.02 -20.80 118.40
CA GLY J 154 -12.89 -20.08 119.31
C GLY J 154 -12.28 -18.97 120.15
N LEU J 155 -11.12 -18.46 119.77
CA LEU J 155 -10.48 -17.43 120.59
C LEU J 155 -11.16 -16.09 120.46
N GLY J 156 -11.78 -15.84 119.30
CA GLY J 156 -12.36 -14.53 119.07
C GLY J 156 -12.87 -14.33 117.66
N VAL J 157 -12.83 -13.08 117.23
CA VAL J 157 -13.35 -12.64 115.95
C VAL J 157 -12.27 -11.84 115.23
N SER J 158 -12.31 -11.76 113.90
CA SER J 158 -11.36 -10.86 113.25
C SER J 158 -11.89 -10.25 111.96
N VAL J 159 -11.00 -9.59 111.23
CA VAL J 159 -11.34 -8.99 109.95
C VAL J 159 -10.40 -9.49 108.85
N LEU J 160 -10.95 -9.84 107.69
CA LEU J 160 -10.16 -10.32 106.56
C LEU J 160 -10.40 -9.49 105.31
N PRO J 161 -9.40 -9.41 104.42
CA PRO J 161 -9.67 -8.87 103.08
C PRO J 161 -10.45 -9.89 102.29
N PHE J 162 -11.26 -9.43 101.34
CA PHE J 162 -12.20 -10.30 100.66
C PHE J 162 -11.53 -11.51 100.00
N SER J 163 -10.33 -11.33 99.44
CA SER J 163 -9.69 -12.39 98.68
C SER J 163 -9.28 -13.56 99.58
N ALA J 164 -9.33 -13.35 100.89
CA ALA J 164 -8.91 -14.37 101.83
C ALA J 164 -10.07 -15.19 102.42
N VAL J 165 -11.32 -14.82 102.17
CA VAL J 165 -12.38 -15.45 102.96
C VAL J 165 -12.57 -16.94 102.68
N ASP J 166 -12.27 -17.38 101.46
CA ASP J 166 -12.42 -18.79 101.12
C ASP J 166 -11.08 -19.55 101.03
N SER J 167 -9.98 -18.88 101.32
CA SER J 167 -8.67 -19.51 101.17
C SER J 167 -8.30 -20.22 102.46
N HIS J 168 -8.87 -21.40 102.65
CA HIS J 168 -8.62 -22.21 103.83
C HIS J 168 -9.04 -23.66 103.58
N HIS J 169 -8.75 -24.52 104.53
CA HIS J 169 -9.02 -25.94 104.37
C HIS J 169 -9.96 -26.45 105.43
N TYR J 170 -10.85 -25.58 105.90
CA TYR J 170 -11.79 -25.97 106.94
C TYR J 170 -13.14 -26.40 106.33
N ALA J 171 -13.66 -27.53 106.81
CA ALA J 171 -15.00 -27.98 106.44
C ALA J 171 -16.04 -26.97 106.91
N PRO J 172 -17.17 -26.83 106.18
CA PRO J 172 -18.27 -25.96 106.59
C PRO J 172 -18.70 -26.17 108.05
N GLY J 173 -19.21 -25.12 108.69
CA GLY J 173 -19.60 -25.20 110.08
C GLY J 173 -18.49 -24.93 111.09
N VAL J 174 -17.33 -24.46 110.64
CA VAL J 174 -16.25 -24.14 111.56
C VAL J 174 -16.04 -22.65 111.70
N ILE J 175 -15.97 -21.94 110.58
CA ILE J 175 -15.90 -20.49 110.60
C ILE J 175 -16.96 -19.94 109.65
N GLU J 176 -17.46 -18.75 109.96
CA GLU J 176 -18.37 -18.04 109.09
C GLU J 176 -17.81 -16.65 108.81
N VAL J 177 -18.18 -16.10 107.66
CA VAL J 177 -17.81 -14.74 107.29
C VAL J 177 -19.09 -13.92 107.09
N ARG J 178 -19.08 -12.65 107.51
CA ARG J 178 -20.18 -11.71 107.23
C ARG J 178 -19.64 -10.38 106.73
N PRO J 179 -20.35 -9.73 105.80
CA PRO J 179 -19.96 -8.38 105.35
C PRO J 179 -20.09 -7.32 106.45
N PHE J 180 -19.30 -6.25 106.35
CA PHE J 180 -19.55 -5.04 107.12
C PHE J 180 -20.84 -4.40 106.65
N SER J 181 -21.58 -3.78 107.57
CA SER J 181 -22.68 -2.89 107.20
C SER J 181 -22.08 -1.65 106.56
N ALA J 182 -22.82 -1.01 105.65
CA ALA J 182 -22.38 0.23 105.03
C ALA J 182 -21.96 1.27 106.06
N PRO J 183 -20.98 2.11 105.72
CA PRO J 183 -20.17 1.98 104.51
C PRO J 183 -19.07 0.92 104.70
N VAL J 184 -18.89 0.06 103.72
CA VAL J 184 -17.94 -1.03 103.79
C VAL J 184 -16.49 -0.52 103.69
N PRO J 185 -15.65 -0.85 104.68
CA PRO J 185 -14.24 -0.45 104.60
C PRO J 185 -13.49 -1.28 103.56
N PHE J 186 -12.54 -0.66 102.88
CA PHE J 186 -11.80 -1.35 101.81
C PHE J 186 -10.34 -0.89 101.75
N ARG J 187 -9.55 -1.57 100.94
CA ARG J 187 -8.18 -1.16 100.68
C ARG J 187 -7.99 -1.03 99.18
N THR J 188 -7.10 -0.14 98.76
CA THR J 188 -6.78 -0.07 97.35
C THR J 188 -5.51 -0.85 97.05
N VAL J 189 -5.66 -1.96 96.34
CA VAL J 189 -4.55 -2.77 95.86
C VAL J 189 -3.93 -2.16 94.60
N ALA J 190 -2.61 -2.01 94.64
CA ALA J 190 -1.85 -1.36 93.57
C ALA J 190 -0.54 -2.09 93.23
N ILE J 191 0.03 -1.72 92.09
CA ILE J 191 1.30 -2.27 91.65
C ILE J 191 2.30 -1.13 91.45
N ALA J 192 3.50 -1.30 91.98
CA ALA J 192 4.55 -0.31 91.87
C ALA J 192 5.76 -0.88 91.15
N TRP J 193 6.31 -0.12 90.22
CA TRP J 193 7.55 -0.54 89.57
C TRP J 193 8.42 0.68 89.26
N ARG J 194 9.71 0.44 89.07
CA ARG J 194 10.68 1.53 88.87
C ARG J 194 10.42 2.31 87.59
N ALA J 195 10.79 3.59 87.63
CA ALA J 195 10.55 4.51 86.52
C ALA J 195 11.04 3.98 85.18
N SER J 196 12.22 3.37 85.15
CA SER J 196 12.81 3.00 83.87
C SER J 196 13.03 1.50 83.69
N PHE J 197 12.06 0.71 84.11
CA PHE J 197 12.19 -0.74 84.01
C PHE J 197 12.13 -1.15 82.55
N PRO J 198 13.14 -1.89 82.08
CA PRO J 198 13.30 -2.26 80.66
C PRO J 198 12.33 -3.31 80.17
N ARG J 199 11.35 -3.70 80.99
CA ARG J 199 10.35 -4.66 80.56
C ARG J 199 8.92 -4.23 80.94
N PRO J 200 8.42 -3.16 80.32
CA PRO J 200 7.06 -2.71 80.65
C PRO J 200 5.97 -3.69 80.22
N ARG J 201 6.20 -4.46 79.15
CA ARG J 201 5.22 -5.43 78.69
C ARG J 201 4.89 -6.44 79.79
N ALA J 202 5.94 -6.88 80.47
CA ALA J 202 5.81 -7.78 81.61
C ALA J 202 5.01 -7.11 82.74
N ILE J 203 5.26 -5.83 82.94
CA ILE J 203 4.59 -5.08 83.98
C ILE J 203 3.09 -4.99 83.70
N GLU J 204 2.71 -4.51 82.52
CA GLU J 204 1.28 -4.35 82.26
C GLU J 204 0.56 -5.69 82.15
N VAL J 205 1.26 -6.73 81.68
CA VAL J 205 0.69 -8.07 81.68
C VAL J 205 0.49 -8.59 83.10
N LEU J 206 1.44 -8.29 83.99
CA LEU J 206 1.30 -8.63 85.40
C LEU J 206 0.08 -7.91 85.97
N ALA J 207 -0.04 -6.62 85.64
CA ALA J 207 -1.12 -5.77 86.14
C ALA J 207 -2.50 -6.30 85.74
N ASP J 208 -2.67 -6.62 84.46
CA ASP J 208 -3.96 -7.14 84.03
C ASP J 208 -4.23 -8.51 84.68
N SER J 209 -3.25 -9.40 84.65
CA SER J 209 -3.41 -10.68 85.36
C SER J 209 -3.81 -10.49 86.84
N ILE J 210 -3.32 -9.45 87.49
CA ILE J 210 -3.68 -9.18 88.88
C ILE J 210 -5.10 -8.67 89.02
N ARG J 211 -5.46 -7.71 88.16
CA ARG J 211 -6.83 -7.21 88.11
C ARG J 211 -7.83 -8.37 87.95
N LEU J 212 -7.59 -9.26 86.99
CA LEU J 212 -8.46 -10.41 86.77
C LEU J 212 -8.78 -11.20 88.04
N CYS J 213 -7.78 -11.32 88.92
CA CYS J 213 -7.90 -12.09 90.15
C CYS J 213 -8.92 -11.50 91.12
N SER J 214 -9.13 -10.19 91.02
CA SER J 214 -10.15 -9.54 91.84
C SER J 214 -11.56 -9.77 91.27
N VAL J 215 -11.63 -10.45 90.13
CA VAL J 215 -12.92 -10.82 89.55
C VAL J 215 -13.42 -12.12 90.14
N ALA J 216 -14.46 -12.03 90.94
CA ALA J 216 -15.09 -13.23 91.47
C ALA J 216 -15.72 -14.03 90.33
N ARG J 217 -15.25 -15.27 90.19
CA ARG J 217 -15.94 -16.27 89.38
C ARG J 217 -17.34 -16.49 89.97
N PRO J 218 -18.39 -16.33 89.15
CA PRO J 218 -19.73 -16.68 89.64
C PRO J 218 -19.85 -18.18 89.93
N GLN K 5 -6.52 -15.78 63.52
CA GLN K 5 -7.98 -15.80 63.54
C GLN K 5 -8.50 -14.54 64.22
N LEU K 6 -7.62 -13.55 64.31
CA LEU K 6 -7.96 -12.31 64.99
C LEU K 6 -7.79 -11.09 64.07
N ALA K 7 -8.16 -11.27 62.81
CA ALA K 7 -7.95 -10.24 61.80
C ALA K 7 -9.25 -9.54 61.37
N ALA K 8 -10.30 -10.34 61.18
CA ALA K 8 -11.61 -9.83 60.78
C ALA K 8 -12.36 -9.23 61.97
N PRO K 9 -13.18 -8.20 61.72
CA PRO K 9 -13.95 -7.58 62.80
C PRO K 9 -14.92 -8.57 63.47
N LEU K 10 -15.35 -8.26 64.68
CA LEU K 10 -16.24 -9.15 65.43
C LEU K 10 -17.60 -8.50 65.61
N LYS K 11 -18.66 -9.30 65.52
CA LYS K 11 -20.00 -8.76 65.67
C LYS K 11 -20.59 -9.10 67.04
N VAL K 12 -20.74 -8.08 67.87
CA VAL K 12 -21.12 -8.26 69.26
C VAL K 12 -22.41 -7.53 69.64
N GLY K 13 -23.32 -8.26 70.28
CA GLY K 13 -24.53 -7.67 70.80
C GLY K 13 -24.51 -7.66 72.31
N ALA K 14 -25.21 -6.72 72.91
CA ALA K 14 -25.33 -6.68 74.35
C ALA K 14 -26.70 -6.15 74.70
N ILE K 15 -27.17 -6.48 75.90
CA ILE K 15 -28.47 -5.97 76.33
C ILE K 15 -28.38 -4.49 76.69
N TYR K 16 -29.51 -3.79 76.62
CA TYR K 16 -29.59 -2.35 76.88
C TYR K 16 -29.01 -1.90 78.20
N THR K 17 -29.07 -2.77 79.22
CA THR K 17 -28.64 -2.37 80.55
C THR K 17 -27.22 -2.81 80.82
N ILE K 18 -26.55 -3.37 79.82
CA ILE K 18 -25.14 -3.70 79.98
C ILE K 18 -24.27 -2.81 79.09
N GLY K 19 -24.55 -2.85 77.79
CA GLY K 19 -23.81 -2.13 76.77
C GLY K 19 -23.19 -0.79 77.14
N PRO K 20 -24.01 0.21 77.45
CA PRO K 20 -23.46 1.57 77.62
C PRO K 20 -22.34 1.65 78.67
N TYR K 21 -22.37 0.76 79.65
CA TYR K 21 -21.43 0.82 80.75
C TYR K 21 -20.24 -0.11 80.58
N LEU K 22 -20.45 -1.15 79.79
CA LEU K 22 -19.39 -2.09 79.52
C LEU K 22 -18.50 -1.59 78.38
N PHE K 23 -19.08 -1.03 77.35
CA PHE K 23 -18.34 -0.70 76.13
C PHE K 23 -17.21 0.32 76.27
N PRO K 24 -17.40 1.41 77.04
CA PRO K 24 -16.22 2.29 77.14
C PRO K 24 -15.01 1.58 77.74
N HIS K 25 -15.20 0.78 78.78
CA HIS K 25 -14.08 0.05 79.36
C HIS K 25 -13.61 -1.05 78.42
N LEU K 26 -14.56 -1.66 77.71
CA LEU K 26 -14.24 -2.81 76.87
C LEU K 26 -13.37 -2.44 75.66
N ILE K 27 -13.71 -1.36 74.96
CA ILE K 27 -13.06 -1.07 73.69
C ILE K 27 -11.55 -0.75 73.85
N PRO K 28 -11.15 0.13 74.78
CA PRO K 28 -9.71 0.25 75.07
C PRO K 28 -9.00 -1.07 75.34
N GLN K 29 -9.43 -1.79 76.37
CA GLN K 29 -8.82 -3.07 76.70
C GLN K 29 -8.70 -3.94 75.45
N LEU K 30 -9.80 -4.02 74.71
CA LEU K 30 -9.86 -4.92 73.58
C LEU K 30 -8.92 -4.46 72.47
N HIS K 31 -8.66 -3.16 72.41
CA HIS K 31 -7.75 -2.64 71.40
C HIS K 31 -6.32 -2.94 71.85
N ARG K 32 -6.10 -2.88 73.15
CA ARG K 32 -4.81 -3.09 73.79
C ARG K 32 -4.29 -4.51 73.57
N VAL K 33 -5.13 -5.51 73.85
CA VAL K 33 -4.74 -6.89 73.60
C VAL K 33 -5.02 -7.35 72.17
N ALA K 34 -5.63 -6.48 71.37
CA ALA K 34 -6.16 -6.90 70.06
C ALA K 34 -6.53 -5.75 69.14
N PRO K 35 -5.52 -5.14 68.50
CA PRO K 35 -5.69 -3.93 67.70
C PRO K 35 -6.25 -4.20 66.32
N GLN K 36 -6.41 -5.45 65.94
CA GLN K 36 -6.90 -5.76 64.62
C GLN K 36 -8.29 -6.39 64.61
N PRO K 38 -11.91 -4.68 65.21
CA PRO K 38 -12.95 -3.70 65.56
C PRO K 38 -14.28 -4.41 65.82
N LEU K 39 -15.09 -3.81 66.67
CA LEU K 39 -16.39 -4.36 67.00
C LEU K 39 -17.53 -3.69 66.24
N TYR K 40 -18.30 -4.51 65.52
CA TYR K 40 -19.61 -4.09 65.08
C TYR K 40 -20.58 -4.34 66.24
N ILE K 41 -21.34 -3.32 66.64
CA ILE K 41 -22.09 -3.42 67.88
C ILE K 41 -23.61 -3.26 67.75
N GLU K 42 -24.34 -4.18 68.37
CA GLU K 42 -25.79 -4.04 68.50
C GLU K 42 -26.26 -4.08 69.96
N GLU K 43 -27.22 -3.23 70.30
CA GLU K 43 -27.86 -3.29 71.62
C GLU K 43 -29.35 -3.59 71.48
N ASN K 44 -29.80 -4.66 72.12
CA ASN K 44 -31.21 -5.02 72.04
C ASN K 44 -31.67 -5.90 73.21
N PHE K 45 -32.93 -6.32 73.15
CA PHE K 45 -33.50 -7.21 74.14
C PHE K 45 -32.88 -8.60 74.03
N THR K 46 -32.93 -9.35 75.13
CA THR K 46 -32.31 -10.67 75.19
C THR K 46 -32.77 -11.60 74.06
N HIS K 47 -34.08 -11.75 73.88
CA HIS K 47 -34.57 -12.70 72.89
C HIS K 47 -34.16 -12.32 71.45
N ILE K 48 -34.13 -11.03 71.17
CA ILE K 48 -33.68 -10.58 69.87
C ILE K 48 -32.20 -10.92 69.69
N LEU K 49 -31.37 -10.59 70.68
CA LEU K 49 -29.96 -10.96 70.64
C LEU K 49 -29.78 -12.46 70.39
N ARG K 50 -30.60 -13.28 71.05
CA ARG K 50 -30.55 -14.73 70.87
C ARG K 50 -30.87 -15.15 69.43
N ASP K 51 -31.93 -14.60 68.87
CA ASP K 51 -32.32 -14.88 67.48
C ASP K 51 -31.23 -14.49 66.50
N LYS K 52 -30.59 -13.36 66.77
CA LYS K 52 -29.53 -12.90 65.89
C LYS K 52 -28.27 -13.75 66.07
N LEU K 53 -28.05 -14.28 67.27
CA LEU K 53 -26.91 -15.16 67.48
C LEU K 53 -27.12 -16.47 66.71
N ARG K 54 -28.36 -16.96 66.72
CA ARG K 54 -28.69 -18.21 66.02
C ARG K 54 -28.63 -18.05 64.50
N THR K 55 -29.10 -16.90 64.02
CA THR K 55 -29.07 -16.59 62.59
C THR K 55 -27.65 -16.48 62.04
N GLY K 56 -26.73 -15.98 62.85
CA GLY K 56 -25.36 -15.75 62.43
C GLY K 56 -25.08 -14.28 62.23
N GLU K 57 -26.12 -13.47 62.42
CA GLU K 57 -26.03 -12.02 62.32
C GLU K 57 -25.12 -11.43 63.41
N LEU K 58 -24.96 -12.14 64.51
CA LEU K 58 -24.01 -11.76 65.55
C LEU K 58 -23.09 -12.93 65.88
N ASP K 59 -21.89 -12.61 66.35
CA ASP K 59 -20.91 -13.63 66.73
C ASP K 59 -20.93 -13.97 68.21
N ALA K 60 -21.16 -12.96 69.04
CA ALA K 60 -21.27 -13.15 70.48
C ALA K 60 -22.21 -12.13 71.09
N ILE K 61 -22.86 -12.53 72.18
CA ILE K 61 -23.76 -11.64 72.86
C ILE K 61 -23.47 -11.63 74.37
N ILE K 62 -23.70 -10.49 75.00
CA ILE K 62 -23.39 -10.28 76.40
C ILE K 62 -24.70 -10.09 77.14
N ILE K 63 -25.10 -11.10 77.90
CA ILE K 63 -26.43 -11.09 78.49
C ILE K 63 -26.38 -11.35 79.99
N ALA K 64 -27.53 -11.39 80.62
CA ALA K 64 -27.63 -11.73 82.03
C ALA K 64 -28.31 -13.08 82.23
N LEU K 65 -27.84 -13.85 83.20
CA LEU K 65 -28.47 -15.12 83.55
C LEU K 65 -29.87 -14.87 84.12
N PRO K 66 -30.77 -15.86 83.98
CA PRO K 66 -30.57 -17.15 83.31
C PRO K 66 -30.61 -17.04 81.79
N PHE K 67 -29.86 -17.92 81.13
CA PHE K 67 -29.82 -17.95 79.68
C PHE K 67 -29.21 -19.25 79.22
N GLN K 68 -30.04 -20.11 78.64
CA GLN K 68 -29.60 -21.40 78.16
C GLN K 68 -30.21 -21.69 76.80
N GLU K 69 -29.38 -21.90 75.80
CA GLU K 69 -29.87 -22.22 74.47
C GLU K 69 -29.10 -23.36 73.85
N ALA K 70 -29.84 -24.23 73.18
CA ALA K 70 -29.26 -25.37 72.48
C ALA K 70 -28.20 -24.95 71.48
N ASP K 71 -27.11 -25.71 71.45
CA ASP K 71 -26.00 -25.46 70.55
C ASP K 71 -25.41 -24.06 70.74
N VAL K 72 -25.62 -23.52 71.93
CA VAL K 72 -25.04 -22.24 72.29
C VAL K 72 -24.32 -22.37 73.62
N LEU K 73 -23.06 -21.99 73.65
CA LEU K 73 -22.30 -22.02 74.88
C LEU K 73 -22.52 -20.74 75.66
N THR K 74 -22.78 -20.90 76.95
CA THR K 74 -22.94 -19.79 77.87
C THR K 74 -21.86 -19.80 78.94
N LYS K 75 -21.01 -18.78 78.95
CA LYS K 75 -19.98 -18.68 79.98
C LYS K 75 -20.19 -17.50 80.92
N PRO K 76 -20.61 -17.79 82.15
CA PRO K 76 -20.81 -16.77 83.18
C PRO K 76 -19.50 -16.03 83.44
N LEU K 77 -19.57 -14.71 83.55
CA LEU K 77 -18.37 -13.92 83.60
C LEU K 77 -18.16 -13.25 84.96
N PHE K 78 -19.21 -12.63 85.49
CA PHE K 78 -19.07 -12.01 86.81
C PHE K 78 -20.40 -11.64 87.44
N ASP K 79 -20.40 -11.43 88.75
CA ASP K 79 -21.56 -10.94 89.47
C ASP K 79 -21.46 -9.44 89.62
N GLU K 80 -22.58 -8.75 89.39
CA GLU K 80 -22.68 -7.30 89.48
C GLU K 80 -23.83 -6.93 90.41
N PRO K 81 -23.51 -6.27 91.52
CA PRO K 81 -24.51 -5.87 92.53
C PRO K 81 -25.38 -4.72 92.04
N PHE K 82 -26.59 -4.58 92.58
CA PHE K 82 -27.44 -3.43 92.26
C PHE K 82 -27.28 -2.36 93.33
N TYR K 83 -27.51 -1.10 92.94
CA TYR K 83 -27.52 0.04 93.84
C TYR K 83 -28.81 0.85 93.63
N VAL K 84 -29.13 1.68 94.62
CA VAL K 84 -30.32 2.52 94.61
C VAL K 84 -29.95 3.96 94.23
N LEU K 85 -30.56 4.44 93.15
CA LEU K 85 -30.37 5.80 92.67
C LEU K 85 -31.47 6.71 93.19
N PRO K 87 -32.63 11.20 94.08
CA PRO K 87 -32.30 12.62 94.00
C PRO K 87 -31.42 13.02 95.18
N ALA K 88 -30.61 14.05 95.02
CA ALA K 88 -29.63 14.42 96.04
C ALA K 88 -30.28 14.96 97.32
N ASP K 89 -31.46 15.56 97.20
CA ASP K 89 -32.14 16.09 98.38
C ASP K 89 -33.02 15.05 99.09
N HIS K 90 -33.10 13.84 98.53
CA HIS K 90 -33.97 12.79 99.07
C HIS K 90 -33.60 12.41 100.51
N PRO K 91 -34.61 12.18 101.36
CA PRO K 91 -34.38 11.84 102.76
C PRO K 91 -33.54 10.57 102.95
N TRP K 92 -33.64 9.61 102.04
CA TRP K 92 -32.77 8.44 102.05
C TRP K 92 -31.27 8.76 101.99
N THR K 93 -30.91 10.00 101.67
CA THR K 93 -29.53 10.45 101.76
C THR K 93 -28.98 10.20 103.16
N ALA K 94 -29.87 10.29 104.16
CA ALA K 94 -29.46 10.14 105.54
C ALA K 94 -28.92 8.75 105.83
N LYS K 95 -29.36 7.78 105.03
CA LYS K 95 -29.09 6.37 105.26
C LYS K 95 -27.77 5.92 104.64
N ALA K 96 -27.14 4.92 105.25
CA ALA K 96 -25.89 4.37 104.74
C ALA K 96 -26.18 3.29 103.70
N SER K 97 -27.30 2.61 103.86
CA SER K 97 -27.73 1.60 102.90
C SER K 97 -29.26 1.50 102.92
N ILE K 98 -29.85 0.90 101.90
CA ILE K 98 -31.29 0.89 101.81
C ILE K 98 -31.83 -0.53 101.91
N ASP K 99 -32.76 -0.75 102.82
CA ASP K 99 -33.45 -2.04 102.89
C ASP K 99 -34.31 -2.21 101.65
N SER K 100 -34.31 -3.42 101.10
CA SER K 100 -35.00 -3.67 99.83
C SER K 100 -36.52 -3.53 99.98
N GLU K 101 -36.99 -3.67 101.22
CA GLU K 101 -38.42 -3.59 101.52
C GLU K 101 -38.94 -2.17 101.40
N LEU K 102 -38.02 -1.21 101.35
CA LEU K 102 -38.38 0.19 101.25
C LEU K 102 -38.72 0.58 99.81
N LEU K 103 -38.31 -0.27 98.87
CA LEU K 103 -38.61 -0.02 97.46
C LEU K 103 -39.97 -0.55 97.06
N ASN K 104 -41.03 -0.04 97.68
CA ASN K 104 -42.38 -0.44 97.32
C ASN K 104 -43.26 0.72 96.85
N ASP K 105 -42.72 1.94 96.89
CA ASP K 105 -43.48 3.13 96.51
C ASP K 105 -43.85 3.13 95.04
N LYS K 106 -44.70 4.08 94.66
CA LYS K 106 -45.04 4.25 93.25
C LYS K 106 -44.01 5.16 92.61
N SER K 107 -43.11 5.68 93.44
CA SER K 107 -42.02 6.54 92.98
C SER K 107 -40.86 5.70 92.43
N LEU K 108 -40.90 4.40 92.68
CA LEU K 108 -39.93 3.49 92.08
C LEU K 108 -40.12 3.41 90.57
N LEU K 109 -39.14 3.91 89.83
CA LEU K 109 -39.20 3.95 88.38
C LEU K 109 -38.56 2.72 87.79
N LEU K 110 -39.31 2.01 86.96
CA LEU K 110 -38.80 0.77 86.39
C LEU K 110 -38.76 0.78 84.88
N LEU K 111 -37.91 -0.05 84.31
CA LEU K 111 -37.93 -0.29 82.88
C LEU K 111 -39.17 -1.06 82.48
N GLY K 112 -39.55 -0.96 81.20
CA GLY K 112 -40.69 -1.68 80.68
C GLY K 112 -40.43 -3.17 80.52
N GLU K 113 -41.50 -3.90 80.22
CA GLU K 113 -41.42 -5.32 79.90
C GLU K 113 -40.46 -5.54 78.73
N GLY K 114 -39.74 -6.65 78.78
CA GLY K 114 -38.72 -6.92 77.78
C GLY K 114 -37.33 -6.89 78.40
N HIS K 115 -37.10 -5.99 79.35
CA HIS K 115 -35.79 -5.88 80.00
C HIS K 115 -35.69 -6.85 81.17
N CYS K 116 -34.76 -7.79 81.09
CA CYS K 116 -34.54 -8.73 82.18
C CYS K 116 -34.28 -8.00 83.51
N PHE K 117 -33.61 -6.86 83.43
CA PHE K 117 -33.26 -6.10 84.62
C PHE K 117 -34.51 -5.68 85.39
N ARG K 118 -35.59 -5.37 84.68
CA ARG K 118 -36.87 -5.08 85.33
C ARG K 118 -37.30 -6.19 86.27
N ASP K 119 -37.27 -7.41 85.75
CA ASP K 119 -37.65 -8.58 86.52
C ASP K 119 -36.69 -8.85 87.66
N GLN K 120 -35.41 -8.57 87.45
CA GLN K 120 -34.41 -8.79 88.48
C GLN K 120 -34.63 -7.82 89.63
N VAL K 121 -35.08 -6.62 89.30
CA VAL K 121 -35.37 -5.61 90.30
C VAL K 121 -36.65 -5.97 91.06
N LEU K 122 -37.64 -6.47 90.32
CA LEU K 122 -38.90 -6.85 90.95
C LEU K 122 -38.65 -8.01 91.90
N GLU K 123 -37.86 -8.97 91.47
CA GLU K 123 -37.48 -10.11 92.28
C GLU K 123 -36.76 -9.68 93.56
N ALA K 124 -35.96 -8.61 93.46
CA ALA K 124 -35.28 -8.09 94.65
C ALA K 124 -36.20 -7.26 95.54
N CYS K 125 -37.48 -7.18 95.19
CA CYS K 125 -38.45 -6.40 95.96
C CYS K 125 -39.67 -7.24 96.35
N PRO K 126 -40.45 -6.78 97.36
CA PRO K 126 -41.71 -7.47 97.67
C PRO K 126 -42.77 -7.23 96.59
N LYS K 135 -48.32 -1.38 90.30
CA LYS K 135 -47.79 -0.97 91.59
C LYS K 135 -46.72 0.13 91.48
N HIS K 136 -45.68 -0.10 90.70
CA HIS K 136 -44.59 0.87 90.53
C HIS K 136 -44.77 1.65 89.24
N THR K 137 -44.00 2.72 89.08
CA THR K 137 -44.04 3.50 87.86
C THR K 137 -43.17 2.86 86.77
N THR K 138 -43.83 2.33 85.73
CA THR K 138 -43.10 1.71 84.62
C THR K 138 -42.99 2.64 83.43
N VAL K 139 -41.76 2.87 82.97
CA VAL K 139 -41.55 3.77 81.84
C VAL K 139 -41.29 3.00 80.55
N GLU K 140 -41.75 3.55 79.43
CA GLU K 140 -41.61 2.88 78.15
C GLU K 140 -40.39 3.40 77.39
N SER K 141 -39.21 3.14 77.95
CA SER K 141 -37.96 3.70 77.45
C SER K 141 -36.81 2.72 77.64
N SER K 142 -36.07 2.48 76.57
CA SER K 142 -35.04 1.45 76.53
C SER K 142 -33.75 1.84 77.27
N SER K 143 -33.77 2.98 77.95
CA SER K 143 -32.55 3.44 78.62
C SER K 143 -32.73 3.70 80.12
N LEU K 144 -31.73 3.27 80.87
CA LEU K 144 -31.59 3.60 82.28
C LEU K 144 -31.16 5.06 82.42
N GLU K 145 -30.58 5.60 81.35
CA GLU K 145 -30.18 7.00 81.35
C GLU K 145 -31.37 7.92 81.49
N THR K 146 -32.44 7.61 80.77
CA THR K 146 -33.66 8.40 80.87
C THR K 146 -34.21 8.35 82.29
N ILE K 147 -34.07 7.17 82.91
CA ILE K 147 -34.48 7.04 84.30
C ILE K 147 -33.59 7.91 85.18
N ARG K 148 -32.29 7.95 84.89
CA ARG K 148 -31.37 8.74 85.70
C ARG K 148 -31.77 10.21 85.61
N HIS K 149 -32.13 10.65 84.42
CA HIS K 149 -32.52 12.03 84.22
C HIS K 149 -33.75 12.34 85.04
N VAL K 151 -34.92 10.82 87.69
CA VAL K 151 -34.54 10.86 89.11
C VAL K 151 -33.75 12.15 89.45
N ALA K 152 -32.92 12.60 88.53
CA ALA K 152 -32.14 13.82 88.74
C ALA K 152 -33.06 15.03 88.86
N SER K 153 -34.20 14.98 88.17
CA SER K 153 -35.16 16.07 88.25
C SER K 153 -36.05 15.97 89.50
N GLY K 154 -36.01 14.82 90.16
CA GLY K 154 -36.75 14.64 91.39
C GLY K 154 -38.04 13.86 91.24
N LEU K 155 -38.20 13.18 90.10
CA LEU K 155 -39.41 12.41 89.82
C LEU K 155 -39.58 11.24 90.79
N GLY K 156 -38.49 10.57 91.14
CA GLY K 156 -38.57 9.47 92.07
C GLY K 156 -37.25 8.78 92.34
N VAL K 157 -37.31 7.48 92.53
CA VAL K 157 -36.14 6.70 92.89
C VAL K 157 -36.04 5.51 91.94
N SER K 158 -34.82 5.03 91.68
CA SER K 158 -34.70 3.85 90.84
C SER K 158 -33.58 2.93 91.28
N VAL K 159 -33.36 1.87 90.49
CA VAL K 159 -32.33 0.91 90.77
C VAL K 159 -31.43 0.79 89.56
N LEU K 160 -30.12 0.78 89.80
CA LEU K 160 -29.13 0.67 88.74
C LEU K 160 -28.15 -0.46 89.00
N PRO K 161 -27.63 -1.07 87.93
CA PRO K 161 -26.48 -1.95 88.10
C PRO K 161 -25.25 -1.14 88.49
N PHE K 162 -24.29 -1.76 89.17
CA PHE K 162 -23.13 -1.03 89.68
C PHE K 162 -22.32 -0.31 88.61
N SER K 163 -22.21 -0.92 87.44
CA SER K 163 -21.39 -0.35 86.36
C SER K 163 -21.98 0.94 85.82
N ALA K 164 -23.16 1.32 86.30
CA ALA K 164 -23.79 2.51 85.78
C ALA K 164 -23.78 3.65 86.78
N VAL K 165 -23.31 3.39 88.01
CA VAL K 165 -23.45 4.38 89.08
C VAL K 165 -22.63 5.64 88.85
N ASP K 166 -21.53 5.53 88.12
CA ASP K 166 -20.71 6.71 87.87
C ASP K 166 -20.71 7.12 86.40
N SER K 167 -21.43 6.35 85.58
CA SER K 167 -21.45 6.59 84.14
C SER K 167 -22.47 7.66 83.74
N HIS K 168 -22.22 8.88 84.18
CA HIS K 168 -23.09 10.00 83.86
C HIS K 168 -22.28 11.29 83.84
N HIS K 169 -22.91 12.38 83.42
CA HIS K 169 -22.21 13.65 83.28
C HIS K 169 -22.75 14.72 84.21
N TYR K 170 -23.32 14.32 85.33
CA TYR K 170 -23.81 15.28 86.31
C TYR K 170 -22.72 15.67 87.30
N ALA K 171 -22.64 16.97 87.61
CA ALA K 171 -21.76 17.43 88.67
C ALA K 171 -22.30 16.92 90.01
N PRO K 172 -21.42 16.72 91.00
CA PRO K 172 -21.85 16.29 92.33
C PRO K 172 -22.97 17.16 92.90
N GLY K 173 -23.83 16.55 93.70
CA GLY K 173 -24.91 17.27 94.36
C GLY K 173 -26.23 17.20 93.62
N VAL K 174 -26.29 16.37 92.58
CA VAL K 174 -27.53 16.20 91.81
C VAL K 174 -28.15 14.82 92.07
N ILE K 175 -27.38 13.77 91.88
CA ILE K 175 -27.89 12.45 92.22
C ILE K 175 -26.99 11.77 93.24
N GLU K 176 -27.59 10.87 94.00
CA GLU K 176 -26.88 10.10 95.01
C GLU K 176 -27.18 8.65 94.79
N VAL K 177 -26.27 7.81 95.26
CA VAL K 177 -26.40 6.38 95.11
C VAL K 177 -26.12 5.71 96.46
N ARG K 178 -26.89 4.69 96.79
CA ARG K 178 -26.69 3.95 98.03
C ARG K 178 -26.78 2.45 97.77
N PRO K 179 -25.93 1.67 98.45
CA PRO K 179 -26.04 0.22 98.32
C PRO K 179 -27.27 -0.33 99.05
N PHE K 180 -27.75 -1.47 98.56
CA PHE K 180 -28.73 -2.27 99.27
C PHE K 180 -28.11 -2.83 100.55
N SER K 181 -28.95 -3.05 101.57
CA SER K 181 -28.51 -3.72 102.78
C SER K 181 -28.28 -5.20 102.48
N ALA K 182 -27.41 -5.85 103.25
CA ALA K 182 -27.18 -7.26 103.05
C ALA K 182 -28.48 -8.05 103.31
N PRO K 183 -28.72 -9.11 102.53
CA PRO K 183 -27.90 -9.50 101.39
C PRO K 183 -28.19 -8.69 100.13
N VAL K 184 -27.12 -8.23 99.50
CA VAL K 184 -27.19 -7.39 98.31
C VAL K 184 -27.64 -8.14 97.06
N PRO K 185 -28.64 -7.62 96.34
CA PRO K 185 -29.06 -8.26 95.10
C PRO K 185 -28.06 -8.03 93.98
N PHE K 186 -28.02 -8.92 93.00
CA PHE K 186 -27.07 -8.84 91.91
C PHE K 186 -27.52 -9.63 90.69
N ARG K 187 -26.79 -9.46 89.61
CA ARG K 187 -27.03 -10.20 88.40
C ARG K 187 -25.74 -10.83 87.95
N THR K 188 -25.84 -11.84 87.11
CA THR K 188 -24.66 -12.47 86.57
C THR K 188 -24.53 -12.17 85.10
N VAL K 189 -23.51 -11.37 84.78
CA VAL K 189 -23.19 -11.13 83.39
C VAL K 189 -22.45 -12.33 82.83
N ALA K 190 -22.89 -12.72 81.65
CA ALA K 190 -22.33 -13.84 80.90
C ALA K 190 -22.15 -13.49 79.41
N ILE K 191 -21.35 -14.30 78.74
CA ILE K 191 -21.18 -14.18 77.30
C ILE K 191 -21.67 -15.47 76.63
N ALA K 192 -22.32 -15.33 75.49
CA ALA K 192 -22.87 -16.48 74.76
C ALA K 192 -22.46 -16.43 73.28
N TRP K 193 -22.04 -17.59 72.76
CA TRP K 193 -21.63 -17.69 71.36
C TRP K 193 -21.99 -19.08 70.83
N ARG K 194 -22.12 -19.20 69.51
CA ARG K 194 -22.51 -20.48 68.90
C ARG K 194 -21.47 -21.55 69.10
N ALA K 195 -21.93 -22.75 69.38
CA ALA K 195 -21.03 -23.89 69.43
C ALA K 195 -20.46 -24.12 68.04
N SER K 196 -19.19 -24.49 67.99
CA SER K 196 -18.46 -24.71 66.74
C SER K 196 -18.33 -23.40 65.98
N PHE K 197 -18.15 -22.32 66.73
CA PHE K 197 -17.85 -21.03 66.14
C PHE K 197 -16.41 -21.05 65.64
N PRO K 198 -16.18 -20.55 64.42
CA PRO K 198 -14.88 -20.56 63.74
C PRO K 198 -13.73 -19.91 64.52
N ARG K 199 -14.02 -18.94 65.39
CA ARG K 199 -12.97 -18.16 66.03
C ARG K 199 -13.06 -18.17 67.56
N PRO K 200 -12.64 -19.28 68.20
CA PRO K 200 -12.73 -19.43 69.65
C PRO K 200 -11.79 -18.51 70.42
N ARG K 201 -10.65 -18.20 69.84
CA ARG K 201 -9.67 -17.32 70.48
C ARG K 201 -10.26 -15.92 70.66
N ALA K 202 -11.08 -15.52 69.70
CA ALA K 202 -11.72 -14.20 69.77
C ALA K 202 -12.70 -14.16 70.93
N ILE K 203 -13.45 -15.24 71.08
CA ILE K 203 -14.38 -15.39 72.18
C ILE K 203 -13.66 -15.34 73.51
N GLU K 204 -12.51 -16.03 73.58
CA GLU K 204 -11.73 -16.08 74.81
C GLU K 204 -11.18 -14.72 75.21
N VAL K 205 -10.62 -14.02 74.23
CA VAL K 205 -10.04 -12.72 74.51
C VAL K 205 -11.13 -11.71 74.87
N LEU K 206 -12.26 -11.78 74.16
CA LEU K 206 -13.39 -10.92 74.47
C LEU K 206 -13.86 -11.16 75.90
N ALA K 207 -13.99 -12.43 76.28
CA ALA K 207 -14.39 -12.83 77.62
C ALA K 207 -13.48 -12.26 78.71
N ASP K 208 -12.18 -12.51 78.58
CA ASP K 208 -11.22 -11.94 79.53
C ASP K 208 -11.29 -10.42 79.58
N SER K 209 -11.51 -9.79 78.43
CA SER K 209 -11.63 -8.34 78.41
C SER K 209 -12.85 -7.87 79.20
N ILE K 210 -13.97 -8.56 78.99
CA ILE K 210 -15.22 -8.23 79.68
C ILE K 210 -15.03 -8.34 81.20
N ARG K 211 -14.45 -9.48 81.60
CA ARG K 211 -14.09 -9.70 83.01
C ARG K 211 -13.22 -8.56 83.55
N LEU K 212 -12.20 -8.15 82.81
CA LEU K 212 -11.38 -6.99 83.20
C LEU K 212 -12.20 -5.72 83.37
N CYS K 213 -13.25 -5.54 82.57
CA CYS K 213 -14.06 -4.33 82.70
C CYS K 213 -14.98 -4.40 83.91
N SER K 214 -15.20 -5.61 84.41
CA SER K 214 -15.96 -5.73 85.66
C SER K 214 -15.25 -5.07 86.84
N VAL K 215 -13.92 -5.09 86.85
CA VAL K 215 -13.19 -4.41 87.94
C VAL K 215 -13.26 -2.92 87.71
N ALA K 216 -13.41 -2.18 88.79
CA ALA K 216 -13.66 -0.75 88.70
C ALA K 216 -12.39 0.05 88.99
N ARG K 217 -12.33 1.26 88.43
CA ARG K 217 -11.22 2.17 88.69
C ARG K 217 -11.23 2.67 90.13
N PRO K 218 -10.13 2.49 90.85
CA PRO K 218 -9.96 3.09 92.18
C PRO K 218 -9.88 4.61 92.10
N ALA L 4 -46.32 28.62 90.77
CA ALA L 4 -47.77 28.57 90.59
C ALA L 4 -48.20 27.33 89.80
N GLN L 5 -47.87 27.32 88.51
CA GLN L 5 -48.24 26.21 87.62
C GLN L 5 -47.04 25.29 87.46
N LEU L 6 -46.27 25.26 88.52
CA LEU L 6 -44.93 24.73 88.45
C LEU L 6 -44.66 23.77 89.60
N ALA L 7 -45.76 23.25 90.15
CA ALA L 7 -45.69 22.30 91.25
C ALA L 7 -45.79 20.86 90.74
N ALA L 8 -46.65 20.65 89.74
CA ALA L 8 -46.85 19.33 89.16
C ALA L 8 -45.73 19.00 88.19
N PRO L 9 -45.43 17.71 88.01
CA PRO L 9 -44.44 17.28 87.02
C PRO L 9 -44.78 17.78 85.63
N LEU L 10 -43.77 17.82 84.77
CA LEU L 10 -43.95 18.22 83.38
C LEU L 10 -43.52 17.08 82.50
N LYS L 11 -44.32 16.72 81.51
CA LYS L 11 -44.02 15.55 80.68
C LYS L 11 -43.35 15.98 79.37
N VAL L 12 -42.04 15.72 79.31
CA VAL L 12 -41.21 16.18 78.22
C VAL L 12 -40.72 15.06 77.31
N GLY L 13 -40.95 15.21 76.02
CA GLY L 13 -40.40 14.31 75.03
C GLY L 13 -39.13 14.91 74.42
N ALA L 14 -38.30 14.07 73.82
CA ALA L 14 -37.16 14.55 73.05
C ALA L 14 -36.73 13.50 72.03
N ILE L 15 -36.09 13.93 70.95
CA ILE L 15 -35.67 12.92 69.98
C ILE L 15 -34.41 12.21 70.48
N TYR L 16 -34.14 11.04 69.91
CA TYR L 16 -33.05 10.19 70.39
C TYR L 16 -31.73 10.90 70.37
N THR L 17 -31.55 11.81 69.42
CA THR L 17 -30.25 12.44 69.21
C THR L 17 -30.08 13.76 69.95
N ILE L 18 -31.05 14.12 70.79
CA ILE L 18 -30.96 15.35 71.57
C ILE L 18 -30.95 15.09 73.08
N GLY L 19 -31.94 14.33 73.53
CA GLY L 19 -32.15 14.03 74.94
C GLY L 19 -30.91 13.70 75.75
N PRO L 20 -30.23 12.60 75.40
CA PRO L 20 -29.04 12.14 76.15
C PRO L 20 -27.99 13.23 76.31
N TYR L 21 -27.93 14.12 75.33
CA TYR L 21 -26.93 15.18 75.32
C TYR L 21 -27.45 16.51 75.86
N LEU L 22 -28.76 16.61 76.09
CA LEU L 22 -29.35 17.87 76.57
C LEU L 22 -29.74 17.83 78.04
N PHE L 23 -30.39 16.75 78.46
CA PHE L 23 -30.91 16.69 79.82
C PHE L 23 -29.87 16.83 80.92
N PRO L 24 -28.68 16.20 80.78
CA PRO L 24 -27.71 16.37 81.88
C PRO L 24 -27.39 17.84 82.19
N HIS L 25 -27.37 18.70 81.16
CA HIS L 25 -27.16 20.13 81.35
C HIS L 25 -28.46 20.80 81.80
N LEU L 26 -29.58 20.32 81.25
CA LEU L 26 -30.87 20.96 81.44
C LEU L 26 -31.40 20.86 82.86
N ILE L 27 -31.32 19.66 83.43
CA ILE L 27 -31.94 19.40 84.72
C ILE L 27 -31.50 20.38 85.83
N PRO L 28 -30.17 20.61 86.00
CA PRO L 28 -29.81 21.47 87.13
C PRO L 28 -30.20 22.93 86.93
N GLN L 29 -30.06 23.42 85.69
CA GLN L 29 -30.44 24.79 85.35
C GLN L 29 -31.95 24.91 85.38
N LEU L 30 -32.64 23.78 85.32
CA LEU L 30 -34.08 23.80 85.46
C LEU L 30 -34.43 23.84 86.95
N HIS L 31 -33.65 23.16 87.77
CA HIS L 31 -33.92 23.10 89.20
C HIS L 31 -33.75 24.45 89.89
N ARG L 32 -32.75 25.24 89.46
CA ARG L 32 -32.40 26.48 90.13
C ARG L 32 -33.47 27.56 89.91
N VAL L 33 -34.16 27.47 88.77
CA VAL L 33 -35.19 28.43 88.42
C VAL L 33 -36.55 27.84 88.81
N ALA L 34 -36.56 26.55 89.05
CA ALA L 34 -37.80 25.80 89.08
C ALA L 34 -37.70 24.51 89.90
N PRO L 35 -37.64 24.66 91.22
CA PRO L 35 -37.23 23.59 92.12
C PRO L 35 -38.27 22.48 92.28
N GLN L 36 -39.55 22.83 92.24
CA GLN L 36 -40.58 21.86 92.57
C GLN L 36 -41.22 21.19 91.34
N PRO L 38 -40.47 18.10 88.68
CA PRO L 38 -39.72 17.05 88.02
C PRO L 38 -40.17 16.90 86.56
N LEU L 39 -39.48 16.02 85.86
CA LEU L 39 -39.75 15.76 84.46
C LEU L 39 -40.07 14.29 84.21
N TYR L 40 -41.20 14.02 83.55
CA TYR L 40 -41.45 12.70 83.02
C TYR L 40 -40.90 12.68 81.62
N ILE L 41 -39.78 12.01 81.42
CA ILE L 41 -39.07 12.12 80.16
C ILE L 41 -39.32 10.92 79.25
N GLU L 42 -39.63 11.20 77.98
CA GLU L 42 -39.67 10.16 76.98
C GLU L 42 -38.79 10.53 75.81
N GLU L 43 -38.08 9.57 75.26
CA GLU L 43 -37.31 9.82 74.05
C GLU L 43 -37.86 8.95 72.94
N ASN L 44 -37.98 9.51 71.73
CA ASN L 44 -38.49 8.73 70.59
C ASN L 44 -38.25 9.38 69.23
N PHE L 45 -38.82 8.78 68.19
CA PHE L 45 -38.81 9.41 66.86
C PHE L 45 -39.67 10.65 66.87
N THR L 46 -39.55 11.43 65.81
CA THR L 46 -40.26 12.70 65.70
C THR L 46 -41.77 12.49 65.60
N HIS L 47 -42.20 11.59 64.72
CA HIS L 47 -43.64 11.41 64.45
C HIS L 47 -44.39 10.86 65.66
N ILE L 48 -43.72 10.02 66.44
CA ILE L 48 -44.33 9.46 67.65
C ILE L 48 -44.46 10.55 68.71
N LEU L 49 -43.44 11.41 68.84
CA LEU L 49 -43.50 12.54 69.76
C LEU L 49 -44.58 13.53 69.31
N ARG L 50 -44.87 13.51 68.02
CA ARG L 50 -45.94 14.33 67.46
C ARG L 50 -47.29 13.78 67.87
N ASP L 51 -47.49 12.49 67.70
CA ASP L 51 -48.72 11.84 68.16
C ASP L 51 -48.93 12.10 69.65
N LYS L 52 -47.91 11.88 70.45
CA LYS L 52 -48.02 12.03 71.90
C LYS L 52 -48.23 13.47 72.29
N LEU L 53 -47.69 14.40 71.51
CA LEU L 53 -47.91 15.81 71.81
C LEU L 53 -49.34 16.20 71.46
N ARG L 54 -49.87 15.58 70.40
CA ARG L 54 -51.23 15.83 69.93
C ARG L 54 -52.27 15.30 70.90
N THR L 55 -52.09 14.06 71.36
CA THR L 55 -53.07 13.40 72.20
C THR L 55 -53.01 13.87 73.65
N GLY L 56 -51.92 14.53 74.01
CA GLY L 56 -51.75 15.00 75.38
C GLY L 56 -50.89 14.15 76.29
N GLU L 57 -50.41 13.01 75.77
CA GLU L 57 -49.49 12.12 76.49
C GLU L 57 -48.17 12.82 76.87
N LEU L 58 -47.74 13.76 76.02
CA LEU L 58 -46.61 14.61 76.33
C LEU L 58 -47.07 16.06 76.34
N ASP L 59 -46.38 16.89 77.14
CA ASP L 59 -46.76 18.29 77.24
C ASP L 59 -45.87 19.17 76.36
N ALA L 60 -44.59 18.86 76.36
CA ALA L 60 -43.62 19.63 75.59
C ALA L 60 -42.59 18.70 74.98
N ILE L 61 -42.31 18.86 73.70
CA ILE L 61 -41.34 18.02 73.02
C ILE L 61 -40.14 18.81 72.49
N ILE L 62 -39.00 18.14 72.37
CA ILE L 62 -37.79 18.78 71.88
C ILE L 62 -37.30 18.06 70.64
N ILE L 63 -37.41 18.78 69.53
CA ILE L 63 -37.20 18.22 68.21
C ILE L 63 -36.24 19.07 67.38
N ALA L 64 -35.96 18.61 66.16
CA ALA L 64 -35.14 19.39 65.23
C ALA L 64 -35.94 19.85 64.02
N LEU L 65 -35.80 21.13 63.66
CA LEU L 65 -36.46 21.72 62.48
C LEU L 65 -36.13 20.99 61.17
N PRO L 66 -37.06 20.99 60.21
CA PRO L 66 -38.36 21.69 60.24
C PRO L 66 -39.43 20.86 60.96
N PHE L 67 -40.37 21.56 61.58
CA PHE L 67 -41.45 20.91 62.32
C PHE L 67 -42.64 21.85 62.46
N GLN L 68 -43.76 21.45 61.87
CA GLN L 68 -44.99 22.23 61.96
C GLN L 68 -46.19 21.30 62.12
N GLU L 69 -47.10 21.68 63.00
CA GLU L 69 -48.26 20.86 63.30
C GLU L 69 -49.42 21.74 63.75
N ALA L 70 -50.63 21.36 63.34
CA ALA L 70 -51.83 22.14 63.65
C ALA L 70 -52.01 22.28 65.15
N ASP L 71 -52.43 23.48 65.56
CA ASP L 71 -52.70 23.79 66.97
C ASP L 71 -51.43 23.69 67.85
N VAL L 72 -50.25 23.63 67.22
CA VAL L 72 -49.02 23.55 67.99
C VAL L 72 -48.10 24.74 67.74
N LEU L 73 -47.61 25.35 68.82
CA LEU L 73 -46.60 26.40 68.76
C LEU L 73 -45.20 25.81 68.64
N THR L 74 -44.31 26.49 67.91
CA THR L 74 -42.93 26.02 67.78
C THR L 74 -41.94 27.15 67.90
N LYS L 75 -40.95 26.96 68.76
CA LYS L 75 -39.99 28.00 69.05
C LYS L 75 -38.56 27.47 68.91
N PRO L 76 -37.82 28.00 67.92
CA PRO L 76 -36.40 27.66 67.72
C PRO L 76 -35.59 27.97 68.98
N LEU L 77 -34.92 26.96 69.51
CA LEU L 77 -34.14 27.13 70.73
C LEU L 77 -32.71 27.53 70.39
N PHE L 78 -32.04 26.74 69.56
CA PHE L 78 -30.66 27.08 69.19
C PHE L 78 -30.20 26.33 67.95
N ASP L 79 -29.00 26.69 67.46
CA ASP L 79 -28.42 26.02 66.31
C ASP L 79 -27.25 25.14 66.75
N GLU L 80 -27.14 23.97 66.14
CA GLU L 80 -26.16 22.97 66.56
C GLU L 80 -25.34 22.46 65.37
N PRO L 81 -24.06 22.83 65.32
CA PRO L 81 -23.13 22.40 64.26
C PRO L 81 -22.79 20.92 64.37
N PHE L 82 -22.50 20.25 63.25
CA PHE L 82 -22.12 18.84 63.25
C PHE L 82 -20.59 18.71 63.32
N TYR L 83 -20.12 17.56 63.79
CA TYR L 83 -18.69 17.27 63.88
C TYR L 83 -18.40 15.86 63.41
N VAL L 84 -17.16 15.62 63.00
CA VAL L 84 -16.75 14.30 62.54
C VAL L 84 -16.01 13.54 63.64
N LEU L 85 -16.44 12.30 63.87
CA LEU L 85 -15.87 11.45 64.90
C LEU L 85 -15.05 10.34 64.27
N PRO L 87 -11.49 7.32 64.93
CA PRO L 87 -10.46 6.70 65.79
C PRO L 87 -9.24 7.62 65.95
N ALA L 88 -8.51 7.44 67.05
CA ALA L 88 -7.33 8.27 67.30
C ALA L 88 -6.23 7.97 66.30
N ASP L 89 -6.15 6.72 65.84
CA ASP L 89 -5.13 6.31 64.87
C ASP L 89 -5.53 6.58 63.41
N HIS L 90 -6.76 7.05 63.21
CA HIS L 90 -7.23 7.41 61.87
C HIS L 90 -6.38 8.52 61.27
N PRO L 91 -6.07 8.41 59.97
CA PRO L 91 -5.28 9.41 59.24
C PRO L 91 -5.88 10.83 59.27
N TRP L 92 -7.20 10.97 59.22
CA TRP L 92 -7.84 12.28 59.24
C TRP L 92 -7.57 13.10 60.51
N THR L 93 -6.84 12.53 61.47
CA THR L 93 -6.48 13.29 62.66
C THR L 93 -5.42 14.33 62.28
N ALA L 94 -4.75 14.09 61.16
CA ALA L 94 -3.74 15.04 60.69
C ALA L 94 -4.42 16.30 60.15
N LYS L 95 -5.66 16.16 59.68
CA LYS L 95 -6.39 17.31 59.17
C LYS L 95 -6.90 18.17 60.31
N ALA L 96 -7.02 19.47 60.06
CA ALA L 96 -7.61 20.38 61.02
C ALA L 96 -9.14 20.33 60.94
N SER L 97 -9.63 20.09 59.72
CA SER L 97 -11.08 19.97 59.49
C SER L 97 -11.36 19.00 58.34
N ILE L 98 -12.54 18.38 58.36
CA ILE L 98 -12.89 17.41 57.32
C ILE L 98 -13.92 18.02 56.38
N ASP L 99 -13.60 17.98 55.09
CA ASP L 99 -14.52 18.48 54.09
C ASP L 99 -15.60 17.44 53.85
N SER L 100 -16.84 17.92 53.72
CA SER L 100 -17.99 17.03 53.66
C SER L 100 -17.88 15.98 52.55
N GLU L 101 -17.29 16.37 51.42
CA GLU L 101 -17.18 15.47 50.28
C GLU L 101 -16.35 14.23 50.62
N LEU L 102 -15.45 14.35 51.59
CA LEU L 102 -14.62 13.23 52.02
C LEU L 102 -15.43 12.11 52.66
N LEU L 103 -16.58 12.49 53.22
CA LEU L 103 -17.47 11.56 53.92
C LEU L 103 -18.38 10.78 52.96
N ASN L 104 -17.79 10.18 51.94
CA ASN L 104 -18.56 9.31 51.04
C ASN L 104 -17.80 8.00 50.91
N ASP L 105 -17.91 7.18 51.95
CA ASP L 105 -17.17 5.94 52.02
C ASP L 105 -17.91 4.91 52.87
N LYS L 106 -17.58 3.64 52.68
CA LYS L 106 -18.15 2.54 53.46
C LYS L 106 -17.87 2.72 54.95
N SER L 107 -16.80 3.43 55.25
CA SER L 107 -16.38 3.66 56.63
C SER L 107 -17.34 4.57 57.40
N LEU L 108 -18.20 5.28 56.69
CA LEU L 108 -19.15 6.18 57.32
C LEU L 108 -20.31 5.43 57.98
N LEU L 109 -20.42 5.61 59.28
CA LEU L 109 -21.40 4.90 60.10
C LEU L 109 -22.51 5.85 60.51
N LEU L 110 -23.72 5.58 60.07
CA LEU L 110 -24.85 6.46 60.41
C LEU L 110 -26.10 5.70 60.86
N LEU L 111 -26.91 6.38 61.67
CA LEU L 111 -28.19 5.88 62.15
C LEU L 111 -29.12 5.37 61.06
N GLY L 112 -30.10 4.58 61.46
CA GLY L 112 -31.07 4.01 60.53
C GLY L 112 -32.20 4.95 60.23
N GLU L 113 -33.07 4.56 59.30
CA GLU L 113 -34.18 5.43 58.88
C GLU L 113 -35.15 5.63 60.03
N GLY L 114 -35.72 6.82 60.09
CA GLY L 114 -36.56 7.19 61.21
C GLY L 114 -35.91 8.34 61.96
N HIS L 115 -34.58 8.31 61.98
CA HIS L 115 -33.80 9.37 62.62
C HIS L 115 -33.59 10.55 61.68
N CYS L 116 -34.01 11.73 62.10
CA CYS L 116 -33.92 12.90 61.24
C CYS L 116 -32.46 13.30 61.05
N PHE L 117 -31.64 13.06 62.07
CA PHE L 117 -30.21 13.35 62.03
C PHE L 117 -29.52 12.56 60.93
N ARG L 118 -30.01 11.35 60.65
CA ARG L 118 -29.46 10.55 59.57
C ARG L 118 -29.61 11.30 58.25
N ASP L 119 -30.82 11.78 57.98
CA ASP L 119 -31.11 12.52 56.75
C ASP L 119 -30.28 13.80 56.69
N GLN L 120 -30.24 14.53 57.80
CA GLN L 120 -29.40 15.72 57.92
C GLN L 120 -27.93 15.46 57.51
N VAL L 121 -27.37 14.36 58.00
CA VAL L 121 -26.01 13.98 57.65
C VAL L 121 -25.90 13.59 56.17
N LEU L 122 -26.90 12.86 55.68
CA LEU L 122 -26.90 12.42 54.28
C LEU L 122 -26.93 13.59 53.32
N GLU L 123 -27.66 14.64 53.71
CA GLU L 123 -27.77 15.85 52.90
C GLU L 123 -26.58 16.78 53.11
N ALA L 124 -25.87 16.58 54.22
CA ALA L 124 -24.65 17.33 54.45
C ALA L 124 -23.53 16.79 53.56
N CYS L 125 -23.67 15.54 53.14
CA CYS L 125 -22.77 14.88 52.20
C CYS L 125 -23.27 15.04 50.76
N PRO L 126 -22.39 14.77 49.77
CA PRO L 126 -22.84 14.74 48.36
C PRO L 126 -23.72 13.53 48.07
N HIS L 136 -21.76 4.40 51.82
CA HIS L 136 -22.12 4.60 53.22
C HIS L 136 -22.49 3.28 53.89
N THR L 137 -22.73 3.33 55.20
CA THR L 137 -23.04 2.13 55.97
C THR L 137 -24.12 2.39 57.01
N THR L 138 -25.26 1.73 56.82
CA THR L 138 -26.37 1.85 57.75
C THR L 138 -26.34 0.69 58.72
N VAL L 139 -26.22 0.98 60.02
CA VAL L 139 -26.31 -0.07 61.02
C VAL L 139 -27.66 -0.01 61.71
N GLU L 140 -28.41 -1.10 61.58
CA GLU L 140 -29.77 -1.18 62.10
C GLU L 140 -29.80 -1.04 63.63
N SER L 141 -30.86 -0.41 64.14
CA SER L 141 -31.08 -0.28 65.57
C SER L 141 -29.94 0.45 66.26
N SER L 142 -29.39 1.44 65.59
CA SER L 142 -28.24 2.15 66.13
C SER L 142 -28.65 3.30 67.03
N SER L 143 -27.78 3.59 67.98
CA SER L 143 -27.82 4.85 68.72
C SER L 143 -26.48 5.53 68.49
N LEU L 144 -26.40 6.83 68.76
CA LEU L 144 -25.15 7.55 68.51
C LEU L 144 -24.02 7.01 69.39
N GLU L 145 -24.36 6.60 70.61
CA GLU L 145 -23.37 6.06 71.54
C GLU L 145 -22.80 4.72 71.06
N THR L 146 -23.69 3.90 70.51
CA THR L 146 -23.28 2.63 69.91
C THR L 146 -22.30 2.93 68.80
N ILE L 147 -22.65 3.92 67.99
CA ILE L 147 -21.80 4.36 66.89
C ILE L 147 -20.44 4.82 67.40
N ARG L 148 -20.43 5.60 68.48
CA ARG L 148 -19.18 6.08 69.08
C ARG L 148 -18.31 4.90 69.49
N HIS L 149 -18.95 3.89 70.08
CA HIS L 149 -18.21 2.70 70.48
C HIS L 149 -17.58 2.02 69.27
N VAL L 151 -16.88 3.23 66.30
CA VAL L 151 -15.80 4.09 65.83
C VAL L 151 -14.55 3.89 66.70
N ALA L 152 -14.75 3.90 68.01
CA ALA L 152 -13.68 3.78 68.99
C ALA L 152 -12.88 2.49 68.84
N SER L 153 -13.58 1.41 68.51
CA SER L 153 -12.91 0.14 68.28
C SER L 153 -12.24 0.15 66.91
N GLY L 154 -12.57 1.17 66.11
CA GLY L 154 -11.92 1.37 64.82
C GLY L 154 -12.68 0.85 63.62
N LEU L 155 -13.99 0.70 63.73
CA LEU L 155 -14.79 0.13 62.65
C LEU L 155 -15.04 1.12 61.52
N GLY L 156 -14.89 2.41 61.82
CA GLY L 156 -15.15 3.40 60.79
C GLY L 156 -15.16 4.79 61.37
N VAL L 157 -15.96 5.65 60.76
CA VAL L 157 -15.97 7.05 61.12
C VAL L 157 -17.43 7.47 61.15
N SER L 158 -17.76 8.48 61.95
CA SER L 158 -19.14 8.94 61.96
C SER L 158 -19.27 10.44 62.10
N VAL L 159 -20.51 10.87 62.30
CA VAL L 159 -20.84 12.27 62.50
C VAL L 159 -21.73 12.42 63.73
N LEU L 160 -21.48 13.46 64.51
CA LEU L 160 -22.24 13.71 65.72
C LEU L 160 -22.70 15.15 65.78
N PRO L 161 -23.76 15.43 66.55
CA PRO L 161 -24.08 16.80 66.93
C PRO L 161 -23.13 17.29 68.00
N PHE L 162 -22.95 18.61 68.06
CA PHE L 162 -21.97 19.24 68.92
C PHE L 162 -22.14 18.85 70.38
N SER L 163 -23.38 18.87 70.86
CA SER L 163 -23.65 18.53 72.25
C SER L 163 -23.28 17.08 72.59
N ALA L 164 -22.98 16.28 71.59
CA ALA L 164 -22.66 14.89 71.85
C ALA L 164 -21.16 14.61 71.94
N VAL L 165 -20.33 15.52 71.45
CA VAL L 165 -18.92 15.17 71.18
C VAL L 165 -18.13 14.84 72.44
N ASP L 166 -18.35 15.59 73.52
CA ASP L 166 -17.63 15.36 74.77
C ASP L 166 -18.50 14.62 75.80
N SER L 167 -19.64 14.10 75.35
CA SER L 167 -20.53 13.37 76.25
C SER L 167 -20.21 11.86 76.23
N HIS L 168 -19.02 11.52 76.72
CA HIS L 168 -18.58 10.13 76.75
C HIS L 168 -17.59 9.89 77.88
N HIS L 169 -17.25 8.62 78.10
CA HIS L 169 -16.35 8.26 79.19
C HIS L 169 -15.12 7.56 78.65
N TYR L 170 -14.40 8.25 77.76
CA TYR L 170 -13.21 7.70 77.15
C TYR L 170 -11.96 8.50 77.52
N ALA L 171 -10.90 7.79 77.86
CA ALA L 171 -9.61 8.42 78.13
C ALA L 171 -9.10 9.07 76.84
N PRO L 172 -8.31 10.14 76.97
CA PRO L 172 -7.75 10.80 75.78
C PRO L 172 -6.99 9.83 74.90
N GLY L 173 -7.02 10.04 73.59
CA GLY L 173 -6.27 9.20 72.68
C GLY L 173 -7.03 7.96 72.25
N VAL L 174 -8.33 7.97 72.42
CA VAL L 174 -9.17 6.89 71.95
C VAL L 174 -10.02 7.35 70.78
N ILE L 175 -10.71 8.46 70.95
CA ILE L 175 -11.49 9.00 69.86
C ILE L 175 -11.19 10.47 69.68
N GLU L 176 -11.06 10.87 68.42
CA GLU L 176 -10.82 12.26 68.10
C GLU L 176 -12.02 12.81 67.35
N VAL L 177 -12.19 14.13 67.45
CA VAL L 177 -13.26 14.79 66.74
C VAL L 177 -12.68 15.98 65.98
N ARG L 178 -13.03 16.11 64.70
CA ARG L 178 -12.66 17.30 63.93
C ARG L 178 -13.89 17.97 63.36
N PRO L 179 -13.89 19.31 63.35
CA PRO L 179 -15.01 20.05 62.80
C PRO L 179 -15.08 19.85 61.29
N PHE L 180 -16.22 20.19 60.70
CA PHE L 180 -16.36 20.18 59.26
C PHE L 180 -15.60 21.36 58.69
N SER L 181 -15.07 21.20 57.48
CA SER L 181 -14.57 22.34 56.70
C SER L 181 -15.77 23.15 56.25
N ALA L 182 -15.62 24.47 56.18
CA ALA L 182 -16.71 25.36 55.76
C ALA L 182 -17.26 24.97 54.39
N PRO L 183 -18.59 25.14 54.19
CA PRO L 183 -19.56 25.59 55.18
C PRO L 183 -19.99 24.46 56.12
N VAL L 184 -20.00 24.75 57.42
CA VAL L 184 -20.37 23.76 58.45
C VAL L 184 -21.87 23.47 58.46
N PRO L 185 -22.24 22.19 58.27
CA PRO L 185 -23.64 21.77 58.38
C PRO L 185 -24.15 21.82 59.82
N PHE L 186 -25.41 22.21 60.00
CA PHE L 186 -25.97 22.31 61.35
C PHE L 186 -27.45 21.99 61.35
N ARG L 187 -27.99 21.79 62.54
CA ARG L 187 -29.40 21.50 62.70
C ARG L 187 -29.97 22.56 63.62
N THR L 188 -31.28 22.77 63.56
CA THR L 188 -31.90 23.71 64.49
C THR L 188 -32.77 22.97 65.52
N VAL L 189 -32.37 23.08 66.79
CA VAL L 189 -33.09 22.49 67.91
C VAL L 189 -34.20 23.44 68.38
N ALA L 190 -35.41 22.90 68.50
CA ALA L 190 -36.58 23.68 68.87
C ALA L 190 -37.52 22.92 69.81
N ILE L 191 -38.23 23.66 70.66
CA ILE L 191 -39.23 23.10 71.54
C ILE L 191 -40.64 23.35 70.97
N ALA L 192 -41.46 22.32 70.96
CA ALA L 192 -42.86 22.47 70.55
C ALA L 192 -43.80 22.15 71.71
N TRP L 193 -44.94 22.84 71.71
CA TRP L 193 -46.00 22.64 72.71
C TRP L 193 -47.32 23.22 72.18
N ARG L 194 -48.43 22.62 72.60
CA ARG L 194 -49.75 23.04 72.12
C ARG L 194 -50.14 24.39 72.71
N ALA L 195 -51.03 25.09 72.03
CA ALA L 195 -51.44 26.43 72.47
C ALA L 195 -52.45 26.37 73.62
N SER L 196 -53.17 25.27 73.76
CA SER L 196 -54.18 25.13 74.81
C SER L 196 -53.60 24.81 76.18
N PHE L 197 -52.29 24.59 76.24
CA PHE L 197 -51.63 24.14 77.46
C PHE L 197 -51.75 25.15 78.62
N PRO L 198 -52.51 24.79 79.66
CA PRO L 198 -52.80 25.66 80.79
C PRO L 198 -51.61 25.98 81.68
N ARG L 199 -50.41 25.60 81.28
CA ARG L 199 -49.21 25.91 82.06
C ARG L 199 -48.13 26.52 81.17
N PRO L 200 -48.40 27.70 80.59
CA PRO L 200 -47.49 28.25 79.58
C PRO L 200 -46.19 28.78 80.17
N ARG L 201 -46.14 28.93 81.49
CA ARG L 201 -44.96 29.47 82.14
C ARG L 201 -43.90 28.38 82.36
N ALA L 202 -44.34 27.16 82.64
CA ALA L 202 -43.41 26.03 82.74
C ALA L 202 -42.76 25.80 81.39
N ILE L 203 -43.42 26.25 80.32
CA ILE L 203 -42.90 26.06 78.99
C ILE L 203 -41.62 26.81 78.75
N GLU L 204 -41.59 28.10 79.07
CA GLU L 204 -40.35 28.83 78.83
C GLU L 204 -39.54 28.92 80.12
N VAL L 205 -40.04 28.35 81.19
CA VAL L 205 -39.12 28.07 82.28
C VAL L 205 -38.22 26.97 81.73
N LEU L 206 -38.85 25.97 81.13
CA LEU L 206 -38.13 24.93 80.42
C LEU L 206 -37.21 25.51 79.33
N ALA L 207 -37.79 26.32 78.43
CA ALA L 207 -37.04 26.87 77.30
C ALA L 207 -35.88 27.77 77.74
N ASP L 208 -36.12 28.64 78.71
CA ASP L 208 -35.07 29.49 79.26
C ASP L 208 -33.96 28.61 79.83
N SER L 209 -34.34 27.56 80.53
CA SER L 209 -33.37 26.64 81.10
C SER L 209 -32.56 25.96 80.00
N ILE L 210 -33.19 25.71 78.85
CA ILE L 210 -32.52 25.07 77.73
C ILE L 210 -31.50 26.01 77.07
N ARG L 211 -31.90 27.27 76.90
CA ARG L 211 -31.04 28.25 76.27
C ARG L 211 -29.82 28.55 77.12
N LEU L 212 -30.02 28.66 78.43
CA LEU L 212 -28.92 28.96 79.35
C LEU L 212 -27.91 27.83 79.46
N CYS L 213 -28.18 26.70 78.81
CA CYS L 213 -27.25 25.56 78.83
C CYS L 213 -25.97 25.87 78.07
#